data_1PL6
#
_entry.id   1PL6
#
_cell.length_a   134.814
_cell.length_b   134.814
_cell.length_c   225.184
_cell.angle_alpha   90.00
_cell.angle_beta   90.00
_cell.angle_gamma   120.00
#
_symmetry.space_group_name_H-M   'P 62'
#
loop_
_entity.id
_entity.type
_entity.pdbx_description
1 polymer 'Sorbitol dehydrogenase'
2 non-polymer 'ZINC ION'
3 non-polymer NICOTINAMIDE-ADENINE-DINUCLEOTIDE
4 non-polymer 4-[2-(HYDROXYMETHYL)PYRIMIDIN-4-YL]-N,N-DIMETHYLPIPERAZINE-1-SULFONAMIDE
5 water water
#
_entity_poly.entity_id   1
_entity_poly.type   'polypeptide(L)'
_entity_poly.pdbx_seq_one_letter_code
;AAAAKPNNLSLVVHGPGDLRLENYPIPEPGPNEVLLR(MSE)HSVGICGSDVHYWEYGRIGNFIVKKP(MSE)VLGHEAS
GTVEKVGSSVKHLKPGDRVAIEPGAPRENDEFCK(MSE)GRYNLSPSIFFCATPPDDGNLCRFYKHNAAFCYKLPDNVTF
EEGALIEPLSVGIHACRRGGVTLGHKVLVCGAGPIG(MSE)VTLLVAKA(MSE)GAAQVVVTDLSATRLSKAKEIGADLV
LQISKESPQEIARKVEGQLGCKPEVTIECTGAEASIQAGIYATRSGGTLVLVGLGSE(MSE)TTVPLLHAAIREVDIKGV
FRYCNTWPVAIS(MSE)LASKSVNVKPLVTHRFPLEKALEAFETFKKGLGLKI(MSE)LKCDPSDQNP
;
_entity_poly.pdbx_strand_id   A,B,C,D
#
# COMPACT_ATOMS: atom_id res chain seq x y z
N ALA A 1 -37.46 -57.66 -2.53
CA ALA A 1 -37.68 -56.27 -3.03
C ALA A 1 -36.43 -55.78 -3.76
N ALA A 2 -36.63 -54.91 -4.74
CA ALA A 2 -35.51 -54.37 -5.53
C ALA A 2 -34.76 -53.28 -4.74
N ALA A 3 -33.55 -52.95 -5.21
CA ALA A 3 -32.75 -51.92 -4.56
C ALA A 3 -33.51 -50.58 -4.53
N ALA A 4 -33.20 -49.76 -3.54
CA ALA A 4 -33.85 -48.47 -3.44
C ALA A 4 -33.39 -47.62 -4.62
N LYS A 5 -34.30 -46.86 -5.22
CA LYS A 5 -33.98 -46.00 -6.35
C LYS A 5 -33.36 -44.70 -5.83
N PRO A 6 -32.61 -43.98 -6.68
CA PRO A 6 -32.04 -42.74 -6.17
C PRO A 6 -33.17 -41.72 -6.02
N ASN A 7 -32.91 -40.61 -5.33
CA ASN A 7 -33.93 -39.59 -5.16
C ASN A 7 -33.50 -38.31 -5.87
N ASN A 8 -34.43 -37.39 -6.03
CA ASN A 8 -34.10 -36.09 -6.63
C ASN A 8 -34.76 -34.99 -5.81
N LEU A 9 -34.36 -34.91 -4.53
CA LEU A 9 -34.87 -33.89 -3.62
C LEU A 9 -34.53 -32.56 -4.29
N SER A 10 -35.50 -31.66 -4.33
CA SER A 10 -35.34 -30.35 -4.99
C SER A 10 -35.84 -29.21 -4.14
N LEU A 11 -35.26 -28.02 -4.31
CA LEU A 11 -35.70 -26.84 -3.57
C LEU A 11 -36.65 -26.12 -4.51
N VAL A 12 -37.91 -26.02 -4.08
CA VAL A 12 -38.95 -25.44 -4.93
C VAL A 12 -39.71 -24.28 -4.33
N VAL A 13 -39.96 -23.25 -5.15
N VAL A 13 -39.96 -23.25 -5.15
CA VAL A 13 -40.75 -22.11 -4.69
CA VAL A 13 -40.74 -22.11 -4.68
C VAL A 13 -42.14 -22.28 -5.29
C VAL A 13 -42.13 -22.24 -5.29
N HIS A 14 -43.15 -22.28 -4.43
CA HIS A 14 -44.53 -22.43 -4.90
C HIS A 14 -45.19 -21.08 -5.03
N GLY A 15 -44.68 -20.11 -4.28
CA GLY A 15 -45.23 -18.77 -4.29
C GLY A 15 -44.53 -17.95 -3.24
N PRO A 16 -44.92 -16.68 -3.06
CA PRO A 16 -44.31 -15.80 -2.06
C PRO A 16 -44.24 -16.48 -0.69
N GLY A 17 -43.05 -16.52 -0.11
CA GLY A 17 -42.88 -17.12 1.19
C GLY A 17 -43.21 -18.60 1.29
N ASP A 18 -43.27 -19.30 0.16
CA ASP A 18 -43.58 -20.72 0.17
C ASP A 18 -42.47 -21.53 -0.50
N LEU A 19 -41.46 -21.88 0.29
CA LEU A 19 -40.29 -22.63 -0.19
C LEU A 19 -40.36 -24.06 0.35
N ARG A 20 -40.15 -25.05 -0.52
CA ARG A 20 -40.23 -26.44 -0.08
C ARG A 20 -39.15 -27.36 -0.64
N LEU A 21 -38.85 -28.40 0.12
CA LEU A 21 -37.91 -29.42 -0.32
C LEU A 21 -38.80 -30.58 -0.69
N GLU A 22 -38.78 -30.98 -1.96
CA GLU A 22 -39.62 -32.08 -2.41
C GLU A 22 -38.94 -32.93 -3.47
N ASN A 23 -39.41 -34.15 -3.62
CA ASN A 23 -38.79 -35.06 -4.58
C ASN A 23 -39.36 -34.92 -5.98
N TYR A 24 -38.48 -34.95 -6.97
CA TYR A 24 -38.85 -34.85 -8.37
C TYR A 24 -38.40 -36.12 -9.09
N PRO A 25 -38.97 -36.39 -10.27
CA PRO A 25 -38.55 -37.58 -11.03
C PRO A 25 -37.10 -37.36 -11.42
N ILE A 26 -36.40 -38.41 -11.78
CA ILE A 26 -35.02 -38.26 -12.21
C ILE A 26 -35.05 -38.06 -13.73
N PRO A 27 -34.51 -36.92 -14.20
CA PRO A 27 -34.49 -36.61 -15.63
C PRO A 27 -33.79 -37.66 -16.49
N GLU A 28 -34.25 -37.79 -17.73
CA GLU A 28 -33.65 -38.71 -18.70
C GLU A 28 -33.09 -37.79 -19.79
N PRO A 29 -31.77 -37.83 -20.00
CA PRO A 29 -31.14 -36.98 -21.02
C PRO A 29 -31.38 -37.36 -22.47
N GLY A 30 -31.67 -36.35 -23.29
CA GLY A 30 -31.88 -36.55 -24.71
C GLY A 30 -30.52 -36.77 -25.35
N PRO A 31 -30.46 -37.07 -26.67
CA PRO A 31 -29.22 -37.31 -27.42
C PRO A 31 -28.09 -36.31 -27.21
N ASN A 32 -28.45 -35.04 -27.04
CA ASN A 32 -27.44 -33.99 -26.86
C ASN A 32 -27.37 -33.40 -25.46
N GLU A 33 -27.90 -34.14 -24.50
CA GLU A 33 -27.90 -33.67 -23.12
C GLU A 33 -27.12 -34.63 -22.23
N VAL A 34 -26.79 -34.16 -21.03
CA VAL A 34 -26.11 -35.00 -20.05
C VAL A 34 -26.91 -34.92 -18.74
N LEU A 35 -26.89 -35.98 -17.96
CA LEU A 35 -27.57 -35.98 -16.68
C LEU A 35 -26.46 -35.70 -15.68
N LEU A 36 -26.66 -34.72 -14.81
CA LEU A 36 -25.65 -34.39 -13.83
C LEU A 36 -26.06 -34.66 -12.38
N ARG A 37 -25.11 -35.15 -11.61
CA ARG A 37 -25.31 -35.38 -10.18
C ARG A 37 -24.83 -34.05 -9.62
N HIS A 39 -23.58 -30.97 -7.42
CA HIS A 39 -22.63 -30.89 -6.32
C HIS A 39 -22.71 -29.60 -5.53
N SER A 40 -22.43 -28.47 -6.17
CA SER A 40 -22.44 -27.17 -5.51
C SER A 40 -23.27 -26.14 -6.29
N VAL A 41 -24.11 -25.42 -5.56
CA VAL A 41 -24.95 -24.39 -6.13
C VAL A 41 -24.92 -23.16 -5.23
N GLY A 42 -24.53 -22.03 -5.80
CA GLY A 42 -24.47 -20.79 -5.04
C GLY A 42 -25.85 -20.14 -5.02
N ILE A 43 -26.16 -19.43 -3.94
CA ILE A 43 -27.46 -18.76 -3.84
C ILE A 43 -27.30 -17.35 -4.40
N CYS A 44 -28.18 -16.99 -5.30
CA CYS A 44 -28.16 -15.67 -5.93
C CYS A 44 -29.34 -14.87 -5.41
N GLY A 45 -29.16 -13.56 -5.31
CA GLY A 45 -30.24 -12.70 -4.84
C GLY A 45 -31.53 -12.92 -5.60
N SER A 46 -31.44 -13.28 -6.87
N SER A 46 -31.44 -13.28 -6.87
CA SER A 46 -32.64 -13.51 -7.68
CA SER A 46 -32.64 -13.52 -7.65
C SER A 46 -33.43 -14.74 -7.22
C SER A 46 -33.44 -14.73 -7.17
N ASP A 47 -32.74 -15.80 -6.82
CA ASP A 47 -33.44 -17.01 -6.33
C ASP A 47 -34.21 -16.58 -5.08
N VAL A 48 -33.55 -15.79 -4.24
CA VAL A 48 -34.15 -15.31 -3.01
C VAL A 48 -35.35 -14.43 -3.28
N HIS A 49 -35.24 -13.61 -4.32
CA HIS A 49 -36.34 -12.71 -4.67
C HIS A 49 -37.57 -13.50 -5.11
N TYR A 50 -37.41 -14.56 -5.89
CA TYR A 50 -38.59 -15.33 -6.28
C TYR A 50 -39.28 -15.92 -5.06
N TRP A 51 -38.47 -16.34 -4.09
CA TRP A 51 -39.00 -16.91 -2.85
C TRP A 51 -39.81 -15.86 -2.09
N GLU A 52 -39.24 -14.67 -1.96
CA GLU A 52 -39.90 -13.60 -1.24
C GLU A 52 -41.09 -12.98 -1.96
N TYR A 53 -40.94 -12.69 -3.24
CA TYR A 53 -42.02 -12.04 -3.98
C TYR A 53 -42.75 -12.89 -5.00
N GLY A 54 -42.23 -14.06 -5.33
CA GLY A 54 -42.88 -14.91 -6.30
C GLY A 54 -42.72 -14.42 -7.72
N ARG A 55 -41.86 -13.41 -7.90
CA ARG A 55 -41.63 -12.85 -9.22
C ARG A 55 -40.51 -11.82 -9.25
N ILE A 56 -40.11 -11.45 -10.45
CA ILE A 56 -39.14 -10.39 -10.67
C ILE A 56 -39.68 -9.74 -11.92
N GLY A 57 -40.14 -8.50 -11.78
CA GLY A 57 -40.72 -7.82 -12.93
C GLY A 57 -41.89 -8.66 -13.43
N ASN A 58 -41.93 -8.90 -14.73
CA ASN A 58 -43.00 -9.68 -15.33
C ASN A 58 -42.69 -11.18 -15.37
N PHE A 59 -41.62 -11.59 -14.71
CA PHE A 59 -41.29 -13.02 -14.67
C PHE A 59 -41.91 -13.53 -13.38
N ILE A 60 -43.06 -14.15 -13.53
CA ILE A 60 -43.82 -14.65 -12.41
C ILE A 60 -43.82 -16.16 -12.30
N VAL A 61 -43.69 -16.63 -11.06
CA VAL A 61 -43.72 -18.05 -10.79
C VAL A 61 -45.22 -18.38 -10.81
N LYS A 62 -45.69 -18.97 -11.91
CA LYS A 62 -47.10 -19.29 -12.05
C LYS A 62 -47.36 -20.74 -11.65
N LYS A 63 -46.30 -21.54 -11.63
CA LYS A 63 -46.38 -22.93 -11.23
C LYS A 63 -45.08 -23.16 -10.44
N PRO A 64 -45.07 -24.14 -9.52
CA PRO A 64 -43.86 -24.40 -8.72
C PRO A 64 -42.60 -24.49 -9.57
N VAL A 66 -38.24 -24.98 -9.52
CA VAL A 66 -37.03 -25.37 -8.80
C VAL A 66 -36.08 -24.18 -8.92
N LEU A 67 -35.45 -23.81 -7.81
CA LEU A 67 -34.53 -22.67 -7.79
C LEU A 67 -33.10 -23.12 -8.13
N GLY A 68 -32.18 -22.15 -8.18
CA GLY A 68 -30.79 -22.47 -8.43
C GLY A 68 -30.30 -22.32 -9.86
N HIS A 69 -29.19 -21.59 -10.03
CA HIS A 69 -28.64 -21.42 -11.37
C HIS A 69 -27.12 -21.19 -11.43
N GLU A 70 -26.46 -21.08 -10.28
CA GLU A 70 -24.99 -20.89 -10.24
C GLU A 70 -24.45 -22.25 -9.78
N ALA A 71 -24.14 -23.15 -10.71
CA ALA A 71 -23.74 -24.49 -10.30
C ALA A 71 -22.70 -25.30 -11.05
N SER A 72 -22.30 -26.38 -10.38
CA SER A 72 -21.37 -27.35 -10.91
C SER A 72 -21.85 -28.72 -10.43
N GLY A 73 -21.35 -29.77 -11.09
CA GLY A 73 -21.74 -31.11 -10.71
C GLY A 73 -20.88 -32.14 -11.43
N THR A 74 -21.32 -33.40 -11.37
CA THR A 74 -20.61 -34.51 -11.98
C THR A 74 -21.50 -35.19 -13.00
N VAL A 75 -20.94 -35.46 -14.17
CA VAL A 75 -21.71 -36.12 -15.21
C VAL A 75 -22.05 -37.53 -14.73
N GLU A 76 -23.35 -37.82 -14.71
CA GLU A 76 -23.84 -39.11 -14.28
C GLU A 76 -24.07 -40.00 -15.51
N LYS A 77 -24.69 -39.43 -16.54
CA LYS A 77 -24.98 -40.17 -17.76
C LYS A 77 -25.01 -39.20 -18.95
N VAL A 78 -24.63 -39.68 -20.14
CA VAL A 78 -24.64 -38.81 -21.33
C VAL A 78 -25.58 -39.33 -22.42
N GLY A 79 -26.12 -38.41 -23.21
CA GLY A 79 -27.00 -38.79 -24.31
C GLY A 79 -26.19 -39.43 -25.43
N SER A 80 -26.88 -40.17 -26.30
CA SER A 80 -26.22 -40.86 -27.41
C SER A 80 -25.35 -40.05 -28.36
N SER A 81 -25.59 -38.74 -28.47
CA SER A 81 -24.77 -37.93 -29.37
C SER A 81 -23.61 -37.22 -28.67
N VAL A 82 -23.54 -37.31 -27.35
CA VAL A 82 -22.49 -36.63 -26.59
C VAL A 82 -21.13 -37.32 -26.66
N LYS A 83 -20.12 -36.58 -27.10
CA LYS A 83 -18.77 -37.17 -27.22
C LYS A 83 -17.71 -36.43 -26.41
N HIS A 84 -17.97 -35.18 -26.05
CA HIS A 84 -16.97 -34.42 -25.31
C HIS A 84 -17.02 -34.56 -23.78
N LEU A 85 -18.02 -35.27 -23.28
CA LEU A 85 -18.16 -35.48 -21.84
C LEU A 85 -18.45 -36.96 -21.60
N LYS A 86 -18.07 -37.46 -20.43
CA LYS A 86 -18.31 -38.86 -20.09
C LYS A 86 -18.67 -38.96 -18.59
N PRO A 87 -19.32 -40.07 -18.20
CA PRO A 87 -19.69 -40.23 -16.78
C PRO A 87 -18.46 -40.01 -15.92
N GLY A 88 -18.62 -39.31 -14.80
CA GLY A 88 -17.50 -39.06 -13.92
C GLY A 88 -16.86 -37.69 -14.12
N ASP A 89 -17.13 -37.04 -15.24
CA ASP A 89 -16.52 -35.72 -15.49
C ASP A 89 -17.11 -34.66 -14.56
N ARG A 90 -16.24 -33.84 -13.99
CA ARG A 90 -16.67 -32.75 -13.12
C ARG A 90 -16.90 -31.59 -14.08
N VAL A 91 -18.08 -30.97 -14.01
CA VAL A 91 -18.40 -29.87 -14.92
C VAL A 91 -19.03 -28.64 -14.28
N ALA A 92 -18.81 -27.49 -14.92
CA ALA A 92 -19.41 -26.24 -14.49
C ALA A 92 -20.58 -26.10 -15.47
N ILE A 93 -21.73 -25.66 -14.98
CA ILE A 93 -22.94 -25.54 -15.80
C ILE A 93 -23.27 -24.11 -16.20
N GLU A 94 -23.32 -23.83 -17.50
CA GLU A 94 -23.72 -22.49 -17.98
C GLU A 94 -25.25 -22.62 -18.08
N PRO A 95 -25.99 -21.91 -17.21
CA PRO A 95 -27.46 -21.95 -17.15
C PRO A 95 -28.33 -21.52 -18.34
N GLY A 96 -27.81 -20.66 -19.21
CA GLY A 96 -28.61 -20.23 -20.34
C GLY A 96 -28.24 -21.02 -21.58
N ALA A 97 -29.17 -21.84 -22.06
CA ALA A 97 -28.96 -22.66 -23.24
C ALA A 97 -30.03 -22.32 -24.29
N PRO A 98 -29.61 -21.80 -25.45
CA PRO A 98 -30.56 -21.44 -26.51
C PRO A 98 -31.38 -22.64 -26.97
N ARG A 99 -32.66 -22.42 -27.27
CA ARG A 99 -33.51 -23.48 -27.77
C ARG A 99 -33.47 -23.53 -29.32
N GLU A 100 -33.12 -22.42 -29.95
CA GLU A 100 -33.03 -22.41 -31.40
C GLU A 100 -31.88 -21.56 -31.92
N ASN A 101 -31.33 -21.97 -33.05
CA ASN A 101 -30.21 -21.26 -33.64
C ASN A 101 -30.74 -20.06 -34.42
N ASP A 102 -31.19 -19.04 -33.69
CA ASP A 102 -31.71 -17.83 -34.31
C ASP A 102 -30.57 -16.88 -34.67
N GLU A 103 -30.89 -15.69 -35.15
CA GLU A 103 -29.84 -14.77 -35.56
C GLU A 103 -28.93 -14.32 -34.41
N PHE A 104 -29.47 -14.27 -33.20
CA PHE A 104 -28.65 -13.88 -32.05
C PHE A 104 -27.58 -14.92 -31.79
N CYS A 105 -27.94 -16.20 -31.90
CA CYS A 105 -26.97 -17.26 -31.69
C CYS A 105 -25.96 -17.27 -32.82
N LYS A 106 -26.42 -17.15 -34.06
CA LYS A 106 -25.51 -17.17 -35.19
C LYS A 106 -24.49 -16.03 -35.15
N GLY A 108 -23.24 -14.69 -32.50
CA GLY A 108 -22.35 -14.77 -31.35
C GLY A 108 -22.89 -14.17 -30.06
N ARG A 109 -24.14 -13.73 -30.07
CA ARG A 109 -24.74 -13.13 -28.88
C ARG A 109 -25.94 -13.96 -28.46
N TYR A 110 -25.72 -15.25 -28.23
CA TYR A 110 -26.82 -16.14 -27.86
C TYR A 110 -27.54 -15.71 -26.58
N ASN A 111 -26.91 -14.91 -25.73
CA ASN A 111 -27.58 -14.47 -24.50
C ASN A 111 -28.84 -13.66 -24.79
N LEU A 112 -28.92 -13.09 -26.00
CA LEU A 112 -30.07 -12.28 -26.36
C LEU A 112 -31.15 -13.09 -27.11
N SER A 113 -30.93 -14.39 -27.29
CA SER A 113 -31.92 -15.22 -27.98
C SER A 113 -33.20 -15.21 -27.15
N PRO A 114 -34.30 -14.71 -27.74
CA PRO A 114 -35.61 -14.61 -27.06
C PRO A 114 -36.13 -15.90 -26.42
N SER A 115 -35.92 -17.02 -27.09
CA SER A 115 -36.43 -18.29 -26.59
C SER A 115 -35.42 -19.08 -25.75
N ILE A 116 -34.38 -18.41 -25.26
CA ILE A 116 -33.37 -19.11 -24.49
C ILE A 116 -33.92 -19.74 -23.21
N PHE A 117 -33.38 -20.91 -22.85
CA PHE A 117 -33.76 -21.58 -21.62
C PHE A 117 -32.79 -21.06 -20.57
N PHE A 118 -33.29 -20.73 -19.38
CA PHE A 118 -32.39 -20.25 -18.33
C PHE A 118 -32.80 -20.75 -16.95
N CYS A 119 -31.94 -21.55 -16.33
CA CYS A 119 -32.22 -22.09 -15.01
C CYS A 119 -32.80 -21.12 -14.00
N ALA A 120 -33.93 -21.51 -13.41
CA ALA A 120 -34.57 -20.73 -12.36
C ALA A 120 -35.14 -19.36 -12.69
N THR A 121 -35.41 -19.11 -13.96
CA THR A 121 -36.08 -17.87 -14.36
C THR A 121 -37.39 -18.48 -14.89
N PRO A 122 -38.52 -18.22 -14.22
CA PRO A 122 -39.80 -18.80 -14.70
C PRO A 122 -40.01 -18.69 -16.20
N PRO A 123 -40.54 -19.75 -16.83
CA PRO A 123 -40.95 -21.03 -16.25
C PRO A 123 -39.90 -22.15 -16.28
N ASP A 124 -38.62 -21.81 -16.36
CA ASP A 124 -37.59 -22.84 -16.43
C ASP A 124 -37.04 -23.28 -15.06
N ASP A 125 -37.15 -24.57 -14.77
CA ASP A 125 -36.67 -25.09 -13.49
C ASP A 125 -35.14 -25.01 -13.35
N GLY A 126 -34.72 -24.64 -12.15
CA GLY A 126 -33.30 -24.52 -11.85
C GLY A 126 -32.63 -25.82 -11.47
N ASN A 127 -31.43 -25.73 -10.92
CA ASN A 127 -30.70 -26.92 -10.58
C ASN A 127 -30.34 -27.21 -9.12
N LEU A 128 -31.11 -26.66 -8.18
CA LEU A 128 -30.88 -26.96 -6.76
C LEU A 128 -31.62 -28.26 -6.49
N CYS A 129 -30.97 -29.36 -6.79
CA CYS A 129 -31.57 -30.69 -6.66
C CYS A 129 -30.46 -31.72 -6.74
N ARG A 130 -30.81 -33.00 -6.76
CA ARG A 130 -29.81 -34.06 -6.85
C ARG A 130 -29.34 -34.33 -8.29
N PHE A 131 -30.32 -34.46 -9.18
CA PHE A 131 -30.05 -34.77 -10.58
C PHE A 131 -30.75 -33.78 -11.49
N TYR A 132 -30.00 -33.31 -12.47
CA TYR A 132 -30.47 -32.28 -13.39
C TYR A 132 -29.88 -32.54 -14.78
N LYS A 133 -30.68 -32.42 -15.83
CA LYS A 133 -30.16 -32.64 -17.17
C LYS A 133 -30.00 -31.28 -17.87
N HIS A 134 -29.04 -31.19 -18.78
CA HIS A 134 -28.76 -29.92 -19.43
C HIS A 134 -28.10 -30.15 -20.79
N ASN A 135 -28.27 -29.20 -21.70
CA ASN A 135 -27.65 -29.31 -23.01
C ASN A 135 -26.15 -29.50 -22.82
N ALA A 136 -25.60 -30.52 -23.46
CA ALA A 136 -24.18 -30.85 -23.33
C ALA A 136 -23.19 -29.77 -23.78
N ALA A 137 -23.60 -28.92 -24.72
CA ALA A 137 -22.69 -27.88 -25.17
C ALA A 137 -22.50 -26.83 -24.07
N PHE A 138 -23.38 -26.84 -23.07
CA PHE A 138 -23.28 -25.88 -22.00
C PHE A 138 -22.83 -26.41 -20.63
N CYS A 139 -22.16 -27.55 -20.66
CA CYS A 139 -21.56 -28.15 -19.47
C CYS A 139 -20.09 -28.21 -19.86
N TYR A 140 -19.24 -27.57 -19.05
CA TYR A 140 -17.81 -27.52 -19.34
C TYR A 140 -16.99 -28.28 -18.32
N LYS A 141 -16.11 -29.13 -18.81
CA LYS A 141 -15.26 -29.93 -17.94
C LYS A 141 -14.33 -29.06 -17.11
N LEU A 142 -14.25 -29.36 -15.82
CA LEU A 142 -13.38 -28.63 -14.93
C LEU A 142 -12.03 -29.33 -14.81
N PRO A 143 -10.94 -28.55 -14.79
CA PRO A 143 -9.60 -29.13 -14.66
C PRO A 143 -9.55 -29.67 -13.23
N ASP A 144 -8.64 -30.59 -12.96
CA ASP A 144 -8.53 -31.17 -11.63
C ASP A 144 -8.18 -30.16 -10.54
N ASN A 145 -7.46 -29.10 -10.90
CA ASN A 145 -7.06 -28.11 -9.90
C ASN A 145 -8.10 -27.00 -9.71
N VAL A 146 -9.33 -27.23 -10.16
CA VAL A 146 -10.40 -26.25 -9.96
C VAL A 146 -11.52 -26.94 -9.19
N THR A 147 -11.90 -26.39 -8.03
CA THR A 147 -12.94 -27.00 -7.21
C THR A 147 -14.35 -26.85 -7.72
N PHE A 148 -15.26 -27.63 -7.14
CA PHE A 148 -16.66 -27.55 -7.53
C PHE A 148 -17.22 -26.17 -7.19
N GLU A 149 -16.85 -25.61 -6.03
CA GLU A 149 -17.36 -24.29 -5.65
C GLU A 149 -16.85 -23.21 -6.59
N GLU A 150 -15.60 -23.32 -7.03
CA GLU A 150 -15.07 -22.36 -7.99
C GLU A 150 -15.88 -22.55 -9.28
N GLY A 151 -16.22 -23.80 -9.61
CA GLY A 151 -17.02 -24.07 -10.79
C GLY A 151 -18.38 -23.39 -10.74
N ALA A 152 -18.98 -23.39 -9.55
CA ALA A 152 -20.28 -22.75 -9.34
C ALA A 152 -20.13 -21.22 -9.38
N LEU A 153 -19.01 -20.72 -8.90
CA LEU A 153 -18.74 -19.29 -8.90
C LEU A 153 -18.48 -18.72 -10.31
N ILE A 154 -18.29 -19.58 -11.31
CA ILE A 154 -18.07 -19.11 -12.68
C ILE A 154 -19.31 -18.34 -13.16
N GLU A 155 -20.48 -18.75 -12.71
CA GLU A 155 -21.72 -18.08 -13.14
C GLU A 155 -21.70 -16.59 -12.76
N PRO A 156 -21.54 -16.25 -11.46
CA PRO A 156 -21.53 -14.81 -11.17
C PRO A 156 -20.28 -14.14 -11.74
N LEU A 157 -19.16 -14.86 -11.77
CA LEU A 157 -17.93 -14.30 -12.31
C LEU A 157 -18.12 -13.90 -13.78
N SER A 158 -18.90 -14.71 -14.51
CA SER A 158 -19.17 -14.46 -15.92
C SER A 158 -19.94 -13.16 -16.13
N VAL A 159 -20.73 -12.76 -15.14
CA VAL A 159 -21.44 -11.50 -15.24
C VAL A 159 -20.37 -10.40 -15.23
N GLY A 160 -19.38 -10.55 -14.36
CA GLY A 160 -18.30 -9.59 -14.27
C GLY A 160 -17.46 -9.59 -15.55
N ILE A 161 -17.21 -10.78 -16.09
CA ILE A 161 -16.42 -10.86 -17.33
C ILE A 161 -17.17 -10.16 -18.46
N HIS A 162 -18.44 -10.49 -18.62
CA HIS A 162 -19.24 -9.87 -19.67
C HIS A 162 -19.33 -8.36 -19.48
N ALA A 163 -19.52 -7.93 -18.24
CA ALA A 163 -19.61 -6.49 -17.96
C ALA A 163 -18.32 -5.77 -18.31
N CYS A 164 -17.18 -6.35 -17.94
CA CYS A 164 -15.91 -5.71 -18.26
C CYS A 164 -15.64 -5.67 -19.76
N ARG A 165 -16.03 -6.73 -20.47
CA ARG A 165 -15.87 -6.77 -21.92
C ARG A 165 -16.73 -5.69 -22.57
N ARG A 166 -17.98 -5.60 -22.13
CA ARG A 166 -18.90 -4.61 -22.67
C ARG A 166 -18.41 -3.19 -22.37
N GLY A 167 -17.67 -3.05 -21.27
CA GLY A 167 -17.13 -1.74 -20.90
C GLY A 167 -15.81 -1.41 -21.58
N GLY A 168 -15.17 -2.42 -22.18
CA GLY A 168 -13.90 -2.17 -22.85
C GLY A 168 -12.75 -2.05 -21.85
N VAL A 169 -12.92 -2.62 -20.67
CA VAL A 169 -11.87 -2.54 -19.66
C VAL A 169 -10.59 -3.17 -20.17
N THR A 170 -9.48 -2.46 -20.03
CA THR A 170 -8.24 -3.03 -20.50
C THR A 170 -7.02 -2.48 -19.74
N LEU A 171 -5.83 -2.86 -20.18
CA LEU A 171 -4.59 -2.47 -19.54
C LEU A 171 -4.44 -0.99 -19.14
N GLY A 172 -4.14 -0.74 -17.87
CA GLY A 172 -3.94 0.62 -17.41
C GLY A 172 -5.16 1.45 -17.07
N HIS A 173 -6.35 0.92 -17.34
CA HIS A 173 -7.58 1.66 -17.05
C HIS A 173 -7.83 1.97 -15.58
N LYS A 174 -8.56 3.05 -15.35
CA LYS A 174 -8.99 3.44 -14.01
C LYS A 174 -10.48 3.10 -14.12
N VAL A 175 -10.96 2.22 -13.24
CA VAL A 175 -12.35 1.78 -13.30
C VAL A 175 -13.14 2.06 -12.02
N LEU A 176 -14.38 2.51 -12.19
CA LEU A 176 -15.26 2.75 -11.04
C LEU A 176 -16.31 1.64 -11.04
N VAL A 177 -16.42 0.94 -9.91
CA VAL A 177 -17.43 -0.11 -9.76
C VAL A 177 -18.39 0.39 -8.68
N CYS A 178 -19.65 0.58 -9.05
CA CYS A 178 -20.66 1.05 -8.10
C CYS A 178 -21.35 -0.16 -7.49
N GLY A 179 -21.16 -0.35 -6.19
CA GLY A 179 -21.78 -1.50 -5.54
C GLY A 179 -20.76 -2.57 -5.20
N ALA A 180 -20.83 -3.06 -3.96
CA ALA A 180 -19.90 -4.08 -3.52
C ALA A 180 -20.61 -5.37 -3.11
N GLY A 181 -21.71 -5.68 -3.82
CA GLY A 181 -22.42 -6.91 -3.59
C GLY A 181 -21.59 -7.93 -4.35
N PRO A 182 -21.99 -9.21 -4.39
CA PRO A 182 -21.18 -10.18 -5.13
C PRO A 182 -20.89 -9.81 -6.57
N ILE A 183 -21.82 -9.12 -7.22
CA ILE A 183 -21.63 -8.73 -8.62
C ILE A 183 -20.55 -7.66 -8.72
N GLY A 184 -20.61 -6.66 -7.84
CA GLY A 184 -19.57 -5.64 -7.87
C GLY A 184 -18.22 -6.29 -7.56
N VAL A 186 -17.12 -9.54 -8.10
CA VAL A 186 -16.53 -10.32 -9.19
C VAL A 186 -16.11 -9.34 -10.30
N THR A 187 -16.83 -8.24 -10.44
CA THR A 187 -16.48 -7.25 -11.46
C THR A 187 -15.11 -6.65 -11.11
N LEU A 188 -14.91 -6.34 -9.82
CA LEU A 188 -13.63 -5.83 -9.33
C LEU A 188 -12.52 -6.85 -9.62
N LEU A 189 -12.78 -8.12 -9.33
CA LEU A 189 -11.79 -9.18 -9.57
C LEU A 189 -11.40 -9.29 -11.04
N VAL A 190 -12.42 -9.22 -11.90
CA VAL A 190 -12.19 -9.31 -13.34
C VAL A 190 -11.45 -8.08 -13.85
N ALA A 191 -11.85 -6.89 -13.41
CA ALA A 191 -11.20 -5.68 -13.87
C ALA A 191 -9.72 -5.74 -13.57
N LYS A 192 -9.36 -6.18 -12.36
CA LYS A 192 -7.94 -6.26 -12.00
C LYS A 192 -7.19 -7.32 -12.80
N ALA A 193 -7.83 -8.46 -13.03
CA ALA A 193 -7.20 -9.52 -13.81
C ALA A 193 -6.97 -9.09 -15.26
N GLY A 195 -6.05 -6.13 -16.15
CA GLY A 195 -5.01 -5.12 -16.23
C GLY A 195 -5.37 -3.71 -15.77
N ALA A 196 -6.53 -3.54 -15.13
CA ALA A 196 -6.89 -2.20 -14.67
C ALA A 196 -5.84 -1.76 -13.64
N ALA A 197 -5.36 -0.52 -13.76
CA ALA A 197 -4.36 0.05 -12.86
C ALA A 197 -4.93 0.35 -11.49
N GLN A 198 -6.14 0.89 -11.49
CA GLN A 198 -6.81 1.23 -10.25
C GLN A 198 -8.30 0.96 -10.39
N VAL A 199 -8.87 0.37 -9.35
CA VAL A 199 -10.30 0.13 -9.32
C VAL A 199 -10.84 0.75 -8.04
N VAL A 200 -11.83 1.62 -8.18
CA VAL A 200 -12.48 2.29 -7.06
C VAL A 200 -13.84 1.62 -6.91
N VAL A 201 -14.21 1.28 -5.68
CA VAL A 201 -15.50 0.64 -5.43
C VAL A 201 -16.32 1.45 -4.44
N THR A 202 -17.62 1.60 -4.71
CA THR A 202 -18.50 2.35 -3.82
C THR A 202 -19.57 1.41 -3.27
N ASP A 203 -20.12 1.75 -2.11
CA ASP A 203 -21.19 0.96 -1.51
C ASP A 203 -21.70 1.69 -0.27
N LEU A 204 -22.89 1.33 0.18
CA LEU A 204 -23.46 1.95 1.37
C LEU A 204 -22.85 1.33 2.62
N SER A 205 -22.36 0.10 2.47
CA SER A 205 -21.79 -0.65 3.60
C SER A 205 -20.28 -0.64 3.77
N ALA A 206 -19.82 -0.22 4.96
CA ALA A 206 -18.40 -0.18 5.26
C ALA A 206 -17.82 -1.58 5.27
N THR A 207 -18.60 -2.52 5.78
CA THR A 207 -18.18 -3.93 5.85
C THR A 207 -17.91 -4.50 4.47
N ARG A 208 -18.84 -4.27 3.55
CA ARG A 208 -18.66 -4.77 2.19
C ARG A 208 -17.44 -4.12 1.55
N LEU A 209 -17.22 -2.84 1.84
CA LEU A 209 -16.06 -2.15 1.26
C LEU A 209 -14.78 -2.71 1.85
N SER A 210 -14.82 -3.06 3.14
CA SER A 210 -13.63 -3.63 3.78
C SER A 210 -13.26 -4.95 3.06
N LYS A 211 -14.28 -5.72 2.71
CA LYS A 211 -14.08 -6.98 2.00
C LYS A 211 -13.52 -6.67 0.61
N ALA A 212 -14.06 -5.64 -0.05
CA ALA A 212 -13.56 -5.25 -1.37
C ALA A 212 -12.07 -4.96 -1.31
N LYS A 213 -11.64 -4.25 -0.27
CA LYS A 213 -10.23 -3.92 -0.09
C LYS A 213 -9.40 -5.20 0.03
N GLU A 214 -9.91 -6.15 0.79
CA GLU A 214 -9.20 -7.40 0.98
C GLU A 214 -8.92 -8.14 -0.30
N ILE A 215 -9.86 -8.10 -1.24
CA ILE A 215 -9.67 -8.82 -2.49
C ILE A 215 -9.09 -8.03 -3.66
N GLY A 216 -8.63 -6.81 -3.41
CA GLY A 216 -8.02 -6.04 -4.49
C GLY A 216 -8.44 -4.61 -4.80
N ALA A 217 -9.52 -4.13 -4.21
CA ALA A 217 -9.95 -2.75 -4.49
C ALA A 217 -8.83 -1.79 -4.08
N ASP A 218 -8.47 -0.89 -4.98
CA ASP A 218 -7.41 0.06 -4.67
C ASP A 218 -7.92 1.22 -3.84
N LEU A 219 -9.18 1.57 -4.08
CA LEU A 219 -9.81 2.68 -3.37
C LEU A 219 -11.28 2.32 -3.14
N VAL A 220 -11.86 2.82 -2.05
CA VAL A 220 -13.26 2.56 -1.78
C VAL A 220 -13.88 3.85 -1.28
N LEU A 221 -15.18 4.01 -1.53
CA LEU A 221 -15.89 5.20 -1.07
C LEU A 221 -17.21 4.77 -0.46
N GLN A 222 -17.39 5.10 0.82
CA GLN A 222 -18.65 4.74 1.47
C GLN A 222 -19.67 5.82 1.13
N ILE A 223 -20.82 5.40 0.64
CA ILE A 223 -21.88 6.31 0.25
C ILE A 223 -22.93 6.50 1.33
N SER A 224 -23.29 7.77 1.55
CA SER A 224 -24.32 8.09 2.52
C SER A 224 -25.40 8.87 1.76
N LYS A 225 -25.47 10.18 1.94
CA LYS A 225 -26.50 10.95 1.25
C LYS A 225 -25.96 12.01 0.28
N GLU A 226 -24.73 11.81 -0.20
CA GLU A 226 -24.13 12.76 -1.13
C GLU A 226 -24.88 12.76 -2.45
N SER A 227 -24.75 13.85 -3.20
CA SER A 227 -25.41 13.93 -4.50
C SER A 227 -24.56 13.19 -5.53
N PRO A 228 -25.16 12.85 -6.69
CA PRO A 228 -24.43 12.15 -7.74
C PRO A 228 -23.21 12.98 -8.18
N GLN A 229 -23.37 14.29 -8.30
CA GLN A 229 -22.25 15.14 -8.71
C GLN A 229 -21.16 15.08 -7.64
N GLU A 230 -21.56 15.07 -6.38
CA GLU A 230 -20.60 15.02 -5.28
C GLU A 230 -19.82 13.70 -5.31
N ILE A 231 -20.51 12.60 -5.54
CA ILE A 231 -19.83 11.32 -5.62
C ILE A 231 -18.84 11.33 -6.78
N ALA A 232 -19.26 11.88 -7.92
CA ALA A 232 -18.37 11.95 -9.08
C ALA A 232 -17.13 12.75 -8.73
N ARG A 233 -17.31 13.85 -8.01
CA ARG A 233 -16.17 14.68 -7.63
C ARG A 233 -15.21 13.91 -6.72
N LYS A 234 -15.75 13.21 -5.73
CA LYS A 234 -14.92 12.45 -4.80
C LYS A 234 -14.13 11.35 -5.51
N VAL A 235 -14.78 10.66 -6.45
CA VAL A 235 -14.11 9.59 -7.20
C VAL A 235 -12.94 10.20 -7.95
N GLU A 236 -13.20 11.28 -8.68
CA GLU A 236 -12.16 11.94 -9.45
C GLU A 236 -11.06 12.43 -8.50
N GLY A 237 -11.46 12.88 -7.32
CA GLY A 237 -10.49 13.35 -6.36
C GLY A 237 -9.57 12.23 -5.91
N GLN A 238 -10.10 11.01 -5.77
CA GLN A 238 -9.27 9.88 -5.34
C GLN A 238 -8.31 9.42 -6.43
N LEU A 239 -8.83 9.34 -7.65
CA LEU A 239 -8.05 8.88 -8.80
C LEU A 239 -7.11 9.92 -9.40
N GLY A 240 -7.43 11.19 -9.22
CA GLY A 240 -6.61 12.22 -9.81
C GLY A 240 -7.01 12.38 -11.28
N CYS A 241 -8.10 11.74 -11.65
CA CYS A 241 -8.62 11.79 -13.03
C CYS A 241 -9.98 11.10 -13.03
N LYS A 242 -10.69 11.17 -14.15
CA LYS A 242 -11.99 10.51 -14.25
C LYS A 242 -11.74 9.08 -14.75
N PRO A 243 -12.51 8.11 -14.23
CA PRO A 243 -12.32 6.72 -14.67
C PRO A 243 -12.81 6.53 -16.11
N GLU A 244 -12.08 5.76 -16.90
CA GLU A 244 -12.46 5.51 -18.30
C GLU A 244 -13.71 4.63 -18.40
N VAL A 245 -13.92 3.78 -17.39
CA VAL A 245 -15.07 2.88 -17.37
C VAL A 245 -15.74 2.84 -15.99
N THR A 246 -17.07 2.84 -15.99
CA THR A 246 -17.80 2.73 -14.75
C THR A 246 -18.74 1.55 -14.95
N ILE A 247 -18.77 0.65 -13.97
CA ILE A 247 -19.64 -0.51 -14.04
C ILE A 247 -20.59 -0.37 -12.86
N GLU A 248 -21.86 -0.12 -13.20
CA GLU A 248 -22.92 0.12 -12.24
C GLU A 248 -23.57 -1.18 -11.80
N CYS A 249 -23.30 -1.58 -10.55
CA CYS A 249 -23.84 -2.83 -10.03
C CYS A 249 -24.78 -2.67 -8.86
N THR A 250 -25.59 -1.60 -8.84
CA THR A 250 -26.54 -1.38 -7.75
C THR A 250 -27.95 -1.25 -8.29
N GLY A 251 -28.09 -0.68 -9.48
CA GLY A 251 -29.41 -0.49 -10.05
C GLY A 251 -30.07 0.76 -9.48
N ALA A 252 -29.40 1.47 -8.57
CA ALA A 252 -29.98 2.68 -7.97
C ALA A 252 -29.82 3.90 -8.88
N GLU A 253 -30.91 4.62 -9.08
CA GLU A 253 -30.90 5.81 -9.94
C GLU A 253 -29.79 6.81 -9.61
N ALA A 254 -29.61 7.12 -8.33
CA ALA A 254 -28.56 8.07 -7.95
C ALA A 254 -27.18 7.57 -8.35
N SER A 255 -26.98 6.25 -8.30
CA SER A 255 -25.69 5.70 -8.67
C SER A 255 -25.45 5.78 -10.18
N ILE A 256 -26.50 5.53 -10.95
CA ILE A 256 -26.41 5.64 -12.40
C ILE A 256 -26.07 7.09 -12.74
N GLN A 257 -26.74 8.05 -12.09
CA GLN A 257 -26.45 9.45 -12.34
C GLN A 257 -25.00 9.76 -12.00
N ALA A 258 -24.52 9.23 -10.88
CA ALA A 258 -23.15 9.47 -10.47
C ALA A 258 -22.20 8.91 -11.52
N GLY A 259 -22.53 7.76 -12.08
CA GLY A 259 -21.67 7.17 -13.10
C GLY A 259 -21.57 8.03 -14.35
N ILE A 260 -22.67 8.70 -14.68
CA ILE A 260 -22.65 9.56 -15.86
C ILE A 260 -21.72 10.73 -15.58
N TYR A 261 -21.87 11.34 -14.40
CA TYR A 261 -21.02 12.48 -14.05
C TYR A 261 -19.54 12.09 -13.86
N ALA A 262 -19.29 10.88 -13.39
CA ALA A 262 -17.92 10.46 -13.10
C ALA A 262 -17.08 9.98 -14.27
N THR A 263 -17.71 9.35 -15.24
CA THR A 263 -16.97 8.77 -16.36
C THR A 263 -16.32 9.76 -17.31
N ARG A 264 -15.08 9.44 -17.67
CA ARG A 264 -14.29 10.26 -18.56
C ARG A 264 -14.93 10.34 -19.95
N SER A 265 -14.88 11.52 -20.57
CA SER A 265 -15.46 11.71 -21.90
C SER A 265 -14.93 10.61 -22.82
N GLY A 266 -15.82 10.07 -23.65
CA GLY A 266 -15.41 9.03 -24.57
C GLY A 266 -15.35 7.66 -23.89
N GLY A 267 -15.60 7.64 -22.58
CA GLY A 267 -15.56 6.37 -21.85
C GLY A 267 -16.87 5.60 -21.92
N THR A 268 -17.02 4.62 -21.04
CA THR A 268 -18.21 3.79 -21.03
C THR A 268 -18.80 3.52 -19.66
N LEU A 269 -20.13 3.64 -19.57
CA LEU A 269 -20.86 3.36 -18.36
C LEU A 269 -21.64 2.07 -18.64
N VAL A 270 -21.32 1.01 -17.90
CA VAL A 270 -22.00 -0.28 -18.08
C VAL A 270 -23.07 -0.46 -17.01
N LEU A 271 -24.28 -0.75 -17.45
CA LEU A 271 -25.39 -0.93 -16.54
C LEU A 271 -25.67 -2.41 -16.29
N VAL A 272 -25.29 -2.89 -15.12
CA VAL A 272 -25.52 -4.28 -14.74
C VAL A 272 -26.71 -4.35 -13.79
N GLY A 273 -26.71 -3.49 -12.78
CA GLY A 273 -27.79 -3.47 -11.80
C GLY A 273 -29.17 -3.17 -12.36
N LEU A 274 -30.19 -3.82 -11.81
CA LEU A 274 -31.58 -3.64 -12.25
C LEU A 274 -32.30 -2.61 -11.39
N GLY A 275 -32.90 -1.62 -12.03
CA GLY A 275 -33.63 -0.62 -11.28
C GLY A 275 -35.09 -0.61 -11.69
N SER A 276 -35.73 0.55 -11.55
CA SER A 276 -37.13 0.70 -11.91
C SER A 276 -37.31 0.70 -13.42
N GLU A 277 -38.57 0.67 -13.84
CA GLU A 277 -38.94 0.66 -15.24
C GLU A 277 -38.59 2.00 -15.89
N THR A 279 -36.43 5.78 -15.38
CA THR A 279 -35.30 6.36 -14.66
C THR A 279 -35.05 7.76 -15.19
N THR A 280 -34.76 8.67 -14.28
CA THR A 280 -34.47 10.05 -14.65
C THR A 280 -32.97 10.20 -14.52
N VAL A 281 -32.33 10.57 -15.62
CA VAL A 281 -30.88 10.70 -15.65
C VAL A 281 -30.44 11.87 -16.50
N PRO A 282 -29.20 12.34 -16.28
CA PRO A 282 -28.66 13.46 -17.05
C PRO A 282 -28.11 12.88 -18.35
N LEU A 283 -29.02 12.34 -19.18
CA LEU A 283 -28.66 11.74 -20.46
C LEU A 283 -27.81 12.67 -21.30
N LEU A 284 -28.21 13.93 -21.37
CA LEU A 284 -27.48 14.93 -22.14
C LEU A 284 -26.01 14.99 -21.75
N HIS A 285 -25.74 14.97 -20.43
CA HIS A 285 -24.36 15.05 -19.96
C HIS A 285 -23.52 13.89 -20.50
N ALA A 286 -24.10 12.70 -20.58
CA ALA A 286 -23.39 11.54 -21.10
C ALA A 286 -23.23 11.62 -22.62
N ALA A 287 -24.35 11.83 -23.30
CA ALA A 287 -24.36 11.88 -24.75
C ALA A 287 -23.42 12.93 -25.31
N ILE A 288 -23.47 14.14 -24.75
CA ILE A 288 -22.64 15.23 -25.24
C ILE A 288 -21.14 15.06 -25.03
N ARG A 289 -20.75 14.10 -24.16
CA ARG A 289 -19.33 13.83 -23.92
C ARG A 289 -18.96 12.44 -24.46
N GLU A 290 -19.87 11.86 -25.22
CA GLU A 290 -19.70 10.54 -25.80
C GLU A 290 -19.34 9.46 -24.77
N VAL A 291 -20.02 9.52 -23.63
CA VAL A 291 -19.85 8.50 -22.60
C VAL A 291 -20.95 7.51 -23.02
N ASP A 292 -20.57 6.35 -23.51
CA ASP A 292 -21.56 5.37 -23.94
C ASP A 292 -22.22 4.69 -22.75
N ILE A 293 -23.51 4.37 -22.92
CA ILE A 293 -24.25 3.70 -21.86
C ILE A 293 -24.62 2.32 -22.42
N LYS A 294 -23.97 1.29 -21.90
CA LYS A 294 -24.21 -0.05 -22.40
C LYS A 294 -24.73 -0.97 -21.32
N GLY A 295 -25.81 -1.67 -21.63
CA GLY A 295 -26.39 -2.60 -20.70
C GLY A 295 -25.78 -3.99 -20.82
N VAL A 296 -26.09 -4.82 -19.84
CA VAL A 296 -25.61 -6.18 -19.81
C VAL A 296 -26.81 -7.08 -19.56
N PHE A 297 -26.88 -8.18 -20.30
CA PHE A 297 -27.94 -9.15 -20.07
C PHE A 297 -27.24 -10.49 -19.91
N ARG A 298 -26.89 -10.76 -18.65
CA ARG A 298 -26.21 -11.97 -18.25
C ARG A 298 -24.80 -12.11 -18.86
N TYR A 299 -24.64 -12.91 -19.91
CA TYR A 299 -23.32 -13.13 -20.48
C TYR A 299 -23.37 -14.08 -21.66
N CYS A 300 -22.26 -14.14 -22.38
CA CYS A 300 -22.11 -15.08 -23.50
C CYS A 300 -20.62 -15.32 -23.70
N ASN A 301 -20.28 -16.57 -23.99
CA ASN A 301 -18.90 -16.93 -24.26
C ASN A 301 -17.91 -16.62 -23.13
N THR A 302 -18.29 -16.93 -21.89
CA THR A 302 -17.43 -16.67 -20.74
C THR A 302 -16.94 -17.91 -19.99
N TRP A 303 -17.58 -19.07 -20.18
CA TRP A 303 -17.16 -20.24 -19.41
C TRP A 303 -15.75 -20.72 -19.68
N PRO A 304 -15.39 -20.95 -20.95
CA PRO A 304 -14.02 -21.41 -21.20
C PRO A 304 -12.97 -20.45 -20.66
N VAL A 305 -13.22 -19.14 -20.79
CA VAL A 305 -12.29 -18.14 -20.30
C VAL A 305 -12.21 -18.16 -18.77
N ALA A 306 -13.37 -18.21 -18.12
CA ALA A 306 -13.39 -18.26 -16.65
C ALA A 306 -12.59 -19.48 -16.18
N ILE A 307 -12.83 -20.62 -16.84
CA ILE A 307 -12.15 -21.85 -16.47
C ILE A 307 -10.63 -21.71 -16.62
N SER A 308 -10.18 -21.07 -17.70
CA SER A 308 -8.74 -20.88 -17.90
C SER A 308 -8.16 -19.97 -16.82
N LEU A 310 -9.28 -19.57 -13.73
CA LEU A 310 -9.25 -20.30 -12.46
C LEU A 310 -8.14 -21.35 -12.45
N ALA A 311 -8.01 -22.08 -13.55
CA ALA A 311 -7.00 -23.12 -13.66
C ALA A 311 -5.57 -22.57 -13.59
N SER A 312 -5.38 -21.35 -14.09
CA SER A 312 -4.04 -20.76 -14.08
C SER A 312 -3.84 -19.93 -12.82
N LYS A 313 -4.82 -19.93 -11.93
CA LYS A 313 -4.75 -19.17 -10.68
C LYS A 313 -4.58 -17.66 -10.94
N SER A 314 -5.24 -17.15 -11.99
CA SER A 314 -5.15 -15.73 -12.33
C SER A 314 -6.14 -14.92 -11.51
N VAL A 315 -7.14 -15.59 -10.95
CA VAL A 315 -8.13 -14.92 -10.14
C VAL A 315 -8.50 -15.83 -8.97
N ASN A 316 -8.80 -15.25 -7.82
CA ASN A 316 -9.14 -16.03 -6.65
C ASN A 316 -10.52 -15.65 -6.16
N VAL A 317 -11.51 -16.48 -6.47
CA VAL A 317 -12.88 -16.21 -6.07
C VAL A 317 -13.26 -16.88 -4.75
N LYS A 318 -12.40 -17.76 -4.25
CA LYS A 318 -12.73 -18.44 -3.00
C LYS A 318 -13.13 -17.57 -1.82
N PRO A 319 -12.46 -16.42 -1.61
CA PRO A 319 -12.81 -15.55 -0.49
C PRO A 319 -14.26 -15.08 -0.51
N LEU A 320 -14.92 -15.22 -1.67
CA LEU A 320 -16.31 -14.79 -1.77
C LEU A 320 -17.27 -15.71 -1.02
N VAL A 321 -16.86 -16.96 -0.81
CA VAL A 321 -17.71 -17.92 -0.11
C VAL A 321 -17.62 -17.73 1.40
N THR A 322 -18.75 -17.38 2.02
CA THR A 322 -18.79 -17.16 3.46
C THR A 322 -19.48 -18.28 4.25
N HIS A 323 -20.35 -19.04 3.58
N HIS A 323 -20.32 -19.07 3.58
CA HIS A 323 -21.08 -20.13 4.23
CA HIS A 323 -21.03 -20.16 4.25
C HIS A 323 -21.35 -21.28 3.24
C HIS A 323 -21.37 -21.26 3.26
N ARG A 324 -21.52 -22.48 3.77
CA ARG A 324 -21.88 -23.63 2.94
C ARG A 324 -22.81 -24.53 3.79
N PHE A 325 -23.92 -24.94 3.16
CA PHE A 325 -24.92 -25.76 3.82
C PHE A 325 -25.31 -26.93 2.91
N PRO A 326 -25.71 -28.05 3.51
CA PRO A 326 -26.11 -29.17 2.65
C PRO A 326 -27.46 -28.77 2.06
N LEU A 327 -27.82 -29.33 0.92
CA LEU A 327 -29.11 -29.03 0.29
C LEU A 327 -30.28 -29.04 1.27
N GLU A 328 -30.32 -30.05 2.14
CA GLU A 328 -31.39 -30.18 3.10
C GLU A 328 -31.56 -28.99 4.05
N LYS A 329 -30.53 -28.16 4.20
CA LYS A 329 -30.64 -26.99 5.06
C LYS A 329 -30.86 -25.73 4.24
N ALA A 330 -31.41 -25.89 3.05
CA ALA A 330 -31.67 -24.75 2.16
C ALA A 330 -32.50 -23.64 2.81
N LEU A 331 -33.52 -24.01 3.59
CA LEU A 331 -34.33 -22.98 4.21
C LEU A 331 -33.46 -22.11 5.11
N GLU A 332 -32.61 -22.74 5.90
CA GLU A 332 -31.72 -22.02 6.79
C GLU A 332 -30.71 -21.18 6.00
N ALA A 333 -30.26 -21.71 4.85
CA ALA A 333 -29.32 -21.01 3.99
C ALA A 333 -29.96 -19.73 3.43
N PHE A 334 -31.22 -19.83 3.04
CA PHE A 334 -31.94 -18.68 2.49
C PHE A 334 -32.24 -17.62 3.58
N GLU A 335 -32.50 -18.07 4.79
CA GLU A 335 -32.77 -17.12 5.89
C GLU A 335 -31.46 -16.42 6.23
N THR A 336 -30.36 -17.14 6.09
CA THR A 336 -29.04 -16.57 6.36
C THR A 336 -28.73 -15.50 5.31
N PHE A 337 -29.14 -15.77 4.07
CA PHE A 337 -28.93 -14.82 2.99
C PHE A 337 -29.67 -13.53 3.31
N LYS A 338 -30.93 -13.69 3.71
CA LYS A 338 -31.78 -12.56 4.05
C LYS A 338 -31.19 -11.68 5.15
N LYS A 339 -30.51 -12.30 6.11
CA LYS A 339 -29.91 -11.56 7.21
C LYS A 339 -28.84 -10.59 6.70
N GLY A 340 -28.55 -10.69 5.41
CA GLY A 340 -27.57 -9.80 4.80
C GLY A 340 -26.14 -9.96 5.27
N LEU A 341 -25.91 -10.84 6.24
CA LEU A 341 -24.55 -11.04 6.71
C LEU A 341 -23.93 -12.12 5.85
N GLY A 342 -22.66 -11.94 5.51
CA GLY A 342 -21.98 -12.91 4.67
C GLY A 342 -22.05 -12.46 3.22
N LEU A 343 -21.55 -13.29 2.32
CA LEU A 343 -21.54 -12.94 0.91
C LEU A 343 -22.11 -14.11 0.10
N LYS A 344 -21.25 -14.94 -0.47
CA LYS A 344 -21.74 -16.07 -1.25
C LYS A 344 -21.99 -17.28 -0.36
N ILE A 345 -23.21 -17.82 -0.46
CA ILE A 345 -23.61 -19.00 0.29
C ILE A 345 -23.76 -20.16 -0.69
N LEU A 347 -24.73 -24.22 -1.49
CA LEU A 347 -25.59 -25.32 -1.09
C LEU A 347 -24.93 -26.57 -1.69
N LYS A 348 -24.73 -27.59 -0.85
CA LYS A 348 -24.07 -28.83 -1.25
C LYS A 348 -25.09 -29.95 -1.45
N CYS A 349 -25.32 -30.30 -2.71
CA CYS A 349 -26.34 -31.27 -3.09
C CYS A 349 -25.97 -32.74 -3.16
N ASP A 350 -24.68 -33.06 -3.07
CA ASP A 350 -24.20 -34.43 -3.18
C ASP A 350 -23.81 -34.98 -1.81
N PRO A 351 -24.62 -35.88 -1.22
CA PRO A 351 -24.29 -36.43 0.09
C PRO A 351 -22.94 -37.13 0.15
N SER A 352 -22.49 -37.67 -0.98
CA SER A 352 -21.21 -38.38 -0.99
C SER A 352 -20.01 -37.43 -0.97
N ASP A 353 -20.23 -36.15 -1.25
CA ASP A 353 -19.10 -35.21 -1.25
C ASP A 353 -19.59 -33.80 -0.91
N GLN A 354 -19.37 -33.41 0.35
CA GLN A 354 -19.77 -32.09 0.86
C GLN A 354 -18.62 -31.08 0.92
N ASN A 355 -17.46 -31.46 0.39
CA ASN A 355 -16.30 -30.56 0.40
C ASN A 355 -16.37 -29.52 -0.71
N PRO A 356 -15.50 -28.50 -0.65
CA PRO A 356 -15.51 -27.44 -1.68
C PRO A 356 -15.27 -28.02 -3.07
N ALA B 1 37.69 34.81 -15.12
CA ALA B 1 36.93 34.51 -16.37
C ALA B 1 35.49 34.11 -16.01
N ALA B 2 34.68 33.87 -17.03
CA ALA B 2 33.27 33.48 -16.81
C ALA B 2 33.16 32.02 -16.35
N ALA B 3 32.04 31.68 -15.73
CA ALA B 3 31.81 30.32 -15.29
C ALA B 3 31.88 29.36 -16.48
N ALA B 4 32.28 28.13 -16.21
CA ALA B 4 32.36 27.12 -17.27
C ALA B 4 30.91 26.86 -17.73
N LYS B 5 30.74 26.65 -19.03
CA LYS B 5 29.43 26.38 -19.60
C LYS B 5 29.16 24.89 -19.49
N PRO B 6 27.88 24.49 -19.58
CA PRO B 6 27.59 23.05 -19.48
C PRO B 6 28.10 22.38 -20.75
N ASN B 7 28.16 21.06 -20.76
CA ASN B 7 28.61 20.34 -21.95
C ASN B 7 27.47 19.45 -22.44
N ASN B 8 27.60 18.95 -23.66
CA ASN B 8 26.58 18.05 -24.18
C ASN B 8 27.28 16.89 -24.88
N LEU B 9 28.06 16.14 -24.09
CA LEU B 9 28.78 14.98 -24.62
C LEU B 9 27.67 14.07 -25.18
N SER B 10 27.91 13.54 -26.38
CA SER B 10 26.93 12.69 -27.05
C SER B 10 27.59 11.47 -27.64
N LEU B 11 26.84 10.37 -27.77
CA LEU B 11 27.37 9.15 -28.36
C LEU B 11 26.93 9.19 -29.81
N VAL B 12 27.91 9.23 -30.71
CA VAL B 12 27.65 9.37 -32.13
C VAL B 12 28.21 8.29 -33.05
N VAL B 13 27.40 7.88 -34.03
N VAL B 13 27.41 7.87 -34.02
CA VAL B 13 27.83 6.90 -35.01
CA VAL B 13 27.86 6.88 -35.00
C VAL B 13 28.15 7.68 -36.27
C VAL B 13 28.14 7.65 -36.29
N HIS B 14 29.38 7.54 -36.77
CA HIS B 14 29.80 8.24 -37.98
C HIS B 14 29.74 7.34 -39.20
N GLY B 15 29.74 6.03 -38.95
CA GLY B 15 29.69 5.07 -40.02
C GLY B 15 29.93 3.71 -39.43
N PRO B 16 29.93 2.64 -40.25
CA PRO B 16 30.15 1.28 -39.75
C PRO B 16 31.38 1.19 -38.85
N GLY B 17 31.20 0.65 -37.66
CA GLY B 17 32.30 0.51 -36.72
C GLY B 17 32.97 1.80 -36.27
N ASP B 18 32.29 2.93 -36.45
CA ASP B 18 32.86 4.22 -36.05
C ASP B 18 31.94 4.94 -35.05
N LEU B 19 32.15 4.65 -33.77
CA LEU B 19 31.36 5.21 -32.68
C LEU B 19 32.21 6.20 -31.90
N ARG B 20 31.66 7.37 -31.57
CA ARG B 20 32.46 8.35 -30.86
C ARG B 20 31.70 9.14 -29.80
N LEU B 21 32.43 9.55 -28.77
CA LEU B 21 31.87 10.40 -27.73
C LEU B 21 32.36 11.79 -28.11
N GLU B 22 31.44 12.71 -28.38
CA GLU B 22 31.83 14.04 -28.79
C GLU B 22 30.84 15.08 -28.29
N ASN B 23 31.32 16.32 -28.13
CA ASN B 23 30.46 17.37 -27.63
C ASN B 23 29.59 18.05 -28.67
N TYR B 24 28.34 18.30 -28.30
CA TYR B 24 27.38 18.96 -29.18
C TYR B 24 26.91 20.25 -28.51
N PRO B 25 26.28 21.16 -29.28
CA PRO B 25 25.79 22.42 -28.71
C PRO B 25 24.63 22.06 -27.79
N ILE B 26 24.27 22.95 -26.88
CA ILE B 26 23.14 22.73 -25.98
C ILE B 26 21.92 23.15 -26.77
N PRO B 27 20.93 22.26 -26.92
CA PRO B 27 19.71 22.62 -27.68
C PRO B 27 18.89 23.70 -27.00
N GLU B 28 18.17 24.49 -27.80
CA GLU B 28 17.30 25.54 -27.27
C GLU B 28 15.85 25.15 -27.62
N PRO B 29 15.01 24.93 -26.60
CA PRO B 29 13.61 24.53 -26.86
C PRO B 29 12.73 25.59 -27.50
N GLY B 30 11.94 25.16 -28.48
CA GLY B 30 11.00 26.06 -29.13
C GLY B 30 9.81 26.20 -28.19
N PRO B 31 8.81 27.03 -28.54
CA PRO B 31 7.62 27.25 -27.70
C PRO B 31 6.90 26.00 -27.19
N ASN B 32 6.89 24.93 -27.98
CA ASN B 32 6.19 23.72 -27.57
C ASN B 32 7.12 22.55 -27.28
N GLU B 33 8.36 22.88 -26.93
CA GLU B 33 9.36 21.87 -26.61
C GLU B 33 9.91 22.10 -25.22
N VAL B 34 10.58 21.08 -24.68
CA VAL B 34 11.23 21.17 -23.39
C VAL B 34 12.68 20.73 -23.57
N LEU B 35 13.57 21.30 -22.77
CA LEU B 35 14.97 20.91 -22.82
C LEU B 35 15.09 19.93 -21.66
N LEU B 36 15.64 18.74 -21.93
CA LEU B 36 15.78 17.73 -20.90
C LEU B 36 17.23 17.43 -20.53
N ARG B 37 17.47 17.26 -19.23
CA ARG B 37 18.79 16.87 -18.76
C ARG B 37 18.62 15.34 -18.73
N HIS B 39 18.87 11.41 -18.24
CA HIS B 39 19.25 10.63 -17.08
C HIS B 39 19.60 9.18 -17.41
N SER B 40 18.61 8.42 -17.89
CA SER B 40 18.83 7.02 -18.21
C SER B 40 18.39 6.68 -19.63
N VAL B 41 19.22 5.93 -20.34
CA VAL B 41 18.91 5.53 -21.71
C VAL B 41 19.25 4.05 -21.88
N GLY B 42 18.28 3.25 -22.30
CA GLY B 42 18.55 1.84 -22.50
C GLY B 42 19.14 1.64 -23.89
N ILE B 43 19.99 0.63 -24.04
CA ILE B 43 20.60 0.33 -25.34
C ILE B 43 19.70 -0.67 -26.08
N CYS B 44 19.33 -0.32 -27.31
CA CYS B 44 18.48 -1.19 -28.12
C CYS B 44 19.32 -1.84 -29.22
N GLY B 45 18.95 -3.05 -29.61
CA GLY B 45 19.68 -3.75 -30.66
C GLY B 45 19.81 -2.90 -31.91
N SER B 46 18.85 -2.02 -32.15
N SER B 46 18.85 -2.02 -32.15
CA SER B 46 18.90 -1.18 -33.34
CA SER B 46 18.89 -1.16 -33.32
C SER B 46 19.99 -0.11 -33.26
C SER B 46 20.02 -0.13 -33.24
N ASP B 47 20.23 0.42 -32.06
CA ASP B 47 21.29 1.42 -31.90
C ASP B 47 22.59 0.69 -32.24
N VAL B 48 22.74 -0.51 -31.68
CA VAL B 48 23.93 -1.30 -31.91
C VAL B 48 24.08 -1.67 -33.39
N HIS B 49 22.97 -1.91 -34.08
CA HIS B 49 23.04 -2.27 -35.48
C HIS B 49 23.53 -1.10 -36.36
N TYR B 50 23.14 0.13 -36.04
CA TYR B 50 23.62 1.26 -36.81
C TYR B 50 25.13 1.40 -36.62
N TRP B 51 25.60 1.09 -35.41
CA TRP B 51 27.03 1.17 -35.13
C TRP B 51 27.79 0.13 -35.96
N GLU B 52 27.28 -1.10 -35.96
CA GLU B 52 27.95 -2.17 -36.69
C GLU B 52 27.86 -2.08 -38.21
N TYR B 53 26.67 -1.82 -38.73
CA TYR B 53 26.49 -1.77 -40.17
C TYR B 53 26.26 -0.39 -40.78
N GLY B 54 26.06 0.61 -39.94
CA GLY B 54 25.84 1.95 -40.44
C GLY B 54 24.48 2.14 -41.10
N ARG B 55 23.61 1.15 -40.94
CA ARG B 55 22.28 1.20 -41.53
C ARG B 55 21.39 0.05 -41.06
N ILE B 56 20.11 0.17 -41.38
CA ILE B 56 19.12 -0.87 -41.12
C ILE B 56 18.21 -0.71 -42.32
N GLY B 57 18.27 -1.67 -43.24
CA GLY B 57 17.45 -1.58 -44.45
C GLY B 57 17.92 -0.37 -45.22
N ASN B 58 16.97 0.47 -45.65
CA ASN B 58 17.33 1.67 -46.40
C ASN B 58 17.49 2.88 -45.51
N PHE B 59 17.51 2.66 -44.20
CA PHE B 59 17.71 3.77 -43.28
C PHE B 59 19.20 3.77 -43.01
N ILE B 60 19.91 4.65 -43.71
CA ILE B 60 21.34 4.70 -43.55
C ILE B 60 21.84 6.00 -42.95
N VAL B 61 22.86 5.88 -42.12
CA VAL B 61 23.46 7.04 -41.50
C VAL B 61 24.30 7.68 -42.59
N LYS B 62 23.82 8.78 -43.15
CA LYS B 62 24.54 9.46 -44.22
C LYS B 62 25.41 10.58 -43.65
N LYS B 63 25.06 11.02 -42.45
CA LYS B 63 25.82 12.05 -41.73
C LYS B 63 25.82 11.53 -40.30
N PRO B 64 26.82 11.91 -39.49
CA PRO B 64 26.91 11.44 -38.09
C PRO B 64 25.60 11.58 -37.32
N VAL B 66 23.46 10.85 -33.50
CA VAL B 66 23.49 10.58 -32.08
C VAL B 66 22.58 9.37 -31.87
N LEU B 67 23.06 8.37 -31.14
CA LEU B 67 22.26 7.17 -30.88
C LEU B 67 21.34 7.36 -29.68
N GLY B 68 20.59 6.32 -29.34
CA GLY B 68 19.71 6.37 -28.18
C GLY B 68 18.26 6.77 -28.39
N HIS B 69 17.33 5.95 -27.88
CA HIS B 69 15.92 6.28 -28.00
C HIS B 69 14.98 5.73 -26.91
N GLU B 70 15.50 4.92 -25.99
CA GLU B 70 14.68 4.38 -24.89
C GLU B 70 15.12 5.20 -23.68
N ALA B 71 14.46 6.32 -23.40
CA ALA B 71 14.97 7.17 -22.32
C ALA B 71 14.04 7.93 -21.40
N SER B 72 14.65 8.49 -20.35
CA SER B 72 13.99 9.31 -19.36
C SER B 72 14.99 10.39 -18.95
N GLY B 73 14.48 11.47 -18.36
CA GLY B 73 15.35 12.55 -17.94
C GLY B 73 14.61 13.55 -17.09
N THR B 74 15.25 14.69 -16.83
CA THR B 74 14.66 15.72 -16.01
C THR B 74 14.48 17.01 -16.83
N VAL B 75 13.31 17.61 -16.71
CA VAL B 75 13.05 18.85 -17.43
C VAL B 75 13.99 19.92 -16.89
N GLU B 76 14.75 20.52 -17.78
CA GLU B 76 15.70 21.56 -17.43
C GLU B 76 15.10 22.93 -17.75
N LYS B 77 14.44 23.03 -18.90
CA LYS B 77 13.85 24.28 -19.35
C LYS B 77 12.62 23.99 -20.23
N VAL B 78 11.60 24.84 -20.15
CA VAL B 78 10.39 24.64 -20.96
C VAL B 78 10.11 25.81 -21.90
N GLY B 79 9.54 25.49 -23.07
CA GLY B 79 9.22 26.52 -24.04
C GLY B 79 8.08 27.39 -23.54
N SER B 80 7.90 28.56 -24.14
CA SER B 80 6.86 29.49 -23.71
C SER B 80 5.43 28.98 -23.74
N SER B 81 5.12 28.05 -24.63
CA SER B 81 3.75 27.54 -24.69
C SER B 81 3.52 26.28 -23.87
N VAL B 82 4.55 25.80 -23.18
CA VAL B 82 4.43 24.57 -22.38
C VAL B 82 3.85 24.83 -21.00
N LYS B 83 2.78 24.12 -20.65
CA LYS B 83 2.12 24.32 -19.36
C LYS B 83 1.99 23.08 -18.49
N HIS B 84 2.13 21.89 -19.05
CA HIS B 84 1.98 20.67 -18.26
C HIS B 84 3.27 20.14 -17.64
N LEU B 85 4.39 20.77 -17.97
CA LEU B 85 5.68 20.36 -17.43
C LEU B 85 6.42 21.60 -16.94
N LYS B 86 7.28 21.42 -15.93
CA LYS B 86 8.05 22.53 -15.37
C LYS B 86 9.45 22.05 -15.02
N PRO B 87 10.40 22.99 -14.89
CA PRO B 87 11.77 22.58 -14.56
C PRO B 87 11.75 21.71 -13.32
N GLY B 88 12.54 20.64 -13.35
CA GLY B 88 12.60 19.73 -12.22
C GLY B 88 11.77 18.47 -12.41
N ASP B 89 10.78 18.52 -13.30
CA ASP B 89 9.94 17.33 -13.52
C ASP B 89 10.72 16.17 -14.12
N ARG B 90 10.48 14.99 -13.57
CA ARG B 90 11.12 13.78 -14.06
C ARG B 90 10.17 13.26 -15.14
N VAL B 91 10.70 12.98 -16.33
CA VAL B 91 9.83 12.52 -17.42
C VAL B 91 10.36 11.34 -18.22
N ALA B 92 9.42 10.60 -18.79
CA ALA B 92 9.74 9.48 -19.67
C ALA B 92 9.57 10.10 -21.07
N ILE B 93 10.48 9.79 -21.97
CA ILE B 93 10.43 10.36 -23.31
C ILE B 93 9.90 9.40 -24.36
N GLU B 94 8.81 9.76 -25.04
CA GLU B 94 8.28 8.93 -26.15
C GLU B 94 9.02 9.49 -27.38
N PRO B 95 9.96 8.71 -27.96
CA PRO B 95 10.77 9.10 -29.11
C PRO B 95 10.15 9.46 -30.46
N GLY B 96 8.94 9.00 -30.73
CA GLY B 96 8.31 9.30 -32.00
C GLY B 96 7.35 10.46 -31.84
N ALA B 97 7.69 11.59 -32.45
CA ALA B 97 6.86 12.79 -32.36
C ALA B 97 6.50 13.26 -33.77
N PRO B 98 5.20 13.23 -34.11
CA PRO B 98 4.72 13.66 -35.43
C PRO B 98 5.13 15.08 -35.75
N ARG B 99 5.54 15.33 -36.99
CA ARG B 99 5.89 16.69 -37.37
C ARG B 99 4.65 17.41 -37.93
N GLU B 100 3.66 16.66 -38.39
CA GLU B 100 2.46 17.30 -38.91
C GLU B 100 1.21 16.53 -38.53
N ASN B 101 0.12 17.26 -38.37
CA ASN B 101 -1.14 16.63 -38.00
C ASN B 101 -1.82 16.10 -39.26
N ASP B 102 -1.30 15.00 -39.79
CA ASP B 102 -1.85 14.40 -40.98
C ASP B 102 -2.99 13.45 -40.64
N GLU B 103 -3.50 12.76 -41.65
CA GLU B 103 -4.61 11.85 -41.41
C GLU B 103 -4.30 10.73 -40.44
N PHE B 104 -3.04 10.27 -40.41
CA PHE B 104 -2.67 9.21 -39.47
C PHE B 104 -2.74 9.71 -38.02
N CYS B 105 -2.33 10.95 -37.78
CA CYS B 105 -2.39 11.50 -36.44
C CYS B 105 -3.85 11.72 -36.06
N LYS B 106 -4.61 12.36 -36.95
CA LYS B 106 -6.01 12.62 -36.66
C LYS B 106 -6.81 11.36 -36.38
N GLY B 108 -5.77 8.72 -34.94
CA GLY B 108 -5.30 8.04 -33.75
C GLY B 108 -4.15 7.06 -33.95
N ARG B 109 -3.54 7.05 -35.13
CA ARG B 109 -2.42 6.14 -35.41
C ARG B 109 -1.21 6.95 -35.85
N TYR B 110 -0.81 7.91 -35.03
CA TYR B 110 0.32 8.77 -35.36
C TYR B 110 1.62 8.03 -35.61
N ASN B 111 1.74 6.79 -35.14
CA ASN B 111 2.99 6.03 -35.37
C ASN B 111 3.20 5.80 -36.86
N LEU B 112 2.12 5.87 -37.64
CA LEU B 112 2.19 5.64 -39.07
C LEU B 112 2.41 6.93 -39.88
N SER B 113 2.48 8.07 -39.22
CA SER B 113 2.70 9.35 -39.92
C SER B 113 4.05 9.25 -40.63
N PRO B 114 4.04 9.37 -41.97
CA PRO B 114 5.28 9.29 -42.78
C PRO B 114 6.40 10.25 -42.41
N SER B 115 6.04 11.46 -41.97
CA SER B 115 7.05 12.46 -41.64
C SER B 115 7.37 12.52 -40.15
N ILE B 116 7.06 11.46 -39.41
CA ILE B 116 7.31 11.49 -37.98
C ILE B 116 8.79 11.59 -37.64
N PHE B 117 9.10 12.29 -36.56
CA PHE B 117 10.47 12.41 -36.07
C PHE B 117 10.65 11.22 -35.11
N PHE B 118 11.78 10.52 -35.18
CA PHE B 118 12.01 9.40 -34.27
C PHE B 118 13.47 9.29 -33.86
N CYS B 119 13.74 9.48 -32.57
CA CYS B 119 15.10 9.41 -32.04
C CYS B 119 15.95 8.26 -32.56
N ALA B 120 17.12 8.60 -33.08
CA ALA B 120 18.10 7.62 -33.56
C ALA B 120 17.77 6.74 -34.77
N THR B 121 16.83 7.18 -35.60
CA THR B 121 16.54 6.47 -36.85
C THR B 121 16.97 7.56 -37.83
N PRO B 122 18.03 7.32 -38.61
CA PRO B 122 18.47 8.38 -39.53
C PRO B 122 17.34 9.01 -40.34
N PRO B 123 17.39 10.33 -40.54
CA PRO B 123 18.42 11.27 -40.10
C PRO B 123 18.16 11.96 -38.75
N ASP B 124 17.28 11.40 -37.92
CA ASP B 124 16.96 12.03 -36.64
C ASP B 124 17.88 11.63 -35.50
N ASP B 125 18.55 12.61 -34.89
CA ASP B 125 19.46 12.36 -33.79
C ASP B 125 18.74 11.87 -32.55
N GLY B 126 19.37 10.89 -31.88
CA GLY B 126 18.83 10.32 -30.67
C GLY B 126 19.13 11.09 -29.40
N ASN B 127 18.93 10.44 -28.25
CA ASN B 127 19.13 11.13 -26.99
C ASN B 127 20.20 10.60 -26.02
N LEU B 128 21.21 9.91 -26.54
CA LEU B 128 22.31 9.44 -25.68
C LEU B 128 23.27 10.62 -25.61
N CYS B 129 22.95 11.56 -24.73
CA CYS B 129 23.73 12.78 -24.57
C CYS B 129 23.35 13.41 -23.23
N ARG B 130 23.86 14.61 -22.96
CA ARG B 130 23.55 15.29 -21.70
C ARG B 130 22.25 16.09 -21.75
N PHE B 131 22.08 16.86 -22.82
CA PHE B 131 20.91 17.70 -22.98
C PHE B 131 20.24 17.45 -24.32
N TYR B 132 18.92 17.32 -24.27
CA TYR B 132 18.14 16.97 -25.45
C TYR B 132 16.77 17.67 -25.42
N LYS B 133 16.35 18.23 -26.56
CA LYS B 133 15.05 18.91 -26.59
C LYS B 133 14.04 18.01 -27.30
N HIS B 134 12.76 18.12 -26.93
CA HIS B 134 11.75 17.25 -27.50
C HIS B 134 10.38 17.90 -27.38
N ASN B 135 9.48 17.54 -28.29
CA ASN B 135 8.11 18.06 -28.28
C ASN B 135 7.52 17.76 -26.90
N ALA B 136 7.01 18.80 -26.24
CA ALA B 136 6.47 18.65 -24.89
C ALA B 136 5.32 17.68 -24.77
N ALA B 137 4.54 17.52 -25.84
CA ALA B 137 3.41 16.60 -25.77
C ALA B 137 3.89 15.16 -25.64
N PHE B 138 5.15 14.91 -25.97
CA PHE B 138 5.68 13.56 -25.89
C PHE B 138 6.68 13.29 -24.76
N CYS B 139 6.62 14.13 -23.72
CA CYS B 139 7.42 13.95 -22.53
C CYS B 139 6.37 13.78 -21.46
N TYR B 140 6.40 12.65 -20.76
CA TYR B 140 5.40 12.35 -19.75
C TYR B 140 5.95 12.34 -18.34
N LYS B 141 5.28 13.04 -17.44
CA LYS B 141 5.72 13.12 -16.06
C LYS B 141 5.66 11.77 -15.36
N LEU B 142 6.74 11.43 -14.67
CA LEU B 142 6.82 10.18 -13.92
C LEU B 142 6.39 10.39 -12.48
N PRO B 143 5.62 9.43 -11.93
CA PRO B 143 5.15 9.52 -10.54
C PRO B 143 6.42 9.34 -9.70
N ASP B 144 6.41 9.82 -8.46
CA ASP B 144 7.57 9.69 -7.60
C ASP B 144 7.96 8.23 -7.33
N ASN B 145 6.98 7.33 -7.35
CA ASN B 145 7.29 5.92 -7.10
C ASN B 145 7.71 5.12 -8.33
N VAL B 146 8.09 5.83 -9.40
CA VAL B 146 8.55 5.16 -10.62
C VAL B 146 9.96 5.71 -10.93
N THR B 147 10.94 4.83 -11.04
CA THR B 147 12.31 5.25 -11.29
C THR B 147 12.64 5.69 -12.71
N PHE B 148 13.78 6.36 -12.85
CA PHE B 148 14.24 6.80 -14.15
C PHE B 148 14.44 5.61 -15.07
N GLU B 149 15.00 4.51 -14.55
CA GLU B 149 15.22 3.33 -15.39
C GLU B 149 13.91 2.69 -15.83
N GLU B 150 12.90 2.72 -14.96
CA GLU B 150 11.59 2.19 -15.33
C GLU B 150 11.03 3.13 -16.41
N GLY B 151 11.29 4.42 -16.27
CA GLY B 151 10.83 5.39 -17.26
C GLY B 151 11.44 5.10 -18.62
N ALA B 152 12.72 4.73 -18.64
CA ALA B 152 13.42 4.40 -19.88
C ALA B 152 12.90 3.08 -20.44
N LEU B 153 12.52 2.14 -19.57
CA LEU B 153 12.01 0.85 -20.00
C LEU B 153 10.59 0.94 -20.59
N ILE B 154 9.94 2.08 -20.45
CA ILE B 154 8.61 2.25 -21.02
C ILE B 154 8.68 2.11 -22.54
N GLU B 155 9.80 2.52 -23.12
CA GLU B 155 9.95 2.44 -24.58
C GLU B 155 9.84 0.99 -25.06
N PRO B 156 10.71 0.07 -24.59
CA PRO B 156 10.53 -1.30 -25.08
C PRO B 156 9.21 -1.91 -24.60
N LEU B 157 8.81 -1.58 -23.37
CA LEU B 157 7.55 -2.09 -22.84
C LEU B 157 6.39 -1.74 -23.78
N SER B 158 6.43 -0.53 -24.33
CA SER B 158 5.38 -0.04 -25.24
C SER B 158 5.29 -0.87 -26.52
N VAL B 159 6.40 -1.46 -26.94
CA VAL B 159 6.38 -2.31 -28.13
C VAL B 159 5.52 -3.52 -27.74
N GLY B 160 5.73 -4.00 -26.51
CA GLY B 160 4.98 -5.14 -26.02
C GLY B 160 3.50 -4.80 -25.88
N ILE B 161 3.20 -3.60 -25.39
CA ILE B 161 1.81 -3.19 -25.22
C ILE B 161 1.14 -3.08 -26.61
N HIS B 162 1.82 -2.41 -27.54
CA HIS B 162 1.24 -2.25 -28.88
C HIS B 162 1.04 -3.62 -29.53
N ALA B 163 1.99 -4.52 -29.37
CA ALA B 163 1.87 -5.86 -29.95
C ALA B 163 0.70 -6.65 -29.36
N CYS B 164 0.53 -6.61 -28.03
CA CYS B 164 -0.57 -7.35 -27.42
C CYS B 164 -1.91 -6.76 -27.81
N ARG B 165 -1.97 -5.44 -27.92
CA ARG B 165 -3.22 -4.78 -28.33
C ARG B 165 -3.54 -5.21 -29.76
N ARG B 166 -2.55 -5.14 -30.63
CA ARG B 166 -2.75 -5.52 -32.03
C ARG B 166 -3.14 -6.99 -32.16
N GLY B 167 -2.69 -7.81 -31.20
CA GLY B 167 -3.00 -9.23 -31.22
C GLY B 167 -4.35 -9.53 -30.59
N GLY B 168 -4.91 -8.55 -29.89
CA GLY B 168 -6.20 -8.75 -29.23
C GLY B 168 -6.07 -9.59 -27.97
N VAL B 169 -4.88 -9.60 -27.37
CA VAL B 169 -4.66 -10.38 -26.16
C VAL B 169 -5.62 -9.94 -25.07
N THR B 170 -6.29 -10.90 -24.46
CA THR B 170 -7.20 -10.55 -23.41
C THR B 170 -7.38 -11.68 -22.39
N LEU B 171 -8.29 -11.46 -21.46
CA LEU B 171 -8.56 -12.40 -20.37
C LEU B 171 -8.68 -13.87 -20.78
N GLY B 172 -7.90 -14.72 -20.13
CA GLY B 172 -7.96 -16.14 -20.41
C GLY B 172 -7.21 -16.70 -21.61
N HIS B 173 -6.63 -15.83 -22.44
CA HIS B 173 -5.92 -16.30 -23.62
C HIS B 173 -4.70 -17.17 -23.37
N LYS B 174 -4.41 -18.01 -24.36
CA LYS B 174 -3.23 -18.87 -24.37
C LYS B 174 -2.43 -18.14 -25.42
N VAL B 175 -1.24 -17.69 -25.05
CA VAL B 175 -0.41 -16.92 -25.96
C VAL B 175 0.96 -17.52 -26.18
N LEU B 176 1.39 -17.52 -27.44
CA LEU B 176 2.71 -18.01 -27.79
C LEU B 176 3.59 -16.81 -28.13
N VAL B 177 4.71 -16.67 -27.42
CA VAL B 177 5.63 -15.58 -27.72
C VAL B 177 6.89 -16.24 -28.30
N CYS B 178 7.22 -15.92 -29.54
CA CYS B 178 8.39 -16.50 -30.18
C CYS B 178 9.56 -15.55 -29.95
N GLY B 179 10.56 -16.01 -29.20
CA GLY B 179 11.71 -15.17 -28.93
C GLY B 179 11.73 -14.67 -27.50
N ALA B 180 12.88 -14.84 -26.83
CA ALA B 180 13.04 -14.40 -25.45
C ALA B 180 14.05 -13.28 -25.30
N GLY B 181 14.15 -12.45 -26.33
CA GLY B 181 15.02 -11.29 -26.28
C GLY B 181 14.26 -10.27 -25.45
N PRO B 182 14.77 -9.05 -25.28
CA PRO B 182 14.01 -8.09 -24.48
C PRO B 182 12.60 -7.80 -24.99
N ILE B 183 12.41 -7.86 -26.30
CA ILE B 183 11.08 -7.57 -26.86
C ILE B 183 10.12 -8.71 -26.51
N GLY B 184 10.57 -9.94 -26.63
CA GLY B 184 9.70 -11.06 -26.28
C GLY B 184 9.40 -11.02 -24.79
N VAL B 186 9.22 -8.28 -22.68
CA VAL B 186 8.23 -7.27 -22.31
C VAL B 186 6.88 -7.72 -22.85
N THR B 187 6.87 -8.43 -23.98
CA THR B 187 5.59 -8.91 -24.53
C THR B 187 4.98 -9.91 -23.54
N LEU B 188 5.82 -10.77 -22.98
CA LEU B 188 5.41 -11.75 -21.98
C LEU B 188 4.81 -11.02 -20.76
N LEU B 189 5.51 -10.01 -20.27
CA LEU B 189 5.04 -9.26 -19.11
C LEU B 189 3.68 -8.62 -19.37
N VAL B 190 3.53 -8.03 -20.56
CA VAL B 190 2.27 -7.37 -20.89
C VAL B 190 1.14 -8.38 -21.07
N ALA B 191 1.43 -9.50 -21.74
CA ALA B 191 0.43 -10.52 -21.95
C ALA B 191 -0.16 -10.98 -20.60
N LYS B 192 0.71 -11.22 -19.63
CA LYS B 192 0.26 -11.66 -18.31
C LYS B 192 -0.50 -10.55 -17.61
N ALA B 193 -0.01 -9.31 -17.72
CA ALA B 193 -0.69 -8.17 -17.10
C ALA B 193 -2.10 -7.98 -17.68
N GLY B 195 -4.09 -10.35 -18.53
CA GLY B 195 -4.96 -11.46 -18.21
C GLY B 195 -4.76 -12.78 -18.96
N ALA B 196 -3.66 -12.91 -19.70
CA ALA B 196 -3.45 -14.16 -20.42
C ALA B 196 -3.31 -15.26 -19.37
N ALA B 197 -3.97 -16.39 -19.60
CA ALA B 197 -3.94 -17.53 -18.68
C ALA B 197 -2.61 -18.24 -18.73
N GLN B 198 -2.11 -18.46 -19.94
CA GLN B 198 -0.85 -19.13 -20.13
C GLN B 198 -0.07 -18.50 -21.25
N VAL B 199 1.22 -18.27 -21.02
CA VAL B 199 2.09 -17.72 -22.05
C VAL B 199 3.24 -18.70 -22.23
N VAL B 200 3.43 -19.17 -23.46
CA VAL B 200 4.52 -20.08 -23.81
C VAL B 200 5.55 -19.25 -24.52
N VAL B 201 6.82 -19.42 -24.16
CA VAL B 201 7.90 -18.67 -24.79
C VAL B 201 8.93 -19.61 -25.42
N THR B 202 9.33 -19.31 -26.66
CA THR B 202 10.33 -20.12 -27.34
C THR B 202 11.59 -19.29 -27.56
N ASP B 203 12.72 -19.97 -27.73
CA ASP B 203 13.99 -19.28 -27.98
C ASP B 203 15.09 -20.31 -28.21
N LEU B 204 16.19 -19.86 -28.79
CA LEU B 204 17.32 -20.74 -29.04
C LEU B 204 18.14 -20.90 -27.77
N SER B 205 18.11 -19.87 -26.92
CA SER B 205 18.88 -19.86 -25.68
C SER B 205 18.17 -20.35 -24.42
N ALA B 206 18.72 -21.40 -23.81
CA ALA B 206 18.15 -21.94 -22.58
C ALA B 206 18.30 -20.92 -21.47
N THR B 207 19.35 -20.10 -21.55
CA THR B 207 19.60 -19.06 -20.57
C THR B 207 18.53 -17.97 -20.64
N ARG B 208 18.18 -17.58 -21.85
CA ARG B 208 17.15 -16.57 -21.99
C ARG B 208 15.80 -17.12 -21.57
N LEU B 209 15.60 -18.42 -21.78
CA LEU B 209 14.34 -19.06 -21.38
C LEU B 209 14.23 -19.18 -19.88
N SER B 210 15.38 -19.37 -19.22
CA SER B 210 15.40 -19.49 -17.77
C SER B 210 15.00 -18.12 -17.20
N LYS B 211 15.49 -17.06 -17.83
CA LYS B 211 15.16 -15.72 -17.40
C LYS B 211 13.65 -15.48 -17.60
N ALA B 212 13.11 -15.99 -18.71
CA ALA B 212 11.69 -15.86 -19.01
C ALA B 212 10.84 -16.50 -17.91
N LYS B 213 11.27 -17.68 -17.47
CA LYS B 213 10.54 -18.38 -16.42
C LYS B 213 10.52 -17.53 -15.14
N GLU B 214 11.66 -16.95 -14.81
CA GLU B 214 11.76 -16.13 -13.61
C GLU B 214 10.78 -14.96 -13.60
N ILE B 215 10.46 -14.40 -14.76
CA ILE B 215 9.56 -13.26 -14.76
C ILE B 215 8.09 -13.56 -15.10
N GLY B 216 7.74 -14.84 -15.22
CA GLY B 216 6.35 -15.13 -15.49
C GLY B 216 5.94 -16.13 -16.55
N ALA B 217 6.86 -16.52 -17.44
CA ALA B 217 6.52 -17.48 -18.50
C ALA B 217 5.96 -18.75 -17.86
N ASP B 218 4.82 -19.21 -18.35
CA ASP B 218 4.22 -20.42 -17.78
C ASP B 218 4.87 -21.66 -18.36
N LEU B 219 5.30 -21.55 -19.61
CA LEU B 219 5.93 -22.66 -20.31
C LEU B 219 7.02 -22.10 -21.22
N VAL B 220 8.08 -22.86 -21.42
CA VAL B 220 9.15 -22.44 -22.31
C VAL B 220 9.54 -23.61 -23.18
N LEU B 221 10.07 -23.29 -24.36
CA LEU B 221 10.50 -24.30 -25.31
C LEU B 221 11.81 -23.87 -25.94
N GLN B 222 12.86 -24.63 -25.70
CA GLN B 222 14.13 -24.30 -26.30
C GLN B 222 14.10 -24.87 -27.71
N ILE B 223 14.44 -24.04 -28.69
CA ILE B 223 14.43 -24.48 -30.08
C ILE B 223 15.82 -24.93 -30.50
N SER B 224 15.90 -26.11 -31.11
CA SER B 224 17.17 -26.60 -31.59
C SER B 224 17.05 -26.80 -33.09
N LYS B 225 16.70 -27.99 -33.54
CA LYS B 225 16.61 -28.20 -34.98
C LYS B 225 15.27 -28.73 -35.48
N GLU B 226 14.23 -28.60 -34.66
CA GLU B 226 12.91 -29.06 -35.05
C GLU B 226 12.40 -28.22 -36.22
N SER B 227 11.41 -28.75 -36.93
CA SER B 227 10.82 -28.05 -38.07
C SER B 227 9.69 -27.15 -37.55
N PRO B 228 9.21 -26.22 -38.38
CA PRO B 228 8.12 -25.33 -37.94
C PRO B 228 6.91 -26.14 -37.49
N GLN B 229 6.55 -27.16 -38.27
CA GLN B 229 5.40 -27.98 -37.91
C GLN B 229 5.63 -28.69 -36.57
N GLU B 230 6.84 -29.18 -36.35
CA GLU B 230 7.16 -29.87 -35.10
C GLU B 230 7.04 -28.93 -33.91
N ILE B 231 7.55 -27.71 -34.04
CA ILE B 231 7.45 -26.74 -32.95
C ILE B 231 5.98 -26.46 -32.67
N ALA B 232 5.19 -26.25 -33.73
CA ALA B 232 3.77 -25.99 -33.56
C ALA B 232 3.11 -27.13 -32.81
N ARG B 233 3.52 -28.35 -33.12
CA ARG B 233 2.95 -29.51 -32.45
C ARG B 233 3.36 -29.51 -30.96
N LYS B 234 4.63 -29.25 -30.68
CA LYS B 234 5.09 -29.23 -29.29
C LYS B 234 4.34 -28.18 -28.47
N VAL B 235 4.15 -27.00 -29.05
CA VAL B 235 3.45 -25.91 -28.36
C VAL B 235 2.04 -26.31 -28.01
N GLU B 236 1.34 -26.89 -28.97
CA GLU B 236 -0.03 -27.32 -28.72
C GLU B 236 -0.06 -28.43 -27.68
N GLY B 237 0.95 -29.30 -27.71
CA GLY B 237 1.03 -30.38 -26.75
C GLY B 237 1.16 -29.83 -25.36
N GLN B 238 2.04 -28.85 -25.20
CA GLN B 238 2.26 -28.24 -23.89
C GLN B 238 1.04 -27.49 -23.36
N LEU B 239 0.36 -26.76 -24.24
CA LEU B 239 -0.82 -26.00 -23.84
C LEU B 239 -2.08 -26.84 -23.77
N GLY B 240 -2.10 -27.95 -24.49
CA GLY B 240 -3.29 -28.78 -24.49
C GLY B 240 -4.29 -28.17 -25.47
N CYS B 241 -3.81 -27.20 -26.26
CA CYS B 241 -4.65 -26.53 -27.26
C CYS B 241 -3.77 -25.56 -28.05
N LYS B 242 -4.32 -24.99 -29.11
CA LYS B 242 -3.58 -24.04 -29.93
C LYS B 242 -3.70 -22.64 -29.32
N PRO B 243 -2.60 -21.88 -29.29
CA PRO B 243 -2.70 -20.53 -28.73
C PRO B 243 -3.57 -19.64 -29.62
N GLU B 244 -4.39 -18.78 -29.01
CA GLU B 244 -5.27 -17.89 -29.76
C GLU B 244 -4.48 -16.75 -30.40
N VAL B 245 -3.33 -16.42 -29.79
CA VAL B 245 -2.49 -15.34 -30.27
C VAL B 245 -1.02 -15.75 -30.23
N THR B 246 -0.30 -15.42 -31.29
CA THR B 246 1.13 -15.70 -31.33
C THR B 246 1.78 -14.36 -31.62
N ILE B 247 2.80 -14.01 -30.85
CA ILE B 247 3.52 -12.76 -31.06
C ILE B 247 4.95 -13.14 -31.42
N GLU B 248 5.28 -12.92 -32.69
CA GLU B 248 6.57 -13.26 -33.26
C GLU B 248 7.60 -12.16 -33.02
N CYS B 249 8.58 -12.46 -32.17
CA CYS B 249 9.57 -11.45 -31.83
C CYS B 249 11.00 -11.84 -32.23
N THR B 250 11.13 -12.57 -33.34
CA THR B 250 12.47 -12.97 -33.79
C THR B 250 12.76 -12.49 -35.20
N GLY B 251 11.72 -12.46 -36.04
CA GLY B 251 11.90 -12.04 -37.41
C GLY B 251 12.40 -13.18 -38.27
N ALA B 252 12.59 -14.36 -37.67
CA ALA B 252 13.07 -15.52 -38.42
C ALA B 252 11.95 -16.19 -39.19
N GLU B 253 12.23 -16.52 -40.45
CA GLU B 253 11.25 -17.16 -41.30
C GLU B 253 10.70 -18.46 -40.69
N ALA B 254 11.58 -19.30 -40.14
CA ALA B 254 11.12 -20.55 -39.55
C ALA B 254 10.13 -20.32 -38.40
N SER B 255 10.41 -19.30 -37.60
CA SER B 255 9.55 -18.99 -36.46
C SER B 255 8.19 -18.48 -36.94
N ILE B 256 8.20 -17.66 -37.98
CA ILE B 256 6.95 -17.13 -38.51
C ILE B 256 6.12 -18.30 -39.05
N GLN B 257 6.77 -19.25 -39.72
CA GLN B 257 6.06 -20.41 -40.25
C GLN B 257 5.46 -21.20 -39.09
N ALA B 258 6.22 -21.30 -38.00
CA ALA B 258 5.75 -22.01 -36.82
C ALA B 258 4.52 -21.30 -36.21
N GLY B 259 4.55 -19.97 -36.21
CA GLY B 259 3.43 -19.21 -35.67
C GLY B 259 2.17 -19.48 -36.46
N ILE B 260 2.30 -19.56 -37.79
CA ILE B 260 1.15 -19.84 -38.64
C ILE B 260 0.57 -21.22 -38.33
N TYR B 261 1.43 -22.24 -38.26
CA TYR B 261 0.97 -23.60 -37.97
C TYR B 261 0.41 -23.75 -36.55
N ALA B 262 0.96 -22.99 -35.61
CA ALA B 262 0.51 -23.10 -34.21
C ALA B 262 -0.76 -22.35 -33.82
N THR B 263 -1.01 -21.20 -34.44
CA THR B 263 -2.15 -20.39 -34.06
C THR B 263 -3.52 -20.95 -34.38
N ARG B 264 -4.40 -20.85 -33.39
CA ARG B 264 -5.77 -21.33 -33.48
C ARG B 264 -6.54 -20.62 -34.60
N SER B 265 -7.44 -21.34 -35.26
CA SER B 265 -8.23 -20.74 -36.33
C SER B 265 -8.99 -19.57 -35.77
N GLY B 266 -9.01 -18.47 -36.53
CA GLY B 266 -9.70 -17.28 -36.06
C GLY B 266 -8.83 -16.43 -35.17
N GLY B 267 -7.62 -16.90 -34.89
CA GLY B 267 -6.72 -16.15 -34.02
C GLY B 267 -5.89 -15.11 -34.74
N THR B 268 -4.84 -14.64 -34.05
CA THR B 268 -3.96 -13.62 -34.63
C THR B 268 -2.47 -13.90 -34.42
N LEU B 269 -1.70 -13.68 -35.49
CA LEU B 269 -0.26 -13.80 -35.49
C LEU B 269 0.24 -12.37 -35.66
N VAL B 270 0.94 -11.87 -34.64
CA VAL B 270 1.47 -10.52 -34.67
C VAL B 270 2.96 -10.59 -35.01
N LEU B 271 3.37 -9.83 -36.02
CA LEU B 271 4.77 -9.81 -36.46
C LEU B 271 5.48 -8.58 -35.91
N VAL B 272 6.40 -8.80 -34.96
CA VAL B 272 7.15 -7.71 -34.37
C VAL B 272 8.59 -7.78 -34.88
N GLY B 273 9.18 -8.97 -34.84
CA GLY B 273 10.54 -9.12 -35.32
C GLY B 273 10.74 -8.74 -36.77
N LEU B 274 11.89 -8.15 -37.08
CA LEU B 274 12.23 -7.74 -38.44
C LEU B 274 13.04 -8.82 -39.14
N GLY B 275 12.55 -9.28 -40.29
CA GLY B 275 13.28 -10.29 -41.03
C GLY B 275 13.80 -9.75 -42.33
N SER B 276 13.85 -10.61 -43.35
CA SER B 276 14.32 -10.23 -44.68
C SER B 276 13.20 -9.54 -45.45
N GLU B 277 13.53 -8.98 -46.61
CA GLU B 277 12.55 -8.31 -47.43
C GLU B 277 11.53 -9.29 -47.98
N THR B 279 9.84 -13.31 -47.67
CA THR B 279 9.65 -14.42 -46.78
C THR B 279 8.78 -15.47 -47.46
N THR B 280 9.13 -16.73 -47.28
CA THR B 280 8.34 -17.81 -47.86
C THR B 280 7.58 -18.42 -46.69
N VAL B 281 6.25 -18.38 -46.78
CA VAL B 281 5.42 -18.87 -45.70
C VAL B 281 4.16 -19.57 -46.17
N PRO B 282 3.57 -20.41 -45.31
CA PRO B 282 2.34 -21.11 -45.68
C PRO B 282 1.19 -20.12 -45.50
N LEU B 283 1.16 -19.10 -46.36
CA LEU B 283 0.13 -18.08 -46.32
C LEU B 283 -1.27 -18.68 -46.36
N LEU B 284 -1.47 -19.63 -47.26
CA LEU B 284 -2.75 -20.31 -47.41
C LEU B 284 -3.25 -20.90 -46.10
N HIS B 285 -2.35 -21.58 -45.39
CA HIS B 285 -2.72 -22.21 -44.12
C HIS B 285 -3.30 -21.18 -43.14
N ALA B 286 -2.75 -19.97 -43.12
CA ALA B 286 -3.27 -18.95 -42.22
C ALA B 286 -4.57 -18.37 -42.74
N ALA B 287 -4.56 -17.92 -43.99
CA ALA B 287 -5.72 -17.29 -44.60
C ALA B 287 -6.97 -18.15 -44.57
N ILE B 288 -6.82 -19.42 -44.94
CA ILE B 288 -7.98 -20.30 -44.99
C ILE B 288 -8.58 -20.63 -43.63
N ARG B 289 -7.85 -20.37 -42.54
CA ARG B 289 -8.36 -20.62 -41.19
C ARG B 289 -8.64 -19.27 -40.49
N GLU B 290 -8.62 -18.20 -41.28
CA GLU B 290 -8.82 -16.84 -40.78
C GLU B 290 -7.91 -16.50 -39.60
N VAL B 291 -6.64 -16.87 -39.74
CA VAL B 291 -5.65 -16.53 -38.74
C VAL B 291 -5.10 -15.22 -39.31
N ASP B 292 -5.39 -14.10 -38.64
CA ASP B 292 -4.91 -12.82 -39.12
C ASP B 292 -3.43 -12.63 -38.89
N ILE B 293 -2.78 -11.97 -39.84
CA ILE B 293 -1.35 -11.69 -39.73
C ILE B 293 -1.25 -10.17 -39.64
N LYS B 294 -0.94 -9.68 -38.44
CA LYS B 294 -0.85 -8.24 -38.21
C LYS B 294 0.54 -7.81 -37.81
N GLY B 295 1.01 -6.73 -38.44
CA GLY B 295 2.32 -6.21 -38.14
C GLY B 295 2.27 -5.12 -37.10
N VAL B 296 3.45 -4.75 -36.63
CA VAL B 296 3.61 -3.71 -35.63
C VAL B 296 4.66 -2.72 -36.09
N PHE B 297 4.38 -1.42 -35.96
CA PHE B 297 5.38 -0.42 -36.28
C PHE B 297 5.50 0.45 -35.03
N ARG B 298 6.38 0.02 -34.15
CA ARG B 298 6.64 0.66 -32.88
C ARG B 298 5.44 0.70 -31.95
N TYR B 299 4.73 1.82 -31.89
CA TYR B 299 3.62 1.93 -30.96
C TYR B 299 2.93 3.28 -31.05
N CYS B 300 1.75 3.37 -30.45
CA CYS B 300 1.03 4.64 -30.36
C CYS B 300 0.14 4.57 -29.12
N ASN B 301 0.04 5.68 -28.40
CA ASN B 301 -0.80 5.78 -27.21
C ASN B 301 -0.52 4.76 -26.12
N THR B 302 0.76 4.58 -25.77
CA THR B 302 1.14 3.60 -24.75
C THR B 302 1.81 4.18 -23.50
N TRP B 303 2.33 5.40 -23.58
CA TRP B 303 3.03 5.96 -22.42
C TRP B 303 2.18 6.15 -21.17
N PRO B 304 1.02 6.81 -21.28
CA PRO B 304 0.19 7.00 -20.08
C PRO B 304 -0.20 5.66 -19.45
N VAL B 305 -0.54 4.68 -20.29
CA VAL B 305 -0.90 3.36 -19.80
C VAL B 305 0.29 2.68 -19.12
N ALA B 306 1.45 2.73 -19.76
CA ALA B 306 2.64 2.10 -19.17
C ALA B 306 2.94 2.75 -17.82
N ILE B 307 2.83 4.07 -17.75
CA ILE B 307 3.09 4.78 -16.51
C ILE B 307 2.08 4.36 -15.44
N SER B 308 0.82 4.15 -15.82
CA SER B 308 -0.16 3.72 -14.84
C SER B 308 0.14 2.32 -14.32
N LEU B 310 3.11 0.89 -14.14
CA LEU B 310 4.31 0.96 -13.30
C LEU B 310 4.00 1.60 -11.95
N ALA B 311 3.23 2.69 -11.98
CA ALA B 311 2.87 3.40 -10.77
C ALA B 311 2.01 2.54 -9.84
N SER B 312 1.21 1.65 -10.41
CA SER B 312 0.34 0.80 -9.61
C SER B 312 1.02 -0.52 -9.29
N LYS B 313 2.26 -0.66 -9.72
CA LYS B 313 3.03 -1.88 -9.48
C LYS B 313 2.33 -3.08 -10.09
N SER B 314 1.69 -2.89 -11.24
CA SER B 314 0.97 -3.97 -11.91
C SER B 314 1.92 -4.80 -12.77
N VAL B 315 3.11 -4.27 -13.02
CA VAL B 315 4.09 -4.97 -13.84
C VAL B 315 5.49 -4.62 -13.31
N ASN B 316 6.41 -5.57 -13.39
CA ASN B 316 7.76 -5.34 -12.88
C ASN B 316 8.79 -5.55 -13.98
N VAL B 317 9.32 -4.45 -14.49
CA VAL B 317 10.31 -4.52 -15.56
C VAL B 317 11.74 -4.44 -15.04
N LYS B 318 11.89 -4.11 -13.77
CA LYS B 318 13.23 -3.98 -13.18
C LYS B 318 14.16 -5.16 -13.42
N PRO B 319 13.64 -6.40 -13.33
CA PRO B 319 14.48 -7.58 -13.55
C PRO B 319 15.13 -7.62 -14.94
N LEU B 320 14.63 -6.82 -15.87
CA LEU B 320 15.18 -6.79 -17.22
C LEU B 320 16.57 -6.12 -17.28
N VAL B 321 16.83 -5.20 -16.37
CA VAL B 321 18.12 -4.51 -16.35
C VAL B 321 19.22 -5.38 -15.75
N THR B 322 20.23 -5.70 -16.56
CA THR B 322 21.33 -6.53 -16.08
C THR B 322 22.66 -5.77 -15.91
N HIS B 323 22.77 -4.59 -16.52
N HIS B 323 22.76 -4.59 -16.49
CA HIS B 323 23.99 -3.78 -16.42
CA HIS B 323 23.99 -3.80 -16.38
C HIS B 323 23.67 -2.29 -16.52
C HIS B 323 23.73 -2.31 -16.58
N ARG B 324 24.53 -1.47 -15.95
CA ARG B 324 24.41 -0.02 -16.06
C ARG B 324 25.82 0.58 -16.12
N PHE B 325 26.01 1.54 -17.02
CA PHE B 325 27.30 2.20 -17.24
C PHE B 325 27.08 3.70 -17.40
N PRO B 326 28.08 4.51 -17.01
CA PRO B 326 27.90 5.96 -17.18
C PRO B 326 28.03 6.17 -18.69
N LEU B 327 27.47 7.26 -19.19
CA LEU B 327 27.55 7.56 -20.63
C LEU B 327 28.96 7.44 -21.20
N GLU B 328 29.95 7.88 -20.42
CA GLU B 328 31.34 7.85 -20.83
C GLU B 328 31.88 6.47 -21.15
N LYS B 329 31.24 5.44 -20.59
CA LYS B 329 31.66 4.07 -20.85
C LYS B 329 30.75 3.42 -21.91
N ALA B 330 30.19 4.24 -22.79
CA ALA B 330 29.30 3.74 -23.84
C ALA B 330 29.95 2.69 -24.72
N LEU B 331 31.23 2.86 -25.07
CA LEU B 331 31.88 1.86 -25.91
C LEU B 331 31.88 0.51 -25.22
N GLU B 332 32.33 0.51 -23.98
CA GLU B 332 32.36 -0.71 -23.18
C GLU B 332 30.96 -1.33 -23.11
N ALA B 333 29.94 -0.49 -22.94
CA ALA B 333 28.55 -0.93 -22.87
C ALA B 333 28.09 -1.59 -24.17
N PHE B 334 28.46 -1.01 -25.31
CA PHE B 334 28.08 -1.58 -26.60
C PHE B 334 28.80 -2.89 -26.87
N GLU B 335 30.05 -2.99 -26.45
CA GLU B 335 30.81 -4.22 -26.65
C GLU B 335 30.21 -5.29 -25.76
N THR B 336 29.68 -4.88 -24.61
CA THR B 336 29.07 -5.82 -23.69
C THR B 336 27.79 -6.34 -24.34
N PHE B 337 27.03 -5.44 -24.96
CA PHE B 337 25.79 -5.81 -25.65
C PHE B 337 26.13 -6.88 -26.68
N LYS B 338 27.17 -6.64 -27.47
CA LYS B 338 27.57 -7.61 -28.49
C LYS B 338 27.95 -8.98 -27.94
N LYS B 339 28.48 -9.01 -26.72
CA LYS B 339 28.88 -10.27 -26.12
C LYS B 339 27.69 -11.21 -25.96
N GLY B 340 26.49 -10.66 -25.97
CA GLY B 340 25.30 -11.49 -25.87
C GLY B 340 24.81 -11.91 -24.50
N LEU B 341 25.63 -11.77 -23.47
CA LEU B 341 25.16 -12.15 -22.15
C LEU B 341 24.50 -10.91 -21.56
N GLY B 342 23.52 -11.12 -20.68
CA GLY B 342 22.83 -10.00 -20.10
C GLY B 342 21.61 -9.70 -20.96
N LEU B 343 20.83 -8.70 -20.56
CA LEU B 343 19.63 -8.36 -21.31
C LEU B 343 19.63 -6.85 -21.59
N LYS B 344 18.96 -6.08 -20.73
CA LYS B 344 18.91 -4.64 -20.92
C LYS B 344 20.06 -3.92 -20.23
N ILE B 345 20.80 -3.15 -21.02
CA ILE B 345 21.92 -2.37 -20.52
C ILE B 345 21.52 -0.89 -20.48
N LEU B 347 22.48 3.18 -19.85
CA LEU B 347 23.55 4.18 -19.91
C LEU B 347 23.05 5.34 -19.05
N LYS B 348 23.91 5.80 -18.15
CA LYS B 348 23.59 6.87 -17.20
C LYS B 348 24.26 8.16 -17.61
N CYS B 349 23.45 9.10 -18.08
CA CYS B 349 23.91 10.37 -18.62
C CYS B 349 24.05 11.57 -17.69
N ASP B 350 23.52 11.47 -16.48
CA ASP B 350 23.58 12.59 -15.55
C ASP B 350 24.61 12.35 -14.45
N PRO B 351 25.77 13.02 -14.52
CA PRO B 351 26.81 12.84 -13.50
C PRO B 351 26.34 13.10 -12.06
N SER B 352 25.32 13.91 -11.87
CA SER B 352 24.86 14.20 -10.51
C SER B 352 23.96 13.11 -9.91
N ASP B 353 23.57 12.13 -10.72
CA ASP B 353 22.70 11.06 -10.23
C ASP B 353 22.84 9.84 -11.13
N GLN B 354 23.62 8.87 -10.67
CA GLN B 354 23.87 7.64 -11.41
C GLN B 354 23.03 6.46 -10.89
N ASN B 355 22.07 6.74 -10.02
CA ASN B 355 21.22 5.68 -9.48
C ASN B 355 20.07 5.33 -10.42
N PRO B 356 19.43 4.16 -10.19
CA PRO B 356 18.30 3.69 -11.00
C PRO B 356 17.23 4.78 -11.13
N ALA C 1 -12.50 -50.66 13.59
CA ALA C 1 -11.97 -49.76 14.65
C ALA C 1 -12.30 -48.30 14.34
N ALA C 2 -12.36 -47.47 15.39
CA ALA C 2 -12.67 -46.05 15.23
C ALA C 2 -11.48 -45.25 14.70
N ALA C 3 -11.76 -44.06 14.16
CA ALA C 3 -10.71 -43.21 13.63
C ALA C 3 -9.69 -42.88 14.73
N ALA C 4 -8.44 -42.66 14.32
CA ALA C 4 -7.40 -42.31 15.29
C ALA C 4 -7.76 -40.94 15.88
N LYS C 5 -7.55 -40.80 17.19
CA LYS C 5 -7.84 -39.54 17.86
C LYS C 5 -6.65 -38.62 17.69
N PRO C 6 -6.85 -37.32 17.89
CA PRO C 6 -5.71 -36.40 17.74
C PRO C 6 -4.75 -36.60 18.90
N ASN C 7 -3.55 -36.04 18.82
CA ASN C 7 -2.59 -36.19 19.90
C ASN C 7 -2.24 -34.81 20.47
N ASN C 8 -1.60 -34.79 21.62
CA ASN C 8 -1.18 -33.51 22.20
C ASN C 8 0.23 -33.64 22.74
N LEU C 9 1.16 -33.94 21.83
CA LEU C 9 2.57 -34.06 22.19
C LEU C 9 2.94 -32.70 22.81
N SER C 10 3.64 -32.73 23.93
CA SER C 10 4.02 -31.53 24.65
C SER C 10 5.49 -31.60 25.08
N LEU C 11 6.12 -30.44 25.21
CA LEU C 11 7.52 -30.39 25.65
C LEU C 11 7.44 -30.11 27.15
N VAL C 12 7.95 -31.06 27.92
CA VAL C 12 7.86 -30.99 29.37
C VAL C 12 9.17 -31.05 30.14
N VAL C 13 9.26 -30.23 31.18
N VAL C 13 9.28 -30.22 31.17
CA VAL C 13 10.45 -30.22 32.03
CA VAL C 13 10.47 -30.22 32.02
C VAL C 13 10.03 -30.96 33.31
C VAL C 13 10.08 -30.92 33.32
N HIS C 14 10.77 -32.01 33.65
CA HIS C 14 10.46 -32.79 34.85
C HIS C 14 11.36 -32.39 36.02
N GLY C 15 12.49 -31.79 35.69
CA GLY C 15 13.45 -31.36 36.68
C GLY C 15 14.69 -30.90 35.96
N PRO C 16 15.73 -30.49 36.70
CA PRO C 16 16.98 -30.02 36.08
C PRO C 16 17.52 -31.00 35.04
N GLY C 17 17.80 -30.50 33.85
CA GLY C 17 18.32 -31.34 32.79
C GLY C 17 17.42 -32.50 32.35
N ASP C 18 16.13 -32.44 32.66
CA ASP C 18 15.21 -33.52 32.28
C ASP C 18 14.04 -32.96 31.45
N LEU C 19 14.24 -32.91 30.14
CA LEU C 19 13.27 -32.40 29.18
C LEU C 19 12.70 -33.57 28.38
N ARG C 20 11.39 -33.62 28.20
CA ARG C 20 10.78 -34.72 27.46
C ARG C 20 9.64 -34.30 26.57
N LEU C 21 9.44 -35.08 25.50
CA LEU C 21 8.33 -34.87 24.60
C LEU C 21 7.36 -35.96 25.03
N GLU C 22 6.17 -35.60 25.47
CA GLU C 22 5.22 -36.59 25.92
C GLU C 22 3.79 -36.18 25.60
N ASN C 23 2.91 -37.16 25.48
CA ASN C 23 1.54 -36.85 25.15
C ASN C 23 0.67 -36.46 26.32
N TYR C 24 -0.18 -35.45 26.11
CA TYR C 24 -1.09 -34.96 27.14
C TYR C 24 -2.52 -35.10 26.64
N PRO C 25 -3.50 -35.01 27.55
CA PRO C 25 -4.90 -35.13 27.14
C PRO C 25 -5.20 -33.86 26.34
N ILE C 26 -6.24 -33.89 25.53
CA ILE C 26 -6.61 -32.71 24.78
C ILE C 26 -7.52 -31.90 25.69
N PRO C 27 -7.19 -30.62 25.95
CA PRO C 27 -8.00 -29.77 26.81
C PRO C 27 -9.40 -29.52 26.27
N GLU C 28 -10.35 -29.26 27.18
CA GLU C 28 -11.73 -28.96 26.81
C GLU C 28 -11.97 -27.52 27.29
N PRO C 29 -12.27 -26.60 26.37
CA PRO C 29 -12.51 -25.21 26.78
C PRO C 29 -13.77 -24.97 27.59
N GLY C 30 -13.64 -24.15 28.62
CA GLY C 30 -14.79 -23.78 29.44
C GLY C 30 -15.56 -22.73 28.65
N PRO C 31 -16.70 -22.25 29.16
CA PRO C 31 -17.53 -21.23 28.49
C PRO C 31 -16.81 -19.98 27.97
N ASN C 32 -15.78 -19.53 28.68
CA ASN C 32 -15.06 -18.33 28.26
C ASN C 32 -13.66 -18.60 27.78
N GLU C 33 -13.43 -19.82 27.30
CA GLU C 33 -12.11 -20.22 26.81
C GLU C 33 -12.21 -20.70 25.37
N VAL C 34 -11.06 -20.79 24.72
CA VAL C 34 -10.99 -21.32 23.36
C VAL C 34 -9.92 -22.41 23.37
N LEU C 35 -10.11 -23.41 22.50
CA LEU C 35 -9.11 -24.46 22.36
C LEU C 35 -8.33 -24.03 21.13
N LEU C 36 -7.00 -24.00 21.24
CA LEU C 36 -6.16 -23.59 20.13
C LEU C 36 -5.28 -24.72 19.59
N ARG C 37 -5.16 -24.77 18.27
CA ARG C 37 -4.28 -25.72 17.62
C ARG C 37 -3.01 -24.85 17.51
N HIS C 39 0.52 -23.22 16.72
CA HIS C 39 1.25 -23.11 15.47
C HIS C 39 2.72 -22.77 15.66
N SER C 40 2.99 -21.59 16.21
CA SER C 40 4.36 -21.13 16.41
C SER C 40 4.63 -20.68 17.84
N VAL C 41 5.74 -21.15 18.40
CA VAL C 41 6.13 -20.79 19.75
C VAL C 41 7.60 -20.40 19.77
N GLY C 42 7.90 -19.21 20.26
CA GLY C 42 9.30 -18.79 20.34
C GLY C 42 9.92 -19.30 21.62
N ILE C 43 11.20 -19.62 21.60
CA ILE C 43 11.89 -20.11 22.80
C ILE C 43 12.46 -18.90 23.56
N CYS C 44 12.14 -18.83 24.85
CA CYS C 44 12.62 -17.74 25.69
C CYS C 44 13.69 -18.26 26.64
N GLY C 45 14.64 -17.41 26.99
CA GLY C 45 15.70 -17.80 27.91
C GLY C 45 15.15 -18.40 29.21
N SER C 46 13.96 -17.96 29.61
N SER C 46 13.95 -17.97 29.60
CA SER C 46 13.35 -18.48 30.83
CA SER C 46 13.35 -18.50 30.82
C SER C 46 12.89 -19.93 30.70
C SER C 46 12.94 -19.95 30.68
N ASP C 47 12.41 -20.31 29.52
CA ASP C 47 11.98 -21.69 29.30
C ASP C 47 13.24 -22.55 29.43
N VAL C 48 14.32 -22.09 28.79
CA VAL C 48 15.59 -22.79 28.84
C VAL C 48 16.15 -22.86 30.26
N HIS C 49 15.97 -21.80 31.03
CA HIS C 49 16.46 -21.79 32.40
C HIS C 49 15.76 -22.82 33.29
N TYR C 50 14.45 -23.02 33.09
CA TYR C 50 13.75 -24.02 33.90
C TYR C 50 14.27 -25.41 33.55
N TRP C 51 14.65 -25.59 32.29
CA TRP C 51 15.18 -26.87 31.84
C TRP C 51 16.52 -27.14 32.52
N GLU C 52 17.39 -26.14 32.51
CA GLU C 52 18.72 -26.29 33.08
C GLU C 52 18.78 -26.34 34.60
N TYR C 53 18.05 -25.45 35.26
CA TYR C 53 18.08 -25.40 36.72
C TYR C 53 16.84 -25.88 37.43
N GLY C 54 15.75 -26.07 36.68
CA GLY C 54 14.51 -26.54 37.30
C GLY C 54 13.80 -25.48 38.12
N ARG C 55 14.26 -24.23 38.00
CA ARG C 55 13.69 -23.12 38.75
C ARG C 55 14.26 -21.79 38.30
N ILE C 56 13.62 -20.72 38.76
CA ILE C 56 14.06 -19.35 38.54
C ILE C 56 13.65 -18.70 39.85
N GLY C 57 14.64 -18.37 40.68
CA GLY C 57 14.34 -17.76 41.97
C GLY C 57 13.54 -18.75 42.79
N ASN C 58 12.44 -18.30 43.38
CA ASN C 58 11.61 -19.19 44.17
C ASN C 58 10.50 -19.84 43.37
N PHE C 59 10.59 -19.73 42.05
CA PHE C 59 9.60 -20.37 41.18
C PHE C 59 10.26 -21.66 40.75
N ILE C 60 9.86 -22.75 41.39
CA ILE C 60 10.44 -24.04 41.10
C ILE C 60 9.45 -25.03 40.52
N VAL C 61 9.95 -25.83 39.58
CA VAL C 61 9.15 -26.85 38.95
C VAL C 61 9.06 -27.99 39.97
N LYS C 62 7.94 -28.07 40.67
CA LYS C 62 7.75 -29.09 41.69
C LYS C 62 7.13 -30.34 41.07
N LYS C 63 6.40 -30.15 39.97
CA LYS C 63 5.79 -31.25 39.24
C LYS C 63 6.05 -30.91 37.77
N PRO C 64 6.12 -31.93 36.90
CA PRO C 64 6.38 -31.70 35.46
C PRO C 64 5.56 -30.56 34.87
N VAL C 66 4.77 -28.06 31.31
CA VAL C 66 4.88 -27.85 29.87
C VAL C 66 5.50 -26.48 29.68
N LEU C 67 6.52 -26.39 28.84
CA LEU C 67 7.19 -25.13 28.57
C LEU C 67 6.48 -24.33 27.49
N GLY C 68 7.01 -23.14 27.21
CA GLY C 68 6.46 -22.29 26.17
C GLY C 68 5.47 -21.21 26.56
N HIS C 69 5.70 -19.98 26.11
CA HIS C 69 4.79 -18.88 26.41
C HIS C 69 4.75 -17.74 25.39
N GLU C 70 5.59 -17.78 24.35
CA GLU C 70 5.59 -16.74 23.31
C GLU C 70 4.93 -17.42 22.12
N ALA C 71 3.61 -17.32 22.00
CA ALA C 71 2.96 -18.09 20.94
C ALA C 71 1.77 -17.54 20.18
N SER C 72 1.44 -18.27 19.10
CA SER C 72 0.30 -17.98 18.26
C SER C 72 -0.28 -19.34 17.82
N GLY C 73 -1.52 -19.34 17.36
CA GLY C 73 -2.14 -20.57 16.93
C GLY C 73 -3.46 -20.33 16.22
N THR C 74 -4.19 -21.40 15.96
CA THR C 74 -5.46 -21.31 15.28
C THR C 74 -6.57 -21.79 16.20
N VAL C 75 -7.67 -21.05 16.25
CA VAL C 75 -8.78 -21.44 17.09
C VAL C 75 -9.39 -22.72 16.52
N GLU C 76 -9.46 -23.75 17.37
CA GLU C 76 -10.00 -25.03 16.97
C GLU C 76 -11.45 -25.15 17.44
N LYS C 77 -11.72 -24.68 18.65
CA LYS C 77 -13.05 -24.76 19.24
C LYS C 77 -13.24 -23.62 20.25
N VAL C 78 -14.46 -23.10 20.36
CA VAL C 78 -14.73 -22.00 21.29
C VAL C 78 -15.77 -22.35 22.35
N GLY C 79 -15.61 -21.79 23.55
CA GLY C 79 -16.55 -22.03 24.63
C GLY C 79 -17.89 -21.40 24.32
N SER C 80 -18.93 -21.84 25.03
CA SER C 80 -20.28 -21.33 24.80
C SER C 80 -20.51 -19.83 24.98
N SER C 81 -19.67 -19.17 25.76
CA SER C 81 -19.85 -17.74 25.96
C SER C 81 -18.95 -16.89 25.07
N VAL C 82 -18.11 -17.54 24.25
CA VAL C 82 -17.19 -16.81 23.38
C VAL C 82 -17.87 -16.31 22.12
N LYS C 83 -17.75 -15.01 21.86
CA LYS C 83 -18.38 -14.40 20.69
C LYS C 83 -17.44 -13.69 19.73
N HIS C 84 -16.26 -13.30 20.20
CA HIS C 84 -15.33 -12.57 19.34
C HIS C 84 -14.35 -13.42 18.53
N LEU C 85 -14.35 -14.72 18.76
CA LEU C 85 -13.47 -15.62 18.03
C LEU C 85 -14.27 -16.81 17.52
N LYS C 86 -13.84 -17.40 16.42
CA LYS C 86 -14.53 -18.55 15.84
C LYS C 86 -13.52 -19.55 15.31
N PRO C 87 -13.92 -20.82 15.16
CA PRO C 87 -13.00 -21.85 14.66
C PRO C 87 -12.35 -21.36 13.37
N GLY C 88 -11.04 -21.55 13.26
CA GLY C 88 -10.34 -21.12 12.07
C GLY C 88 -9.60 -19.80 12.26
N ASP C 89 -9.99 -19.02 13.26
CA ASP C 89 -9.32 -17.74 13.49
C ASP C 89 -7.87 -17.91 13.89
N ARG C 90 -7.00 -17.11 13.29
CA ARG C 90 -5.59 -17.13 13.61
C ARG C 90 -5.43 -16.14 14.77
N VAL C 91 -4.80 -16.56 15.86
CA VAL C 91 -4.65 -15.68 17.02
C VAL C 91 -3.28 -15.65 17.68
N ALA C 92 -2.99 -14.52 18.30
CA ALA C 92 -1.76 -14.34 19.06
C ALA C 92 -2.23 -14.57 20.50
N ILE C 93 -1.46 -15.30 21.27
CA ILE C 93 -1.83 -15.62 22.65
C ILE C 93 -1.10 -14.77 23.69
N GLU C 94 -1.83 -14.03 24.52
CA GLU C 94 -1.20 -13.25 25.59
C GLU C 94 -1.20 -14.24 26.77
N PRO C 95 -0.01 -14.72 27.18
CA PRO C 95 0.14 -15.70 28.26
C PRO C 95 -0.32 -15.42 29.69
N GLY C 96 -0.41 -14.15 30.08
CA GLY C 96 -0.83 -13.85 31.43
C GLY C 96 -2.31 -13.54 31.44
N ALA C 97 -3.11 -14.40 32.08
CA ALA C 97 -4.55 -14.22 32.16
C ALA C 97 -4.96 -14.22 33.63
N PRO C 98 -5.47 -13.08 34.13
CA PRO C 98 -5.90 -12.94 35.53
C PRO C 98 -6.95 -13.97 35.91
N ARG C 99 -6.83 -14.54 37.10
CA ARG C 99 -7.84 -15.49 37.55
C ARG C 99 -8.97 -14.76 38.28
N GLU C 100 -8.70 -13.58 38.81
CA GLU C 100 -9.76 -12.83 39.49
C GLU C 100 -9.69 -11.34 39.22
N ASN C 101 -10.85 -10.71 39.21
CA ASN C 101 -10.93 -9.29 38.95
C ASN C 101 -10.60 -8.52 40.23
N ASP C 102 -9.34 -8.52 40.62
CA ASP C 102 -8.92 -7.82 41.84
C ASP C 102 -8.65 -6.35 41.56
N GLU C 103 -8.14 -5.64 42.55
CA GLU C 103 -7.89 -4.22 42.37
C GLU C 103 -6.86 -3.92 41.29
N PHE C 104 -5.90 -4.82 41.10
CA PHE C 104 -4.89 -4.62 40.06
C PHE C 104 -5.54 -4.67 38.68
N CYS C 105 -6.46 -5.60 38.48
CA CYS C 105 -7.15 -5.70 37.20
C CYS C 105 -8.04 -4.49 37.01
N LYS C 106 -8.83 -4.17 38.02
CA LYS C 106 -9.73 -3.03 37.91
C LYS C 106 -9.02 -1.73 37.61
N GLY C 108 -6.38 -1.33 35.89
CA GLY C 108 -5.69 -1.36 34.61
C GLY C 108 -4.28 -1.93 34.61
N ARG C 109 -3.87 -2.56 35.70
CA ARG C 109 -2.53 -3.14 35.79
C ARG C 109 -2.62 -4.61 36.15
N TYR C 110 -3.38 -5.35 35.35
CA TYR C 110 -3.60 -6.77 35.60
C TYR C 110 -2.33 -7.60 35.66
N ASN C 111 -1.23 -7.10 35.10
CA ASN C 111 0.02 -7.87 35.15
C ASN C 111 0.50 -8.04 36.58
N LEU C 112 0.04 -7.17 37.47
CA LEU C 112 0.43 -7.23 38.88
C LEU C 112 -0.53 -8.07 39.75
N SER C 113 -1.59 -8.61 39.15
CA SER C 113 -2.55 -9.42 39.91
C SER C 113 -1.77 -10.61 40.46
N PRO C 114 -1.72 -10.76 41.80
CA PRO C 114 -0.99 -11.87 42.45
C PRO C 114 -1.36 -13.28 42.02
N SER C 115 -2.62 -13.50 41.70
CA SER C 115 -3.08 -14.84 41.33
C SER C 115 -3.19 -15.04 39.82
N ILE C 116 -2.44 -14.26 39.06
CA ILE C 116 -2.54 -14.38 37.61
C ILE C 116 -2.01 -15.72 37.10
N PHE C 117 -2.63 -16.22 36.05
CA PHE C 117 -2.18 -17.46 35.41
C PHE C 117 -1.14 -17.00 34.38
N PHE C 118 0.00 -17.70 34.27
CA PHE C 118 0.99 -17.32 33.27
C PHE C 118 1.71 -18.55 32.71
N CYS C 119 1.52 -18.78 31.40
CA CYS C 119 2.13 -19.91 30.72
C CYS C 119 3.59 -20.16 31.06
N ALA C 120 3.89 -21.40 31.46
CA ALA C 120 5.25 -21.84 31.74
C ALA C 120 6.01 -21.24 32.92
N THR C 121 5.29 -20.64 33.87
CA THR C 121 5.94 -20.14 35.09
C THR C 121 5.26 -21.09 36.09
N PRO C 122 6.02 -21.98 36.75
CA PRO C 122 5.39 -22.91 37.69
C PRO C 122 4.40 -22.26 38.66
N PRO C 123 3.28 -22.94 38.93
CA PRO C 123 2.90 -24.25 38.41
C PRO C 123 2.00 -24.22 37.17
N ASP C 124 2.04 -23.15 36.38
CA ASP C 124 1.17 -23.08 35.21
C ASP C 124 1.80 -23.64 33.95
N ASP C 125 1.15 -24.64 33.35
CA ASP C 125 1.67 -25.26 32.14
C ASP C 125 1.67 -24.31 30.96
N GLY C 126 2.73 -24.37 30.17
CA GLY C 126 2.88 -23.54 29.00
C GLY C 126 2.18 -24.06 27.75
N ASN C 127 2.53 -23.51 26.60
CA ASN C 127 1.87 -23.92 25.38
C ASN C 127 2.70 -24.54 24.25
N LEU C 128 3.82 -25.16 24.58
CA LEU C 128 4.63 -25.85 23.57
C LEU C 128 4.02 -27.24 23.46
N CYS C 129 2.95 -27.32 22.68
CA CYS C 129 2.21 -28.57 22.52
C CYS C 129 1.33 -28.43 21.28
N ARG C 130 0.47 -29.42 21.03
CA ARG C 130 -0.42 -29.39 19.87
C ARG C 130 -1.71 -28.61 20.15
N PHE C 131 -2.33 -28.90 21.29
CA PHE C 131 -3.58 -28.27 21.66
C PHE C 131 -3.51 -27.64 23.05
N TYR C 132 -4.00 -26.41 23.13
CA TYR C 132 -3.92 -25.61 24.35
C TYR C 132 -5.16 -24.74 24.51
N LYS C 133 -5.71 -24.67 25.73
CA LYS C 133 -6.89 -23.84 25.95
C LYS C 133 -6.48 -22.58 26.72
N HIS C 134 -7.20 -21.49 26.50
CA HIS C 134 -6.82 -20.23 27.13
C HIS C 134 -8.03 -19.31 27.21
N ASN C 135 -8.02 -18.41 28.19
CA ASN C 135 -9.11 -17.45 28.34
C ASN C 135 -9.26 -16.69 27.02
N ALA C 136 -10.48 -16.69 26.49
CA ALA C 136 -10.73 -16.05 25.21
C ALA C 136 -10.41 -14.56 25.14
N ALA C 137 -10.51 -13.87 26.27
CA ALA C 137 -10.22 -12.44 26.26
C ALA C 137 -8.74 -12.20 25.99
N PHE C 138 -7.92 -13.23 26.15
CA PHE C 138 -6.48 -13.07 25.94
C PHE C 138 -5.92 -13.74 24.71
N CYS C 139 -6.80 -14.00 23.74
CA CYS C 139 -6.42 -14.56 22.45
C CYS C 139 -6.88 -13.46 21.50
N TYR C 140 -5.95 -12.92 20.71
CA TYR C 140 -6.26 -11.82 19.80
C TYR C 140 -6.15 -12.21 18.35
N LYS C 141 -7.18 -11.89 17.58
CA LYS C 141 -7.21 -12.24 16.18
C LYS C 141 -6.12 -11.52 15.39
N LEU C 142 -5.41 -12.28 14.55
CA LEU C 142 -4.35 -11.72 13.72
C LEU C 142 -4.89 -11.32 12.35
N PRO C 143 -4.44 -10.17 11.82
CA PRO C 143 -4.87 -9.72 10.50
C PRO C 143 -4.24 -10.69 9.51
N ASP C 144 -4.80 -10.80 8.31
CA ASP C 144 -4.25 -11.70 7.31
C ASP C 144 -2.81 -11.36 6.91
N ASN C 145 -2.44 -10.08 7.00
CA ASN C 145 -1.09 -9.68 6.62
C ASN C 145 -0.06 -9.77 7.74
N VAL C 146 -0.40 -10.47 8.80
CA VAL C 146 0.52 -10.68 9.92
C VAL C 146 0.70 -12.20 10.09
N THR C 147 1.94 -12.66 10.04
CA THR C 147 2.21 -14.10 10.13
C THR C 147 2.12 -14.68 11.52
N PHE C 148 2.08 -16.01 11.59
CA PHE C 148 2.03 -16.71 12.86
C PHE C 148 3.27 -16.40 13.68
N GLU C 149 4.43 -16.34 13.04
CA GLU C 149 5.66 -16.07 13.76
C GLU C 149 5.68 -14.64 14.30
N GLU C 150 5.12 -13.70 13.56
CA GLU C 150 5.05 -12.33 14.05
C GLU C 150 4.08 -12.34 15.25
N GLY C 151 3.04 -13.16 15.17
CA GLY C 151 2.10 -13.26 16.27
C GLY C 151 2.79 -13.77 17.53
N ALA C 152 3.69 -14.73 17.36
CA ALA C 152 4.44 -15.29 18.48
C ALA C 152 5.42 -14.25 19.02
N LEU C 153 5.99 -13.44 18.12
CA LEU C 153 6.94 -12.41 18.52
C LEU C 153 6.29 -11.22 19.27
N ILE C 154 4.97 -11.15 19.29
CA ILE C 154 4.29 -10.08 20.01
C ILE C 154 4.61 -10.18 21.51
N GLU C 155 4.83 -11.39 22.00
CA GLU C 155 5.13 -11.60 23.41
C GLU C 155 6.42 -10.87 23.82
N PRO C 156 7.56 -11.18 23.18
CA PRO C 156 8.76 -10.44 23.60
C PRO C 156 8.65 -8.97 23.21
N LEU C 157 8.02 -8.69 22.08
CA LEU C 157 7.85 -7.30 21.65
C LEU C 157 7.12 -6.49 22.74
N SER C 158 6.13 -7.12 23.38
CA SER C 158 5.34 -6.47 24.43
C SER C 158 6.17 -6.09 25.66
N VAL C 159 7.24 -6.83 25.91
CA VAL C 159 8.12 -6.50 27.03
C VAL C 159 8.76 -5.16 26.64
N GLY C 160 9.14 -5.05 25.36
CA GLY C 160 9.74 -3.82 24.89
C GLY C 160 8.75 -2.66 24.93
N ILE C 161 7.51 -2.92 24.55
CA ILE C 161 6.50 -1.87 24.57
C ILE C 161 6.25 -1.41 26.01
N HIS C 162 6.08 -2.37 26.91
CA HIS C 162 5.84 -2.04 28.32
C HIS C 162 7.01 -1.27 28.91
N ALA C 163 8.23 -1.71 28.60
CA ALA C 163 9.42 -1.02 29.11
C ALA C 163 9.53 0.42 28.60
N CYS C 164 9.29 0.63 27.30
CA CYS C 164 9.36 1.99 26.76
C CYS C 164 8.27 2.87 27.34
N ARG C 165 7.09 2.28 27.54
CA ARG C 165 6.00 3.06 28.13
C ARG C 165 6.39 3.47 29.54
N ARG C 166 6.90 2.51 30.31
CA ARG C 166 7.29 2.78 31.69
C ARG C 166 8.45 3.79 31.75
N GLY C 167 9.26 3.83 30.70
CA GLY C 167 10.38 4.76 30.63
C GLY C 167 9.95 6.14 30.13
N GLY C 168 8.75 6.23 29.57
CA GLY C 168 8.27 7.50 29.05
C GLY C 168 8.92 7.87 27.73
N VAL C 169 9.41 6.87 27.01
CA VAL C 169 10.06 7.12 25.73
C VAL C 169 9.11 7.85 24.78
N THR C 170 9.59 8.93 24.19
CA THR C 170 8.72 9.64 23.29
C THR C 170 9.51 10.39 22.21
N LEU C 171 8.80 11.15 21.40
CA LEU C 171 9.38 11.91 20.30
C LEU C 171 10.68 12.66 20.61
N GLY C 172 11.71 12.39 19.81
CA GLY C 172 12.98 13.07 20.00
C GLY C 172 13.94 12.59 21.06
N HIS C 173 13.53 11.63 21.86
CA HIS C 173 14.38 11.12 22.93
C HIS C 173 15.68 10.45 22.50
N LYS C 174 16.67 10.54 23.38
CA LYS C 174 17.96 9.90 23.20
C LYS C 174 17.81 8.78 24.22
N VAL C 175 17.89 7.54 23.75
CA VAL C 175 17.70 6.39 24.62
C VAL C 175 18.88 5.45 24.65
N LEU C 176 19.21 4.97 25.85
CA LEU C 176 20.28 4.01 26.01
C LEU C 176 19.67 2.65 26.33
N VAL C 177 19.97 1.65 25.51
CA VAL C 177 19.47 0.30 25.78
C VAL C 177 20.69 -0.54 26.16
N CYS C 178 20.70 -1.07 27.38
CA CYS C 178 21.81 -1.90 27.83
C CYS C 178 21.49 -3.34 27.54
N GLY C 179 22.27 -3.97 26.66
CA GLY C 179 22.02 -5.36 26.30
C GLY C 179 21.40 -5.51 24.91
N ALA C 180 21.99 -6.38 24.10
CA ALA C 180 21.49 -6.62 22.75
C ALA C 180 20.94 -8.03 22.57
N GLY C 181 20.34 -8.56 23.63
CA GLY C 181 19.73 -9.87 23.57
C GLY C 181 18.38 -9.61 22.91
N PRO C 182 17.52 -10.61 22.75
CA PRO C 182 16.24 -10.34 22.11
C PRO C 182 15.41 -9.25 22.79
N ILE C 183 15.56 -9.11 24.10
CA ILE C 183 14.77 -8.12 24.82
C ILE C 183 15.30 -6.72 24.51
N GLY C 184 16.62 -6.57 24.51
CA GLY C 184 17.19 -5.28 24.18
C GLY C 184 16.84 -4.93 22.74
N VAL C 186 14.08 -5.91 20.86
CA VAL C 186 12.70 -5.47 20.67
C VAL C 186 12.52 -4.09 21.32
N THR C 187 13.26 -3.83 22.40
CA THR C 187 13.16 -2.53 23.06
C THR C 187 13.68 -1.46 22.08
N LEU C 188 14.77 -1.77 21.39
CA LEU C 188 15.33 -0.87 20.38
C LEU C 188 14.28 -0.61 19.29
N LEU C 189 13.63 -1.67 18.81
CA LEU C 189 12.63 -1.51 17.76
C LEU C 189 11.48 -0.63 18.21
N VAL C 190 11.02 -0.84 19.44
CA VAL C 190 9.91 -0.05 19.95
C VAL C 190 10.33 1.40 20.20
N ALA C 191 11.52 1.60 20.74
CA ALA C 191 11.99 2.95 21.00
C ALA C 191 11.98 3.75 19.69
N LYS C 192 12.49 3.17 18.62
CA LYS C 192 12.51 3.86 17.33
C LYS C 192 11.10 4.10 16.81
N ALA C 193 10.23 3.10 16.93
CA ALA C 193 8.85 3.23 16.46
C ALA C 193 8.12 4.34 17.22
N GLY C 195 9.40 7.12 18.14
CA GLY C 195 9.98 8.42 17.84
C GLY C 195 11.31 8.79 18.46
N ALA C 196 11.99 7.83 19.09
CA ALA C 196 13.29 8.14 19.67
C ALA C 196 14.19 8.61 18.53
N ALA C 197 14.92 9.70 18.75
CA ALA C 197 15.83 10.27 17.77
C ALA C 197 17.08 9.43 17.60
N GLN C 198 17.63 8.98 18.73
CA GLN C 198 18.82 8.18 18.73
C GLN C 198 18.74 7.11 19.80
N VAL C 199 19.11 5.89 19.43
CA VAL C 199 19.12 4.79 20.38
C VAL C 199 20.53 4.21 20.37
N VAL C 200 21.18 4.19 21.53
CA VAL C 200 22.52 3.63 21.68
C VAL C 200 22.33 2.27 22.33
N VAL C 201 23.04 1.27 21.83
CA VAL C 201 22.93 -0.08 22.39
C VAL C 201 24.29 -0.59 22.85
N THR C 202 24.33 -1.21 24.03
CA THR C 202 25.57 -1.76 24.55
C THR C 202 25.43 -3.27 24.68
N ASP C 203 26.55 -3.97 24.67
CA ASP C 203 26.55 -5.42 24.83
C ASP C 203 27.98 -5.93 24.88
N LEU C 204 28.14 -7.16 25.35
CA LEU C 204 29.46 -7.75 25.44
C LEU C 204 29.85 -8.31 24.07
N SER C 205 28.84 -8.69 23.28
CA SER C 205 29.06 -9.29 21.96
C SER C 205 29.01 -8.35 20.75
N ALA C 206 30.12 -8.32 20.00
CA ALA C 206 30.20 -7.48 18.80
C ALA C 206 29.21 -8.01 17.77
N THR C 207 28.98 -9.31 17.81
CA THR C 207 28.05 -9.97 16.91
C THR C 207 26.62 -9.51 17.15
N ARG C 208 26.22 -9.45 18.41
CA ARG C 208 24.87 -9.01 18.72
C ARG C 208 24.71 -7.54 18.39
N LEU C 209 25.78 -6.77 18.55
CA LEU C 209 25.74 -5.34 18.25
C LEU C 209 25.63 -5.09 16.76
N SER C 210 26.24 -5.99 15.97
CA SER C 210 26.18 -5.86 14.53
C SER C 210 24.73 -6.09 14.10
N LYS C 211 24.08 -7.05 14.74
CA LYS C 211 22.68 -7.34 14.43
C LYS C 211 21.84 -6.13 14.85
N ALA C 212 22.22 -5.50 15.97
CA ALA C 212 21.51 -4.32 16.46
C ALA C 212 21.59 -3.20 15.43
N LYS C 213 22.77 -2.98 14.88
CA LYS C 213 22.93 -1.95 13.88
C LYS C 213 22.03 -2.24 12.69
N GLU C 214 21.99 -3.50 12.29
CA GLU C 214 21.17 -3.91 11.16
C GLU C 214 19.69 -3.57 11.30
N ILE C 215 19.14 -3.65 12.51
CA ILE C 215 17.72 -3.38 12.67
C ILE C 215 17.38 -1.96 13.13
N GLY C 216 18.36 -1.08 13.21
CA GLY C 216 18.04 0.28 13.60
C GLY C 216 18.84 1.02 14.64
N ALA C 217 19.70 0.34 15.39
CA ALA C 217 20.50 1.03 16.41
C ALA C 217 21.30 2.15 15.74
N ASP C 218 21.24 3.36 16.30
CA ASP C 218 21.98 4.47 15.71
C ASP C 218 23.43 4.42 16.14
N LEU C 219 23.65 3.91 17.34
CA LEU C 219 25.00 3.80 17.89
C LEU C 219 25.10 2.52 18.71
N VAL C 220 26.29 1.92 18.74
CA VAL C 220 26.50 0.71 19.53
C VAL C 220 27.81 0.84 20.28
N LEU C 221 27.90 0.17 21.42
CA LEU C 221 29.10 0.18 22.23
C LEU C 221 29.39 -1.21 22.76
N GLN C 222 30.49 -1.79 22.33
CA GLN C 222 30.85 -3.11 22.83
C GLN C 222 31.52 -2.91 24.18
N ILE C 223 31.07 -3.67 25.17
CA ILE C 223 31.61 -3.56 26.52
C ILE C 223 32.70 -4.60 26.75
N SER C 224 33.78 -4.19 27.40
CA SER C 224 34.86 -5.11 27.72
C SER C 224 35.21 -4.96 29.19
N LYS C 225 36.25 -4.21 29.50
CA LYS C 225 36.64 -4.06 30.90
C LYS C 225 36.44 -2.68 31.51
N GLU C 226 35.75 -1.80 30.80
CA GLU C 226 35.52 -0.46 31.32
C GLU C 226 34.67 -0.48 32.59
N SER C 227 34.77 0.58 33.37
CA SER C 227 34.01 0.71 34.60
C SER C 227 32.67 1.35 34.25
N PRO C 228 31.70 1.30 35.18
CA PRO C 228 30.38 1.89 34.93
C PRO C 228 30.49 3.37 34.57
N GLN C 229 31.34 4.11 35.29
CA GLN C 229 31.50 5.52 35.01
C GLN C 229 32.06 5.74 33.61
N GLU C 230 33.04 4.92 33.23
CA GLU C 230 33.63 5.04 31.90
C GLU C 230 32.60 4.80 30.82
N ILE C 231 31.77 3.77 30.98
CA ILE C 231 30.74 3.49 29.99
C ILE C 231 29.79 4.67 29.90
N ALA C 232 29.38 5.22 31.05
CA ALA C 232 28.48 6.36 31.05
C ALA C 232 29.11 7.53 30.29
N ARG C 233 30.40 7.74 30.52
CA ARG C 233 31.09 8.82 29.82
C ARG C 233 31.11 8.57 28.31
N LYS C 234 31.40 7.33 27.90
CA LYS C 234 31.43 7.00 26.48
C LYS C 234 30.08 7.22 25.81
N VAL C 235 29.01 6.78 26.48
CA VAL C 235 27.66 6.93 25.95
C VAL C 235 27.35 8.39 25.72
N GLU C 236 27.68 9.23 26.70
CA GLU C 236 27.42 10.65 26.59
C GLU C 236 28.26 11.26 25.46
N GLY C 237 29.49 10.76 25.33
CA GLY C 237 30.37 11.27 24.29
C GLY C 237 29.78 10.99 22.93
N GLN C 238 29.31 9.75 22.74
CA GLN C 238 28.73 9.37 21.45
C GLN C 238 27.44 10.13 21.13
N LEU C 239 26.61 10.35 22.15
CA LEU C 239 25.34 11.06 21.96
C LEU C 239 25.49 12.56 21.96
N GLY C 240 26.54 13.06 22.58
CA GLY C 240 26.71 14.50 22.66
C GLY C 240 25.85 15.03 23.79
N CYS C 241 25.31 14.11 24.59
CA CYS C 241 24.45 14.47 25.72
C CYS C 241 24.09 13.19 26.47
N LYS C 242 23.46 13.33 27.63
CA LYS C 242 23.05 12.17 28.41
C LYS C 242 21.69 11.67 27.92
N PRO C 243 21.50 10.36 27.83
CA PRO C 243 20.20 9.86 27.38
C PRO C 243 19.12 10.17 28.42
N GLU C 244 17.93 10.54 27.95
CA GLU C 244 16.80 10.86 28.84
C GLU C 244 16.23 9.59 29.47
N VAL C 245 16.38 8.47 28.76
CA VAL C 245 15.87 7.19 29.23
C VAL C 245 16.90 6.09 28.99
N THR C 246 17.05 5.22 29.98
CA THR C 246 17.94 4.08 29.84
C THR C 246 17.08 2.87 30.15
N ILE C 247 17.14 1.87 29.29
CA ILE C 247 16.38 0.64 29.52
C ILE C 247 17.41 -0.47 29.69
N GLU C 248 17.51 -0.95 30.93
CA GLU C 248 18.47 -1.97 31.32
C GLU C 248 17.93 -3.37 31.03
N CYS C 249 18.53 -4.04 30.06
CA CYS C 249 18.07 -5.36 29.68
C CYS C 249 19.10 -6.47 29.89
N THR C 250 19.94 -6.34 30.92
CA THR C 250 20.94 -7.37 31.17
C THR C 250 20.81 -7.95 32.58
N GLY C 251 20.40 -7.10 33.53
CA GLY C 251 20.27 -7.55 34.91
C GLY C 251 21.61 -7.52 35.62
N ALA C 252 22.67 -7.10 34.92
CA ALA C 252 24.00 -7.05 35.52
C ALA C 252 24.18 -5.80 36.37
N GLU C 253 24.72 -5.99 37.56
CA GLU C 253 24.95 -4.88 38.47
C GLU C 253 25.78 -3.75 37.86
N ALA C 254 26.84 -4.11 37.13
CA ALA C 254 27.69 -3.08 36.52
C ALA C 254 26.91 -2.25 35.49
N SER C 255 26.02 -2.90 34.76
CA SER C 255 25.22 -2.20 33.75
C SER C 255 24.22 -1.27 34.43
N ILE C 256 23.62 -1.72 35.53
CA ILE C 256 22.67 -0.89 36.24
C ILE C 256 23.39 0.34 36.76
N GLN C 257 24.60 0.16 37.30
CA GLN C 257 25.36 1.29 37.81
C GLN C 257 25.64 2.25 36.66
N ALA C 258 25.98 1.70 35.50
CA ALA C 258 26.26 2.52 34.32
C ALA C 258 25.01 3.32 33.92
N GLY C 259 23.84 2.67 33.99
CA GLY C 259 22.60 3.36 33.65
C GLY C 259 22.34 4.54 34.56
N ILE C 260 22.64 4.38 35.85
CA ILE C 260 22.44 5.46 36.80
C ILE C 260 23.35 6.64 36.47
N TYR C 261 24.63 6.36 36.26
CA TYR C 261 25.59 7.41 35.92
C TYR C 261 25.30 8.07 34.56
N ALA C 262 24.80 7.30 33.61
CA ALA C 262 24.54 7.83 32.28
C ALA C 262 23.26 8.65 32.08
N THR C 263 22.19 8.28 32.78
CA THR C 263 20.92 8.95 32.60
C THR C 263 20.84 10.40 33.04
N ARG C 264 20.23 11.20 32.17
CA ARG C 264 20.06 12.63 32.38
C ARG C 264 19.20 12.90 33.61
N SER C 265 19.52 13.97 34.34
CA SER C 265 18.76 14.33 35.52
C SER C 265 17.31 14.49 35.13
N GLY C 266 16.42 13.97 35.96
CA GLY C 266 15.00 14.07 35.68
C GLY C 266 14.54 12.97 34.74
N GLY C 267 15.48 12.14 34.29
CA GLY C 267 15.11 11.07 33.38
C GLY C 267 14.65 9.79 34.07
N THR C 268 14.64 8.70 33.31
CA THR C 268 14.19 7.42 33.84
C THR C 268 15.09 6.24 33.44
N LEU C 269 15.35 5.38 34.43
CA LEU C 269 16.11 4.16 34.25
C LEU C 269 15.09 3.05 34.46
N VAL C 270 14.86 2.25 33.41
CA VAL C 270 13.90 1.16 33.48
C VAL C 270 14.67 -0.15 33.66
N LEU C 271 14.29 -0.93 34.65
CA LEU C 271 14.95 -2.21 34.92
C LEU C 271 14.13 -3.36 34.39
N VAL C 272 14.62 -4.00 33.33
CA VAL C 272 13.94 -5.13 32.72
C VAL C 272 14.70 -6.40 33.05
N GLY C 273 16.01 -6.36 32.90
CA GLY C 273 16.83 -7.53 33.20
C GLY C 273 16.74 -7.97 34.65
N LEU C 274 16.78 -9.27 34.87
CA LEU C 274 16.72 -9.85 36.21
C LEU C 274 18.12 -10.15 36.72
N GLY C 275 18.45 -9.58 37.88
CA GLY C 275 19.77 -9.83 38.44
C GLY C 275 19.68 -10.63 39.73
N SER C 276 20.59 -10.36 40.65
CA SER C 276 20.62 -11.04 41.94
C SER C 276 19.57 -10.43 42.87
N GLU C 277 19.40 -11.05 44.04
CA GLU C 277 18.45 -10.56 45.02
C GLU C 277 18.89 -9.24 45.61
N THR C 279 21.63 -5.84 45.26
CA THR C 279 22.43 -5.09 44.31
C THR C 279 23.02 -3.86 44.99
N THR C 280 24.29 -3.59 44.72
CA THR C 280 24.94 -2.41 45.29
C THR C 280 24.99 -1.39 44.17
N VAL C 281 24.38 -0.24 44.39
CA VAL C 281 24.31 0.78 43.38
C VAL C 281 24.44 2.18 43.95
N PRO C 282 24.79 3.15 43.09
CA PRO C 282 24.90 4.53 43.55
C PRO C 282 23.49 5.10 43.57
N LEU C 283 22.68 4.61 44.49
CA LEU C 283 21.29 5.03 44.63
C LEU C 283 21.18 6.55 44.80
N LEU C 284 22.06 7.11 45.63
CA LEU C 284 22.08 8.54 45.88
C LEU C 284 22.24 9.34 44.60
N HIS C 285 23.15 8.90 43.73
CA HIS C 285 23.39 9.60 42.48
C HIS C 285 22.10 9.72 41.65
N ALA C 286 21.29 8.69 41.64
CA ALA C 286 20.04 8.73 40.87
C ALA C 286 18.99 9.57 41.58
N ALA C 287 18.77 9.26 42.86
CA ALA C 287 17.76 9.94 43.66
C ALA C 287 17.93 11.45 43.73
N ILE C 288 19.15 11.90 43.97
CA ILE C 288 19.41 13.32 44.11
C ILE C 288 19.29 14.10 42.80
N ARG C 289 19.26 13.39 41.67
CA ARG C 289 19.11 14.04 40.36
C ARG C 289 17.72 13.71 39.78
N GLU C 290 16.85 13.18 40.64
CA GLU C 290 15.51 12.77 40.25
C GLU C 290 15.49 11.88 39.00
N VAL C 291 16.43 10.93 38.96
CA VAL C 291 16.45 9.95 37.88
C VAL C 291 15.59 8.83 38.47
N ASP C 292 14.40 8.61 37.93
CA ASP C 292 13.52 7.58 38.45
C ASP C 292 14.01 6.18 38.08
N ILE C 293 13.81 5.25 38.99
CA ILE C 293 14.20 3.86 38.75
C ILE C 293 12.90 3.08 38.76
N LYS C 294 12.46 2.65 37.57
CA LYS C 294 11.21 1.93 37.45
C LYS C 294 11.41 0.53 36.91
N GLY C 295 10.75 -0.42 37.54
CA GLY C 295 10.85 -1.80 37.11
C GLY C 295 9.74 -2.19 36.15
N VAL C 296 9.91 -3.38 35.58
CA VAL C 296 8.96 -3.91 34.64
C VAL C 296 8.61 -5.34 35.03
N PHE C 297 7.33 -5.67 35.04
CA PHE C 297 6.92 -7.04 35.30
C PHE C 297 6.07 -7.46 34.12
N ARG C 298 6.75 -7.99 33.10
CA ARG C 298 6.14 -8.43 31.86
C ARG C 298 5.46 -7.32 31.09
N TYR C 299 4.13 -7.22 31.17
CA TYR C 299 3.43 -6.21 30.39
C TYR C 299 1.93 -6.23 30.67
N CYS C 300 1.25 -5.20 30.19
CA CYS C 300 -0.21 -5.13 30.26
C CYS C 300 -0.67 -4.21 29.14
N ASN C 301 -1.79 -4.57 28.52
CA ASN C 301 -2.40 -3.81 27.44
C ASN C 301 -1.47 -3.51 26.26
N THR C 302 -0.80 -4.55 25.76
CA THR C 302 0.13 -4.38 24.64
C THR C 302 -0.22 -5.17 23.38
N TRP C 303 -1.06 -6.19 23.48
CA TRP C 303 -1.36 -6.98 22.29
C TRP C 303 -2.06 -6.21 21.17
N PRO C 304 -3.17 -5.52 21.47
CA PRO C 304 -3.84 -4.77 20.40
C PRO C 304 -2.91 -3.79 19.72
N VAL C 305 -2.14 -3.06 20.51
CA VAL C 305 -1.18 -2.09 19.97
C VAL C 305 -0.11 -2.78 19.12
N ALA C 306 0.43 -3.90 19.62
CA ALA C 306 1.45 -4.62 18.87
C ALA C 306 0.88 -5.09 17.53
N ILE C 307 -0.35 -5.60 17.57
CA ILE C 307 -0.98 -6.08 16.36
C ILE C 307 -1.18 -4.91 15.38
N SER C 308 -1.52 -3.72 15.87
CA SER C 308 -1.70 -2.59 14.98
C SER C 308 -0.38 -2.18 14.34
N LEU C 310 2.22 -4.14 13.71
CA LEU C 310 2.61 -5.16 12.74
C LEU C 310 1.75 -5.09 11.49
N ALA C 311 0.44 -4.96 11.67
CA ALA C 311 -0.47 -4.88 10.54
C ALA C 311 -0.23 -3.65 9.66
N SER C 312 0.28 -2.58 10.27
CA SER C 312 0.54 -1.35 9.53
C SER C 312 1.99 -1.31 9.04
N LYS C 313 2.73 -2.37 9.33
CA LYS C 313 4.12 -2.46 8.94
C LYS C 313 4.95 -1.34 9.54
N SER C 314 4.59 -0.91 10.75
CA SER C 314 5.32 0.16 11.41
C SER C 314 6.57 -0.35 12.11
N VAL C 315 6.66 -1.66 12.27
CA VAL C 315 7.82 -2.27 12.92
C VAL C 315 8.08 -3.62 12.26
N ASN C 316 9.35 -3.99 12.15
CA ASN C 316 9.69 -5.26 11.50
C ASN C 316 10.45 -6.16 12.45
N VAL C 317 9.78 -7.18 12.97
CA VAL C 317 10.39 -8.10 13.92
C VAL C 317 10.94 -9.37 13.26
N LYS C 318 10.57 -9.58 12.00
CA LYS C 318 11.01 -10.78 11.28
C LYS C 318 12.51 -11.06 11.34
N PRO C 319 13.36 -10.03 11.23
CA PRO C 319 14.81 -10.25 11.30
C PRO C 319 15.27 -10.91 12.59
N LEU C 320 14.42 -10.90 13.62
CA LEU C 320 14.80 -11.49 14.90
C LEU C 320 14.88 -13.03 14.85
N VAL C 321 14.07 -13.64 13.98
CA VAL C 321 14.05 -15.09 13.85
C VAL C 321 15.25 -15.61 13.09
N THR C 322 16.07 -16.42 13.74
CA THR C 322 17.25 -16.98 13.09
C THR C 322 17.14 -18.48 12.81
N HIS C 323 16.22 -19.17 13.50
N HIS C 323 16.21 -19.16 13.48
CA HIS C 323 16.03 -20.60 13.29
CA HIS C 323 16.05 -20.60 13.28
C HIS C 323 14.58 -21.01 13.55
C HIS C 323 14.62 -21.06 13.61
N ARG C 324 14.18 -22.12 12.94
CA ARG C 324 12.85 -22.68 13.16
C ARG C 324 12.98 -24.21 13.09
N PHE C 325 12.31 -24.89 14.02
CA PHE C 325 12.35 -26.35 14.12
C PHE C 325 10.96 -26.86 14.40
N PRO C 326 10.65 -28.11 13.98
CA PRO C 326 9.33 -28.64 14.27
C PRO C 326 9.35 -28.94 15.78
N LEU C 327 8.19 -29.00 16.41
CA LEU C 327 8.11 -29.29 17.85
C LEU C 327 8.94 -30.52 18.23
N GLU C 328 8.90 -31.55 17.37
CA GLU C 328 9.60 -32.80 17.63
C GLU C 328 11.11 -32.66 17.79
N LYS C 329 11.67 -31.57 17.27
CA LYS C 329 13.11 -31.33 17.38
C LYS C 329 13.39 -30.30 18.49
N ALA C 330 12.48 -30.22 19.46
CA ALA C 330 12.63 -29.29 20.58
C ALA C 330 13.97 -29.41 21.31
N LEU C 331 14.44 -30.64 21.52
CA LEU C 331 15.71 -30.81 22.22
C LEU C 331 16.84 -30.17 21.45
N GLU C 332 16.89 -30.45 20.15
CA GLU C 332 17.90 -29.88 19.28
C GLU C 332 17.80 -28.34 19.32
N ALA C 333 16.57 -27.83 19.34
CA ALA C 333 16.34 -26.40 19.38
C ALA C 333 16.86 -25.78 20.69
N PHE C 334 16.64 -26.46 21.81
CA PHE C 334 17.10 -25.95 23.09
C PHE C 334 18.63 -25.99 23.22
N GLU C 335 19.24 -27.01 22.65
CA GLU C 335 20.69 -27.11 22.68
C GLU C 335 21.26 -26.03 21.77
N THR C 336 20.52 -25.68 20.72
CA THR C 336 20.98 -24.64 19.82
C THR C 336 20.92 -23.30 20.55
N PHE C 337 19.86 -23.12 21.34
CA PHE C 337 19.70 -21.89 22.12
C PHE C 337 20.93 -21.76 23.01
N LYS C 338 21.30 -22.86 23.68
CA LYS C 338 22.44 -22.86 24.58
C LYS C 338 23.75 -22.51 23.89
N LYS C 339 23.90 -22.91 22.63
CA LYS C 339 25.13 -22.62 21.89
C LYS C 339 25.40 -21.13 21.83
N GLY C 340 24.36 -20.32 22.02
CA GLY C 340 24.53 -18.88 22.03
C GLY C 340 24.55 -18.16 20.69
N LEU C 341 24.64 -18.90 19.59
CA LEU C 341 24.62 -18.23 18.30
C LEU C 341 23.16 -18.13 17.90
N GLY C 342 22.85 -17.14 17.07
CA GLY C 342 21.46 -16.96 16.66
C GLY C 342 20.76 -16.09 17.67
N LEU C 343 19.48 -15.82 17.43
CA LEU C 343 18.71 -14.98 18.31
C LEU C 343 17.40 -15.69 18.70
N LYS C 344 16.31 -15.37 18.01
CA LYS C 344 15.03 -16.01 18.31
C LYS C 344 14.85 -17.32 17.54
N ILE C 345 14.58 -18.39 18.28
CA ILE C 345 14.36 -19.71 17.71
C ILE C 345 12.86 -20.03 17.82
N LEU C 347 9.58 -22.71 17.35
CA LEU C 347 9.19 -24.12 17.35
C LEU C 347 7.85 -24.16 16.64
N LYS C 348 7.73 -25.07 15.67
CA LYS C 348 6.53 -25.21 14.83
C LYS C 348 5.77 -26.44 15.26
N CYS C 349 4.62 -26.20 15.89
CA CYS C 349 3.78 -27.25 16.47
C CYS C 349 2.67 -27.86 15.61
N ASP C 350 2.38 -27.25 14.47
CA ASP C 350 1.30 -27.74 13.61
C ASP C 350 1.87 -28.46 12.38
N PRO C 351 1.77 -29.80 12.35
CA PRO C 351 2.30 -30.55 11.21
C PRO C 351 1.70 -30.16 9.86
N SER C 352 0.48 -29.62 9.85
CA SER C 352 -0.14 -29.25 8.57
C SER C 352 0.35 -27.91 8.01
N ASP C 353 1.13 -27.18 8.80
CA ASP C 353 1.64 -25.88 8.35
C ASP C 353 2.88 -25.50 9.14
N GLN C 354 4.04 -25.71 8.52
CA GLN C 354 5.34 -25.42 9.13
C GLN C 354 5.93 -24.09 8.66
N ASN C 355 5.18 -23.32 7.88
CA ASN C 355 5.66 -22.05 7.37
C ASN C 355 5.55 -20.93 8.42
N PRO C 356 6.25 -19.80 8.18
CA PRO C 356 6.25 -18.64 9.07
C PRO C 356 4.82 -18.21 9.43
N ALA D 1 34.13 59.79 3.04
CA ALA D 1 32.86 59.17 3.52
C ALA D 1 33.13 57.79 4.12
N ALA D 2 32.38 57.44 5.15
CA ALA D 2 32.53 56.14 5.81
C ALA D 2 31.90 55.01 4.99
N ALA D 3 32.17 53.78 5.40
CA ALA D 3 31.61 52.62 4.71
C ALA D 3 30.09 52.66 4.85
N ALA D 4 29.39 52.10 3.87
CA ALA D 4 27.93 52.07 3.92
C ALA D 4 27.52 51.18 5.09
N LYS D 5 26.52 51.59 5.85
CA LYS D 5 26.04 50.81 6.98
C LYS D 5 25.11 49.71 6.47
N PRO D 6 24.89 48.68 7.29
CA PRO D 6 23.97 47.64 6.80
C PRO D 6 22.55 48.20 6.85
N ASN D 7 21.60 47.50 6.24
CA ASN D 7 20.22 47.95 6.24
C ASN D 7 19.36 46.93 6.98
N ASN D 8 18.13 47.31 7.30
CA ASN D 8 17.22 46.37 7.94
C ASN D 8 15.85 46.50 7.28
N LEU D 9 15.82 46.22 5.98
CA LEU D 9 14.58 46.25 5.20
C LEU D 9 13.63 45.28 5.91
N SER D 10 12.41 45.73 6.13
CA SER D 10 11.40 44.94 6.85
C SER D 10 10.06 44.91 6.12
N LEU D 11 9.30 43.83 6.32
CA LEU D 11 7.98 43.70 5.71
C LEU D 11 7.02 44.16 6.81
N VAL D 12 6.33 45.25 6.55
CA VAL D 12 5.45 45.85 7.55
C VAL D 12 3.99 46.02 7.12
N VAL D 13 3.07 45.71 8.03
N VAL D 13 3.07 45.71 8.02
CA VAL D 13 1.66 45.89 7.76
CA VAL D 13 1.66 45.88 7.74
C VAL D 13 1.25 47.17 8.48
C VAL D 13 1.21 47.14 8.49
N HIS D 14 0.68 48.11 7.74
CA HIS D 14 0.24 49.36 8.33
C HIS D 14 -1.25 49.33 8.61
N GLY D 15 -1.95 48.46 7.90
CA GLY D 15 -3.37 48.35 8.07
C GLY D 15 -3.93 47.43 7.01
N PRO D 16 -5.25 47.21 7.00
CA PRO D 16 -5.86 46.33 6.00
C PRO D 16 -5.38 46.69 4.59
N GLY D 17 -4.88 45.69 3.88
CA GLY D 17 -4.40 45.90 2.52
C GLY D 17 -3.25 46.90 2.37
N ASP D 18 -2.51 47.17 3.44
CA ASP D 18 -1.40 48.12 3.35
C ASP D 18 -0.12 47.48 3.85
N LEU D 19 0.58 46.79 2.94
CA LEU D 19 1.82 46.07 3.22
C LEU D 19 2.98 46.81 2.59
N ARG D 20 4.06 47.03 3.34
CA ARG D 20 5.20 47.78 2.79
C ARG D 20 6.57 47.23 3.17
N LEU D 21 7.53 47.47 2.28
CA LEU D 21 8.90 47.07 2.55
C LEU D 21 9.56 48.38 2.94
N GLU D 22 10.11 48.44 4.15
CA GLU D 22 10.74 49.66 4.61
C GLU D 22 11.90 49.41 5.55
N ASN D 23 12.80 50.37 5.66
CA ASN D 23 13.97 50.18 6.50
C ASN D 23 13.75 50.53 7.97
N TYR D 24 14.29 49.68 8.84
CA TYR D 24 14.20 49.86 10.27
C TYR D 24 15.60 49.99 10.86
N PRO D 25 15.71 50.56 12.07
CA PRO D 25 17.04 50.69 12.68
C PRO D 25 17.54 49.28 12.93
N ILE D 26 18.84 49.13 13.15
CA ILE D 26 19.38 47.81 13.44
C ILE D 26 19.34 47.64 14.95
N PRO D 27 18.65 46.58 15.43
CA PRO D 27 18.54 46.32 16.87
C PRO D 27 19.88 46.13 17.57
N GLU D 28 19.93 46.50 18.85
CA GLU D 28 21.12 46.33 19.66
C GLU D 28 20.70 45.32 20.74
N PRO D 29 21.35 44.17 20.81
CA PRO D 29 20.99 43.16 21.82
C PRO D 29 21.38 43.47 23.26
N GLY D 30 20.47 43.19 24.18
CA GLY D 30 20.72 43.39 25.59
C GLY D 30 21.58 42.23 26.07
N PRO D 31 22.03 42.24 27.33
CA PRO D 31 22.86 41.18 27.93
C PRO D 31 22.47 39.73 27.64
N ASN D 32 21.16 39.46 27.62
CA ASN D 32 20.71 38.10 27.37
C ASN D 32 20.03 37.88 26.03
N GLU D 33 20.34 38.74 25.08
CA GLU D 33 19.77 38.63 23.73
C GLU D 33 20.85 38.44 22.70
N VAL D 34 20.46 38.02 21.51
CA VAL D 34 21.41 37.87 20.41
C VAL D 34 20.83 38.62 19.22
N LEU D 35 21.70 39.13 18.36
CA LEU D 35 21.23 39.81 17.17
C LEU D 35 21.39 38.77 16.07
N LEU D 36 20.32 38.55 15.30
CA LEU D 36 20.36 37.56 14.23
C LEU D 36 20.27 38.17 12.84
N ARG D 37 21.04 37.60 11.92
CA ARG D 37 20.99 38.01 10.53
C ARG D 37 19.96 37.01 10.01
N HIS D 39 17.55 34.64 7.91
CA HIS D 39 17.80 33.85 6.72
C HIS D 39 16.52 33.38 6.02
N SER D 40 15.74 32.54 6.71
CA SER D 40 14.51 32.00 6.14
C SER D 40 13.31 32.20 7.07
N VAL D 41 12.21 32.66 6.48
CA VAL D 41 10.98 32.89 7.23
C VAL D 41 9.79 32.35 6.43
N GLY D 42 9.04 31.45 7.04
CA GLY D 42 7.89 30.89 6.37
C GLY D 42 6.70 31.83 6.53
N ILE D 43 5.80 31.85 5.54
CA ILE D 43 4.63 32.70 5.63
C ILE D 43 3.51 31.87 6.26
N CYS D 44 2.89 32.43 7.28
CA CYS D 44 1.80 31.73 7.97
C CYS D 44 0.51 32.44 7.65
N GLY D 45 -0.59 31.68 7.62
CA GLY D 45 -1.89 32.27 7.35
C GLY D 45 -2.21 33.46 8.23
N SER D 46 -1.68 33.45 9.46
N SER D 46 -1.68 33.46 9.46
CA SER D 46 -1.94 34.57 10.38
CA SER D 46 -1.93 34.57 10.37
C SER D 46 -1.28 35.87 9.93
C SER D 46 -1.29 35.87 9.89
N ASP D 47 -0.06 35.79 9.39
CA ASP D 47 0.62 37.00 8.89
C ASP D 47 -0.25 37.57 7.77
N VAL D 48 -0.72 36.68 6.90
CA VAL D 48 -1.57 37.05 5.77
C VAL D 48 -2.87 37.69 6.24
N HIS D 49 -3.42 37.15 7.32
CA HIS D 49 -4.67 37.66 7.83
C HIS D 49 -4.51 39.10 8.37
N TYR D 50 -3.40 39.39 9.03
CA TYR D 50 -3.20 40.75 9.51
C TYR D 50 -3.12 41.72 8.33
N TRP D 51 -2.48 41.28 7.26
CA TRP D 51 -2.36 42.11 6.05
C TRP D 51 -3.74 42.37 5.47
N GLU D 52 -4.54 41.32 5.38
CA GLU D 52 -5.87 41.45 4.80
C GLU D 52 -6.86 42.17 5.70
N TYR D 53 -6.91 41.81 6.98
CA TYR D 53 -7.89 42.42 7.87
C TYR D 53 -7.38 43.39 8.91
N GLY D 54 -6.06 43.46 9.08
CA GLY D 54 -5.50 44.38 10.05
C GLY D 54 -5.71 43.90 11.48
N ARG D 55 -6.20 42.67 11.64
CA ARG D 55 -6.45 42.12 12.95
C ARG D 55 -6.84 40.65 12.92
N ILE D 56 -6.85 40.04 14.09
CA ILE D 56 -7.31 38.67 14.26
C ILE D 56 -8.00 38.74 15.62
N GLY D 57 -9.31 38.62 15.61
CA GLY D 57 -10.04 38.72 16.87
C GLY D 57 -9.78 40.12 17.42
N ASN D 58 -9.44 40.20 18.70
CA ASN D 58 -9.17 41.49 19.31
C ASN D 58 -7.71 41.91 19.24
N PHE D 59 -6.91 41.17 18.48
CA PHE D 59 -5.51 41.53 18.33
C PHE D 59 -5.46 42.36 17.05
N ILE D 60 -5.45 43.67 17.22
CA ILE D 60 -5.43 44.52 16.04
C ILE D 60 -4.15 45.32 15.90
N VAL D 61 -3.76 45.52 14.65
CA VAL D 61 -2.58 46.29 14.33
C VAL D 61 -2.98 47.76 14.54
N LYS D 62 -2.52 48.36 15.63
CA LYS D 62 -2.86 49.74 15.94
C LYS D 62 -1.75 50.68 15.49
N LYS D 63 -0.56 50.12 15.28
CA LYS D 63 0.59 50.86 14.80
C LYS D 63 1.24 49.87 13.84
N PRO D 64 2.01 50.35 12.86
CA PRO D 64 2.66 49.43 11.90
C PRO D 64 3.43 48.30 12.59
N VAL D 66 5.86 44.70 12.03
CA VAL D 66 6.68 43.85 11.16
C VAL D 66 6.06 42.46 11.25
N LEU D 67 5.90 41.79 10.11
CA LEU D 67 5.31 40.45 10.07
C LEU D 67 6.39 39.37 10.20
N GLY D 68 5.95 38.10 10.19
CA GLY D 68 6.89 36.99 10.26
C GLY D 68 7.15 36.42 11.64
N HIS D 69 7.02 35.09 11.77
CA HIS D 69 7.27 34.45 13.04
C HIS D 69 7.75 32.99 12.94
N GLU D 70 7.83 32.43 11.73
CA GLU D 70 8.32 31.06 11.53
C GLU D 70 9.71 31.24 10.94
N ALA D 71 10.75 31.28 11.77
CA ALA D 71 12.07 31.57 11.22
C ALA D 71 13.35 30.97 11.79
N SER D 72 14.41 31.20 11.02
CA SER D 72 15.76 30.78 11.37
C SER D 72 16.70 31.87 10.87
N GLY D 73 17.92 31.86 11.38
CA GLY D 73 18.91 32.85 10.98
C GLY D 73 20.29 32.52 11.49
N THR D 74 21.18 33.49 11.40
CA THR D 74 22.56 33.33 11.83
C THR D 74 22.87 34.36 12.91
N VAL D 75 23.50 33.91 13.99
CA VAL D 75 23.85 34.83 15.07
C VAL D 75 24.89 35.81 14.53
N GLU D 76 24.57 37.08 14.64
CA GLU D 76 25.43 38.17 14.18
C GLU D 76 26.25 38.69 15.36
N LYS D 77 25.58 38.93 16.49
CA LYS D 77 26.23 39.44 17.68
C LYS D 77 25.50 38.92 18.93
N VAL D 78 26.23 38.72 20.02
CA VAL D 78 25.61 38.23 21.26
C VAL D 78 25.75 39.22 22.41
N GLY D 79 24.75 39.23 23.30
CA GLY D 79 24.79 40.11 24.46
C GLY D 79 25.86 39.63 25.43
N SER D 80 26.29 40.51 26.33
CA SER D 80 27.34 40.17 27.30
C SER D 80 27.13 38.96 28.20
N SER D 81 25.89 38.55 28.45
CA SER D 81 25.66 37.39 29.31
C SER D 81 25.45 36.08 28.54
N VAL D 82 25.41 36.16 27.21
CA VAL D 82 25.18 34.97 26.40
C VAL D 82 26.43 34.08 26.25
N LYS D 83 26.30 32.81 26.60
CA LYS D 83 27.42 31.89 26.52
C LYS D 83 27.17 30.64 25.67
N HIS D 84 25.91 30.31 25.42
CA HIS D 84 25.62 29.11 24.64
C HIS D 84 25.55 29.34 23.12
N LEU D 85 25.68 30.59 22.70
CA LEU D 85 25.64 30.93 21.27
C LEU D 85 26.78 31.89 20.95
N LYS D 86 27.28 31.84 19.71
CA LYS D 86 28.36 32.73 19.29
C LYS D 86 28.12 33.22 17.86
N PRO D 87 28.78 34.31 17.46
CA PRO D 87 28.59 34.81 16.09
C PRO D 87 28.85 33.66 15.11
N GLY D 88 28.04 33.58 14.06
CA GLY D 88 28.22 32.52 13.08
C GLY D 88 27.31 31.32 13.29
N ASP D 89 26.76 31.16 14.49
CA ASP D 89 25.88 30.01 14.76
C ASP D 89 24.57 30.12 13.99
N ARG D 90 24.17 29.01 13.37
CA ARG D 90 22.92 28.96 12.64
C ARG D 90 21.88 28.56 13.68
N VAL D 91 20.80 29.32 13.81
CA VAL D 91 19.79 29.03 14.81
C VAL D 91 18.35 29.06 14.33
N ALA D 92 17.51 28.28 15.01
CA ALA D 92 16.08 28.27 14.75
C ALA D 92 15.54 29.17 15.85
N ILE D 93 14.55 30.00 15.53
CA ILE D 93 14.00 30.94 16.49
C ILE D 93 12.62 30.56 17.01
N GLU D 94 12.48 30.42 18.33
CA GLU D 94 11.17 30.13 18.93
C GLU D 94 10.60 31.53 19.21
N PRO D 95 9.53 31.94 18.49
CA PRO D 95 8.88 33.25 18.60
C PRO D 95 8.25 33.73 19.89
N GLY D 96 7.83 32.81 20.76
CA GLY D 96 7.22 33.21 22.01
C GLY D 96 8.25 33.19 23.14
N ALA D 97 8.58 34.36 23.66
CA ALA D 97 9.54 34.48 24.75
C ALA D 97 8.89 35.19 25.93
N PRO D 98 8.75 34.50 27.08
CA PRO D 98 8.13 35.10 28.26
C PRO D 98 8.87 36.36 28.72
N ARG D 99 8.12 37.36 29.16
CA ARG D 99 8.76 38.58 29.67
C ARG D 99 8.99 38.46 31.19
N GLU D 100 8.25 37.58 31.85
CA GLU D 100 8.44 37.39 33.28
C GLU D 100 8.28 35.95 33.71
N ASN D 101 9.00 35.57 34.77
CA ASN D 101 8.94 34.21 35.27
C ASN D 101 7.73 34.06 36.19
N ASP D 102 6.55 34.05 35.59
CA ASP D 102 5.31 33.90 36.35
C ASP D 102 5.03 32.43 36.65
N GLU D 103 3.88 32.15 37.26
CA GLU D 103 3.58 30.76 37.61
C GLU D 103 3.46 29.83 36.40
N PHE D 104 3.03 30.36 35.27
CA PHE D 104 2.92 29.53 34.05
C PHE D 104 4.31 29.09 33.59
N CYS D 105 5.29 29.99 33.65
CA CYS D 105 6.65 29.64 33.27
C CYS D 105 7.24 28.66 34.27
N LYS D 106 7.07 28.93 35.56
CA LYS D 106 7.63 28.04 36.57
C LYS D 106 7.07 26.63 36.49
N GLY D 108 6.17 25.10 33.87
CA GLY D 108 6.50 24.44 32.63
C GLY D 108 5.58 24.69 31.45
N ARG D 109 4.65 25.63 31.59
CA ARG D 109 3.70 25.94 30.53
C ARG D 109 3.82 27.42 30.17
N TYR D 110 5.03 27.86 29.84
CA TYR D 110 5.28 29.26 29.51
C TYR D 110 4.44 29.80 28.36
N ASN D 111 3.93 28.92 27.50
CA ASN D 111 3.09 29.39 26.38
C ASN D 111 1.84 30.11 26.89
N LEU D 112 1.42 29.81 28.11
CA LEU D 112 0.23 30.45 28.67
C LEU D 112 0.54 31.71 29.47
N SER D 113 1.82 32.10 29.56
CA SER D 113 2.18 33.31 30.30
C SER D 113 1.49 34.49 29.62
N PRO D 114 0.60 35.20 30.34
CA PRO D 114 -0.14 36.37 29.81
C PRO D 114 0.69 37.48 29.16
N SER D 115 1.87 37.73 29.70
CA SER D 115 2.69 38.82 29.19
C SER D 115 3.76 38.36 28.20
N ILE D 116 3.59 37.17 27.64
CA ILE D 116 4.60 36.65 26.72
C ILE D 116 4.75 37.53 25.49
N PHE D 117 5.98 37.60 24.99
CA PHE D 117 6.27 38.35 23.77
C PHE D 117 6.12 37.32 22.65
N PHE D 118 5.48 37.69 21.55
CA PHE D 118 5.34 36.74 20.44
C PHE D 118 5.44 37.43 19.09
N CYS D 119 6.45 37.07 18.31
CA CYS D 119 6.66 37.66 17.00
C CYS D 119 5.41 37.79 16.14
N ALA D 120 5.18 39.00 15.66
CA ALA D 120 4.09 39.30 14.75
C ALA D 120 2.65 39.14 15.23
N THR D 121 2.46 39.17 16.54
CA THR D 121 1.11 39.18 17.09
C THR D 121 1.12 40.59 17.73
N PRO D 122 0.29 41.51 17.20
CA PRO D 122 0.28 42.86 17.77
C PRO D 122 0.25 42.91 19.30
N PRO D 123 1.02 43.83 19.90
CA PRO D 123 1.91 44.82 19.27
C PRO D 123 3.38 44.39 19.11
N ASP D 124 3.67 43.09 19.10
CA ASP D 124 5.06 42.65 18.98
C ASP D 124 5.52 42.47 17.53
N ASP D 125 6.59 43.18 17.13
CA ASP D 125 7.10 43.07 15.77
C ASP D 125 7.70 41.71 15.48
N GLY D 126 7.45 41.22 14.27
CA GLY D 126 7.95 39.94 13.84
C GLY D 126 9.35 39.98 13.30
N ASN D 127 9.77 38.91 12.62
CA ASN D 127 11.13 38.84 12.11
C ASN D 127 11.38 38.76 10.60
N LEU D 128 10.44 39.24 9.79
CA LEU D 128 10.63 39.27 8.33
C LEU D 128 11.42 40.55 8.06
N CYS D 129 12.73 40.46 8.21
CA CYS D 129 13.61 41.62 8.04
C CYS D 129 15.03 41.11 7.92
N ARG D 130 16.01 42.02 7.90
CA ARG D 130 17.42 41.62 7.81
C ARG D 130 18.02 41.23 9.17
N PHE D 131 17.81 42.09 10.16
CA PHE D 131 18.35 41.90 11.50
C PHE D 131 17.26 42.00 12.55
N TYR D 132 17.28 41.03 13.44
CA TYR D 132 16.27 40.92 14.49
C TYR D 132 16.92 40.42 15.77
N LYS D 133 16.57 41.01 16.91
CA LYS D 133 17.16 40.56 18.17
C LYS D 133 16.12 39.73 18.94
N HIS D 134 16.58 38.79 19.74
CA HIS D 134 15.68 37.91 20.46
C HIS D 134 16.33 37.34 21.72
N ASN D 135 15.52 36.98 22.70
CA ASN D 135 16.06 36.40 23.93
C ASN D 135 16.87 35.16 23.56
N ALA D 136 18.10 35.09 24.06
CA ALA D 136 19.00 34.00 23.74
C ALA D 136 18.53 32.60 24.13
N ALA D 137 17.70 32.50 25.16
CA ALA D 137 17.24 31.18 25.57
C ALA D 137 16.27 30.62 24.54
N PHE D 138 15.76 31.48 23.65
CA PHE D 138 14.83 31.03 22.64
C PHE D 138 15.35 30.98 21.21
N CYS D 139 16.66 30.87 21.09
CA CYS D 139 17.33 30.72 19.80
C CYS D 139 18.11 29.42 20.00
N TYR D 140 17.84 28.43 19.16
CA TYR D 140 18.47 27.13 19.28
C TYR D 140 19.39 26.82 18.13
N LYS D 141 20.61 26.39 18.45
CA LYS D 141 21.60 26.07 17.44
C LYS D 141 21.16 24.89 16.59
N LEU D 142 21.31 25.05 15.28
CA LEU D 142 20.95 23.99 14.33
C LEU D 142 22.17 23.14 14.01
N PRO D 143 21.98 21.81 13.92
CA PRO D 143 23.09 20.93 13.60
C PRO D 143 23.44 21.23 12.13
N ASP D 144 24.64 20.87 11.72
CA ASP D 144 25.07 21.12 10.34
C ASP D 144 24.19 20.43 9.30
N ASN D 145 23.61 19.28 9.65
CA ASN D 145 22.79 18.55 8.69
C ASN D 145 21.31 18.95 8.69
N VAL D 146 21.01 20.12 9.24
CA VAL D 146 19.64 20.62 9.24
C VAL D 146 19.65 22.00 8.56
N THR D 147 18.86 22.15 7.49
CA THR D 147 18.84 23.40 6.73
C THR D 147 18.11 24.55 7.41
N PHE D 148 18.35 25.75 6.90
CA PHE D 148 17.68 26.92 7.43
C PHE D 148 16.17 26.81 7.26
N GLU D 149 15.72 26.29 6.11
CA GLU D 149 14.28 26.17 5.90
C GLU D 149 13.66 25.14 6.85
N GLU D 150 14.38 24.07 7.15
CA GLU D 150 13.87 23.09 8.10
C GLU D 150 13.80 23.81 9.45
N GLY D 151 14.79 24.65 9.74
CA GLY D 151 14.80 25.41 10.99
C GLY D 151 13.57 26.30 11.10
N ALA D 152 13.20 26.94 9.99
CA ALA D 152 12.02 27.80 9.96
C ALA D 152 10.74 26.97 10.11
N LEU D 153 10.74 25.76 9.57
CA LEU D 153 9.60 24.87 9.63
C LEU D 153 9.37 24.26 11.03
N ILE D 154 10.33 24.44 11.93
CA ILE D 154 10.16 23.93 13.29
C ILE D 154 8.98 24.64 13.96
N GLU D 155 8.75 25.89 13.59
CA GLU D 155 7.65 26.64 14.21
C GLU D 155 6.30 25.97 13.94
N PRO D 156 5.93 25.76 12.65
CA PRO D 156 4.63 25.10 12.45
C PRO D 156 4.66 23.65 12.94
N LEU D 157 5.80 22.98 12.79
CA LEU D 157 5.94 21.60 13.24
C LEU D 157 5.65 21.50 14.75
N SER D 158 6.11 22.51 15.50
CA SER D 158 5.92 22.53 16.95
C SER D 158 4.44 22.60 17.32
N VAL D 159 3.62 23.18 16.45
CA VAL D 159 2.18 23.21 16.73
C VAL D 159 1.70 21.76 16.67
N GLY D 160 2.20 21.03 15.68
CA GLY D 160 1.83 19.63 15.53
C GLY D 160 2.35 18.82 16.71
N ILE D 161 3.57 19.10 17.15
CA ILE D 161 4.13 18.36 18.28
C ILE D 161 3.30 18.62 19.54
N HIS D 162 3.04 19.89 19.81
CA HIS D 162 2.26 20.24 21.00
C HIS D 162 0.87 19.62 20.93
N ALA D 163 0.26 19.67 19.74
CA ALA D 163 -1.08 19.11 19.57
C ALA D 163 -1.10 17.61 19.83
N CYS D 164 -0.13 16.88 19.29
CA CYS D 164 -0.10 15.43 19.51
C CYS D 164 0.17 15.08 20.98
N ARG D 165 1.00 15.88 21.64
CA ARG D 165 1.29 15.64 23.05
C ARG D 165 0.02 15.86 23.87
N ARG D 166 -0.67 16.96 23.59
CA ARG D 166 -1.90 17.27 24.31
C ARG D 166 -2.97 16.21 24.06
N GLY D 167 -2.91 15.56 22.90
CA GLY D 167 -3.87 14.52 22.57
C GLY D 167 -3.47 13.15 23.10
N GLY D 168 -2.23 13.01 23.56
CA GLY D 168 -1.77 11.73 24.07
C GLY D 168 -1.48 10.74 22.96
N VAL D 169 -1.19 11.24 21.77
CA VAL D 169 -0.91 10.35 20.64
C VAL D 169 0.27 9.46 20.95
N THR D 170 0.14 8.16 20.73
CA THR D 170 1.25 7.28 21.00
C THR D 170 1.24 6.00 20.15
N LEU D 171 2.18 5.11 20.44
CA LEU D 171 2.34 3.86 19.71
C LEU D 171 1.05 3.08 19.42
N GLY D 172 0.82 2.78 18.15
CA GLY D 172 -0.35 2.01 17.75
C GLY D 172 -1.68 2.72 17.61
N HIS D 173 -1.75 4.00 17.98
CA HIS D 173 -3.00 4.75 17.88
C HIS D 173 -3.52 4.93 16.46
N LYS D 174 -4.84 5.09 16.37
CA LYS D 174 -5.52 5.39 15.12
C LYS D 174 -5.86 6.85 15.38
N VAL D 175 -5.42 7.75 14.50
CA VAL D 175 -5.66 9.18 14.69
C VAL D 175 -6.39 9.84 13.53
N LEU D 176 -7.34 10.71 13.86
CA LEU D 176 -8.07 11.46 12.85
C LEU D 176 -7.57 12.91 12.88
N VAL D 177 -7.14 13.42 11.74
CA VAL D 177 -6.69 14.80 11.63
C VAL D 177 -7.69 15.51 10.72
N CYS D 178 -8.39 16.51 11.24
CA CYS D 178 -9.37 17.23 10.44
C CYS D 178 -8.68 18.45 9.82
N GLY D 179 -8.58 18.46 8.49
CA GLY D 179 -7.92 19.58 7.83
C GLY D 179 -6.56 19.20 7.31
N ALA D 180 -6.28 19.56 6.06
CA ALA D 180 -5.00 19.25 5.43
C ALA D 180 -4.23 20.49 5.03
N GLY D 181 -4.38 21.55 5.81
CA GLY D 181 -3.63 22.76 5.58
C GLY D 181 -2.27 22.46 6.19
N PRO D 182 -1.33 23.41 6.19
CA PRO D 182 -0.02 23.10 6.78
C PRO D 182 -0.05 22.57 8.19
N ILE D 183 -1.00 23.02 9.00
CA ILE D 183 -1.08 22.58 10.39
C ILE D 183 -1.53 21.12 10.42
N GLY D 184 -2.55 20.79 9.64
CA GLY D 184 -2.99 19.40 9.59
C GLY D 184 -1.84 18.52 9.10
N VAL D 186 1.60 19.00 9.32
CA VAL D 186 2.67 18.76 10.28
C VAL D 186 2.13 17.87 11.40
N THR D 187 0.84 17.96 11.68
CA THR D 187 0.24 17.11 12.72
C THR D 187 0.31 15.65 12.24
N LEU D 188 -0.01 15.42 10.97
CA LEU D 188 0.07 14.09 10.38
C LEU D 188 1.50 13.56 10.48
N LEU D 189 2.48 14.40 10.12
CA LEU D 189 3.89 13.99 10.18
C LEU D 189 4.32 13.60 11.58
N VAL D 190 3.90 14.41 12.55
CA VAL D 190 4.25 14.15 13.96
C VAL D 190 3.55 12.89 14.48
N ALA D 191 2.26 12.73 14.16
CA ALA D 191 1.55 11.56 14.63
C ALA D 191 2.23 10.29 14.16
N LYS D 192 2.64 10.26 12.89
CA LYS D 192 3.31 9.08 12.36
C LYS D 192 4.68 8.86 13.00
N ALA D 193 5.43 9.94 13.21
CA ALA D 193 6.74 9.81 13.83
C ALA D 193 6.63 9.31 15.28
N GLY D 195 4.53 7.05 16.23
CA GLY D 195 4.10 5.66 16.25
C GLY D 195 2.63 5.37 15.96
N ALA D 196 1.88 6.36 15.49
CA ALA D 196 0.48 6.09 15.18
C ALA D 196 0.45 5.03 14.07
N ALA D 197 -0.42 4.03 14.21
CA ALA D 197 -0.55 2.93 13.23
C ALA D 197 -1.22 3.43 11.97
N GLN D 198 -2.23 4.27 12.14
CA GLN D 198 -2.96 4.79 11.01
C GLN D 198 -3.41 6.21 11.31
N VAL D 199 -3.27 7.07 10.31
CA VAL D 199 -3.73 8.45 10.42
C VAL D 199 -4.66 8.72 9.25
N VAL D 200 -5.88 9.16 9.57
CA VAL D 200 -6.89 9.49 8.58
C VAL D 200 -6.93 11.01 8.53
N VAL D 201 -6.92 11.58 7.33
CA VAL D 201 -6.96 13.02 7.18
C VAL D 201 -8.17 13.45 6.34
N THR D 202 -8.84 14.51 6.76
CA THR D 202 -10.01 15.02 6.04
C THR D 202 -9.74 16.44 5.57
N ASP D 203 -10.41 16.85 4.50
CA ASP D 203 -10.28 18.19 3.96
C ASP D 203 -11.30 18.39 2.84
N LEU D 204 -11.56 19.63 2.49
CA LEU D 204 -12.51 19.92 1.42
C LEU D 204 -11.82 19.76 0.06
N SER D 205 -10.50 19.90 0.07
CA SER D 205 -9.69 19.82 -1.14
C SER D 205 -9.03 18.50 -1.48
N ALA D 206 -9.34 17.98 -2.68
CA ALA D 206 -8.76 16.73 -3.13
C ALA D 206 -7.25 16.87 -3.33
N THR D 207 -6.83 18.05 -3.78
CA THR D 207 -5.42 18.33 -4.00
C THR D 207 -4.63 18.26 -2.70
N ARG D 208 -5.15 18.90 -1.65
CA ARG D 208 -4.46 18.86 -0.37
C ARG D 208 -4.41 17.43 0.17
N LEU D 209 -5.48 16.66 -0.06
CA LEU D 209 -5.51 15.29 0.43
C LEU D 209 -4.51 14.43 -0.33
N SER D 210 -4.34 14.72 -1.62
CA SER D 210 -3.39 13.98 -2.43
C SER D 210 -1.99 14.22 -1.86
N LYS D 211 -1.72 15.44 -1.45
CA LYS D 211 -0.43 15.80 -0.86
C LYS D 211 -0.27 15.05 0.49
N ALA D 212 -1.35 14.99 1.27
CA ALA D 212 -1.32 14.27 2.56
C ALA D 212 -0.90 12.82 2.32
N LYS D 213 -1.47 12.20 1.31
CA LYS D 213 -1.14 10.82 0.99
C LYS D 213 0.36 10.71 0.68
N GLU D 214 0.87 11.66 -0.09
CA GLU D 214 2.27 11.63 -0.46
C GLU D 214 3.21 11.63 0.74
N ILE D 215 2.86 12.38 1.79
CA ILE D 215 3.73 12.45 2.95
C ILE D 215 3.42 11.48 4.09
N GLY D 216 2.49 10.54 3.88
CA GLY D 216 2.22 9.59 4.93
C GLY D 216 0.81 9.27 5.39
N ALA D 217 -0.19 10.04 4.96
CA ALA D 217 -1.56 9.78 5.39
C ALA D 217 -1.93 8.36 4.94
N ASP D 218 -2.51 7.58 5.84
CA ASP D 218 -2.90 6.22 5.49
C ASP D 218 -4.24 6.19 4.78
N LEU D 219 -5.11 7.10 5.17
CA LEU D 219 -6.45 7.21 4.63
C LEU D 219 -6.83 8.68 4.55
N VAL D 220 -7.63 9.05 3.55
CA VAL D 220 -8.07 10.43 3.44
C VAL D 220 -9.55 10.43 3.09
N LEU D 221 -10.24 11.48 3.50
CA LEU D 221 -11.66 11.60 3.21
C LEU D 221 -11.95 13.00 2.74
N GLN D 222 -12.46 13.13 1.52
CA GLN D 222 -12.79 14.43 1.00
C GLN D 222 -14.17 14.79 1.52
N ILE D 223 -14.28 15.98 2.10
CA ILE D 223 -15.52 16.44 2.68
C ILE D 223 -16.29 17.37 1.74
N SER D 224 -17.59 17.12 1.63
CA SER D 224 -18.44 17.97 0.80
C SER D 224 -19.53 18.51 1.72
N LYS D 225 -20.74 17.96 1.63
CA LYS D 225 -21.82 18.45 2.48
C LYS D 225 -22.38 17.43 3.46
N GLU D 226 -21.60 16.39 3.78
CA GLU D 226 -22.08 15.37 4.71
C GLU D 226 -22.28 15.96 6.10
N SER D 227 -23.09 15.30 6.91
CA SER D 227 -23.32 15.77 8.27
C SER D 227 -22.17 15.28 9.16
N PRO D 228 -22.02 15.88 10.35
CA PRO D 228 -20.94 15.47 11.25
C PRO D 228 -21.08 13.99 11.62
N GLN D 229 -22.31 13.51 11.82
CA GLN D 229 -22.48 12.11 12.16
C GLN D 229 -22.04 11.23 10.98
N GLU D 230 -22.37 11.65 9.77
CA GLU D 230 -21.99 10.89 8.57
C GLU D 230 -20.48 10.82 8.44
N ILE D 231 -19.79 11.93 8.68
CA ILE D 231 -18.35 11.92 8.59
C ILE D 231 -17.77 10.97 9.63
N ALA D 232 -18.32 11.01 10.84
CA ALA D 232 -17.85 10.12 11.91
C ALA D 232 -18.03 8.68 11.47
N ARG D 233 -19.19 8.38 10.87
CA ARG D 233 -19.44 7.02 10.41
C ARG D 233 -18.44 6.59 9.33
N LYS D 234 -18.16 7.47 8.38
CA LYS D 234 -17.21 7.15 7.31
C LYS D 234 -15.80 6.88 7.84
N VAL D 235 -15.37 7.70 8.80
CA VAL D 235 -14.05 7.54 9.38
C VAL D 235 -13.96 6.18 10.06
N GLU D 236 -14.96 5.86 10.86
CA GLU D 236 -14.98 4.58 11.56
C GLU D 236 -15.04 3.44 10.54
N GLY D 237 -15.75 3.67 9.45
CA GLY D 237 -15.85 2.66 8.41
C GLY D 237 -14.49 2.41 7.78
N GLN D 238 -13.69 3.46 7.62
CA GLN D 238 -12.36 3.30 7.01
C GLN D 238 -11.39 2.59 7.95
N LEU D 239 -11.41 2.99 9.22
CA LEU D 239 -10.51 2.42 10.23
C LEU D 239 -10.94 1.07 10.78
N GLY D 240 -12.24 0.78 10.73
CA GLY D 240 -12.73 -0.46 11.29
C GLY D 240 -12.87 -0.28 12.80
N CYS D 241 -12.75 0.96 13.26
CA CYS D 241 -12.86 1.29 14.68
C CYS D 241 -12.85 2.81 14.82
N LYS D 242 -13.10 3.32 16.01
CA LYS D 242 -13.09 4.77 16.22
C LYS D 242 -11.67 5.19 16.58
N PRO D 243 -11.21 6.34 16.07
CA PRO D 243 -9.86 6.79 16.40
C PRO D 243 -9.76 7.21 17.87
N GLU D 244 -8.65 6.88 18.52
CA GLU D 244 -8.45 7.23 19.93
C GLU D 244 -8.21 8.73 20.10
N VAL D 245 -7.68 9.38 19.06
CA VAL D 245 -7.40 10.82 19.10
C VAL D 245 -7.83 11.52 17.82
N THR D 246 -8.43 12.69 17.97
CA THR D 246 -8.81 13.50 16.83
C THR D 246 -8.16 14.86 17.06
N ILE D 247 -7.49 15.37 16.03
CA ILE D 247 -6.84 16.66 16.12
C ILE D 247 -7.52 17.49 15.04
N GLU D 248 -8.30 18.46 15.53
CA GLU D 248 -9.10 19.35 14.71
C GLU D 248 -8.29 20.56 14.25
N CYS D 249 -7.96 20.59 12.97
CA CYS D 249 -7.16 21.69 12.43
C CYS D 249 -7.86 22.55 11.39
N THR D 250 -9.17 22.76 11.55
CA THR D 250 -9.91 23.59 10.59
C THR D 250 -10.61 24.75 11.29
N GLY D 251 -11.05 24.52 12.53
CA GLY D 251 -11.76 25.56 13.24
C GLY D 251 -13.24 25.61 12.86
N ALA D 252 -13.64 24.75 11.92
CA ALA D 252 -15.05 24.74 11.48
C ALA D 252 -15.95 23.95 12.44
N GLU D 253 -17.06 24.57 12.82
CA GLU D 253 -18.00 23.96 13.75
C GLU D 253 -18.42 22.53 13.38
N ALA D 254 -18.74 22.31 12.10
CA ALA D 254 -19.16 20.97 11.68
C ALA D 254 -18.05 19.94 11.89
N SER D 255 -16.81 20.37 11.71
CA SER D 255 -15.68 19.46 11.87
C SER D 255 -15.46 19.13 13.34
N ILE D 256 -15.64 20.13 14.21
CA ILE D 256 -15.53 19.90 15.66
C ILE D 256 -16.62 18.90 16.06
N GLN D 257 -17.84 19.12 15.56
CA GLN D 257 -18.93 18.19 15.88
C GLN D 257 -18.59 16.79 15.38
N ALA D 258 -18.00 16.71 14.19
CA ALA D 258 -17.63 15.40 13.64
C ALA D 258 -16.59 14.72 14.54
N GLY D 259 -15.64 15.50 15.05
CA GLY D 259 -14.63 14.94 15.91
C GLY D 259 -15.21 14.38 17.19
N ILE D 260 -16.26 15.03 17.69
CA ILE D 260 -16.91 14.55 18.91
C ILE D 260 -17.58 13.20 18.62
N TYR D 261 -18.31 13.12 17.52
CA TYR D 261 -18.98 11.86 17.16
C TYR D 261 -18.00 10.76 16.78
N ALA D 262 -16.85 11.12 16.22
CA ALA D 262 -15.89 10.12 15.76
C ALA D 262 -14.93 9.52 16.78
N THR D 263 -14.56 10.31 17.78
CA THR D 263 -13.58 9.84 18.77
C THR D 263 -14.04 8.74 19.70
N ARG D 264 -13.17 7.75 19.87
CA ARG D 264 -13.45 6.61 20.74
C ARG D 264 -13.67 7.07 22.18
N SER D 265 -14.59 6.42 22.89
CA SER D 265 -14.87 6.78 24.28
C SER D 265 -13.57 6.74 25.07
N GLY D 266 -13.38 7.72 25.94
CA GLY D 266 -12.17 7.78 26.73
C GLY D 266 -11.02 8.38 25.96
N GLY D 267 -11.27 8.73 24.69
CA GLY D 267 -10.23 9.32 23.86
C GLY D 267 -10.13 10.82 24.03
N THR D 268 -9.41 11.46 23.11
CA THR D 268 -9.20 12.89 23.18
C THR D 268 -9.38 13.64 21.85
N LEU D 269 -10.10 14.75 21.92
CA LEU D 269 -10.32 15.62 20.78
C LEU D 269 -9.50 16.90 21.06
N VAL D 270 -8.50 17.15 20.22
CA VAL D 270 -7.65 18.33 20.38
C VAL D 270 -8.10 19.44 19.42
N LEU D 271 -8.34 20.62 19.97
CA LEU D 271 -8.77 21.76 19.16
C LEU D 271 -7.63 22.70 18.87
N VAL D 272 -7.17 22.69 17.62
CA VAL D 272 -6.08 23.55 17.17
C VAL D 272 -6.68 24.70 16.35
N GLY D 273 -7.56 24.36 15.40
CA GLY D 273 -8.18 25.37 14.56
C GLY D 273 -8.99 26.42 15.30
N LEU D 274 -8.92 27.67 14.82
CA LEU D 274 -9.66 28.77 15.44
C LEU D 274 -11.01 29.00 14.78
N GLY D 275 -12.06 28.99 15.57
CA GLY D 275 -13.39 29.22 15.02
C GLY D 275 -13.98 30.50 15.55
N SER D 276 -15.31 30.56 15.60
CA SER D 276 -16.02 31.74 16.09
C SER D 276 -16.01 31.76 17.61
N GLU D 277 -16.44 32.89 18.18
CA GLU D 277 -16.48 33.07 19.62
C GLU D 277 -17.42 32.08 20.28
N THR D 279 -19.83 28.49 19.75
CA THR D 279 -19.92 27.29 18.94
C THR D 279 -21.00 26.40 19.51
N THR D 280 -21.77 25.76 18.63
CA THR D 280 -22.82 24.85 19.07
C THR D 280 -22.28 23.47 18.80
N VAL D 281 -22.20 22.66 19.84
CA VAL D 281 -21.65 21.31 19.72
C VAL D 281 -22.41 20.33 20.59
N PRO D 282 -22.27 19.02 20.28
CA PRO D 282 -22.93 17.99 21.07
C PRO D 282 -22.02 17.68 22.25
N LEU D 283 -21.87 18.65 23.15
CA LEU D 283 -21.03 18.51 24.34
C LEU D 283 -21.39 17.28 25.14
N LEU D 284 -22.68 17.06 25.33
CA LEU D 284 -23.17 15.92 26.09
C LEU D 284 -22.59 14.62 25.53
N HIS D 285 -22.59 14.48 24.20
CA HIS D 285 -22.09 13.27 23.57
C HIS D 285 -20.63 13.02 23.94
N ALA D 286 -19.83 14.08 24.01
CA ALA D 286 -18.43 13.95 24.35
C ALA D 286 -18.26 13.65 25.84
N ALA D 287 -18.85 14.49 26.67
CA ALA D 287 -18.75 14.38 28.12
C ALA D 287 -19.16 13.02 28.64
N ILE D 288 -20.31 12.54 28.18
CA ILE D 288 -20.83 11.26 28.64
C ILE D 288 -20.03 10.03 28.23
N ARG D 289 -19.13 10.18 27.25
CA ARG D 289 -18.28 9.06 26.81
C ARG D 289 -16.84 9.34 27.22
N GLU D 290 -16.66 10.35 28.06
CA GLU D 290 -15.35 10.78 28.54
C GLU D 290 -14.36 11.03 27.41
N VAL D 291 -14.85 11.68 26.35
CA VAL D 291 -13.98 12.08 25.25
C VAL D 291 -13.55 13.48 25.70
N ASP D 292 -12.29 13.64 26.06
CA ASP D 292 -11.81 14.94 26.53
C ASP D 292 -11.65 15.93 25.39
N ILE D 293 -11.93 17.19 25.68
CA ILE D 293 -11.79 18.23 24.67
C ILE D 293 -10.68 19.15 25.17
N LYS D 294 -9.54 19.11 24.51
CA LYS D 294 -8.39 19.91 24.94
C LYS D 294 -7.93 20.86 23.85
N GLY D 295 -7.76 22.12 24.25
CA GLY D 295 -7.31 23.12 23.32
C GLY D 295 -5.80 23.21 23.26
N VAL D 296 -5.32 23.94 22.27
CA VAL D 296 -3.91 24.14 22.06
C VAL D 296 -3.67 25.64 21.90
N PHE D 297 -2.64 26.15 22.57
CA PHE D 297 -2.29 27.55 22.40
C PHE D 297 -0.81 27.54 22.08
N ARG D 298 -0.54 27.47 20.78
CA ARG D 298 0.80 27.44 20.22
C ARG D 298 1.62 26.22 20.66
N TYR D 299 2.53 26.39 21.62
CA TYR D 299 3.38 25.27 22.01
C TYR D 299 4.33 25.68 23.15
N CYS D 300 4.96 24.68 23.74
CA CYS D 300 5.98 24.90 24.76
C CYS D 300 6.88 23.68 24.77
N ASN D 301 8.18 23.92 24.92
CA ASN D 301 9.18 22.86 25.01
C ASN D 301 9.21 21.93 23.80
N THR D 302 9.17 22.49 22.60
CA THR D 302 9.19 21.69 21.38
C THR D 302 10.44 21.86 20.49
N TRP D 303 11.19 22.96 20.66
CA TRP D 303 12.33 23.18 19.76
C TRP D 303 13.43 22.14 19.83
N PRO D 304 13.94 21.83 21.05
CA PRO D 304 14.99 20.82 21.10
C PRO D 304 14.55 19.48 20.51
N VAL D 305 13.31 19.08 20.76
CA VAL D 305 12.79 17.82 20.25
C VAL D 305 12.66 17.86 18.73
N ALA D 306 12.12 18.96 18.20
CA ALA D 306 11.98 19.10 16.76
C ALA D 306 13.38 19.02 16.12
N ILE D 307 14.35 19.70 16.72
CA ILE D 307 15.71 19.71 16.18
C ILE D 307 16.27 18.29 16.17
N SER D 308 16.03 17.53 17.23
CA SER D 308 16.51 16.16 17.29
C SER D 308 15.85 15.29 16.22
N LEU D 310 14.65 16.29 13.30
CA LEU D 310 15.17 16.70 12.00
C LEU D 310 16.61 16.21 11.81
N ALA D 311 17.43 16.34 12.85
CA ALA D 311 18.82 15.91 12.76
C ALA D 311 18.96 14.40 12.55
N SER D 312 18.03 13.64 13.11
CA SER D 312 18.10 12.18 12.98
C SER D 312 17.34 11.70 11.75
N LYS D 313 16.79 12.63 10.97
CA LYS D 313 16.03 12.29 9.78
C LYS D 313 14.78 11.44 10.13
N SER D 314 14.16 11.73 11.27
CA SER D 314 12.96 10.99 11.70
C SER D 314 11.70 11.56 11.09
N VAL D 315 11.79 12.78 10.58
CA VAL D 315 10.65 13.41 9.94
C VAL D 315 11.16 14.22 8.74
N ASN D 316 10.37 14.28 7.68
CA ASN D 316 10.78 15.02 6.50
C ASN D 316 9.77 16.09 6.20
N VAL D 317 10.11 17.33 6.55
CA VAL D 317 9.22 18.45 6.35
C VAL D 317 9.49 19.20 5.04
N LYS D 318 10.59 18.85 4.37
CA LYS D 318 10.92 19.54 3.13
C LYS D 318 9.83 19.59 2.07
N PRO D 319 9.09 18.47 1.86
CA PRO D 319 8.02 18.45 0.85
C PRO D 319 6.95 19.51 1.06
N LEU D 320 6.91 20.10 2.26
CA LEU D 320 5.91 21.12 2.55
C LEU D 320 6.21 22.45 1.87
N VAL D 321 7.49 22.68 1.53
CA VAL D 321 7.86 23.93 0.89
C VAL D 321 7.54 23.87 -0.61
N THR D 322 6.66 24.76 -1.07
CA THR D 322 6.28 24.78 -2.48
C THR D 322 6.84 25.97 -3.26
N HIS D 323 7.24 27.02 -2.55
N HIS D 323 7.28 27.00 -2.56
CA HIS D 323 7.80 28.22 -3.19
CA HIS D 323 7.85 28.17 -3.23
C HIS D 323 8.80 28.91 -2.27
C HIS D 323 8.78 28.93 -2.28
N ARG D 324 9.73 29.65 -2.86
CA ARG D 324 10.68 30.45 -2.08
C ARG D 324 10.94 31.74 -2.88
N PHE D 325 10.88 32.86 -2.17
CA PHE D 325 11.07 34.19 -2.76
C PHE D 325 12.03 35.00 -1.89
N PRO D 326 12.77 35.93 -2.52
CA PRO D 326 13.67 36.74 -1.70
C PRO D 326 12.77 37.71 -0.94
N LEU D 327 13.24 38.21 0.20
CA LEU D 327 12.46 39.14 1.00
C LEU D 327 11.84 40.27 0.17
N GLU D 328 12.62 40.79 -0.77
CA GLU D 328 12.16 41.89 -1.61
C GLU D 328 10.92 41.57 -2.45
N LYS D 329 10.64 40.29 -2.67
CA LYS D 329 9.44 39.91 -3.44
C LYS D 329 8.31 39.46 -2.51
N ALA D 330 8.34 39.95 -1.28
CA ALA D 330 7.32 39.60 -0.29
C ALA D 330 5.89 39.85 -0.77
N LEU D 331 5.66 40.98 -1.43
CA LEU D 331 4.31 41.25 -1.89
C LEU D 331 3.83 40.15 -2.83
N GLU D 332 4.69 39.73 -3.74
CA GLU D 332 4.33 38.67 -4.68
C GLU D 332 4.14 37.34 -3.96
N ALA D 333 4.92 37.12 -2.90
CA ALA D 333 4.83 35.88 -2.12
C ALA D 333 3.48 35.83 -1.39
N PHE D 334 3.05 36.96 -0.84
CA PHE D 334 1.77 37.01 -0.14
C PHE D 334 0.60 36.89 -1.11
N GLU D 335 0.75 37.40 -2.32
CA GLU D 335 -0.33 37.29 -3.30
C GLU D 335 -0.41 35.84 -3.77
N THR D 336 0.74 35.17 -3.78
CA THR D 336 0.79 33.77 -4.17
C THR D 336 0.10 32.94 -3.08
N PHE D 337 0.30 33.34 -1.83
CA PHE D 337 -0.32 32.64 -0.70
C PHE D 337 -1.83 32.69 -0.88
N LYS D 338 -2.35 33.89 -1.14
CA LYS D 338 -3.78 34.09 -1.33
C LYS D 338 -4.37 33.23 -2.45
N LYS D 339 -3.60 33.00 -3.51
CA LYS D 339 -4.09 32.20 -4.62
C LYS D 339 -4.40 30.79 -4.14
N GLY D 340 -4.09 30.53 -2.87
CA GLY D 340 -4.36 29.23 -2.28
C GLY D 340 -3.64 28.05 -2.91
N LEU D 341 -2.87 28.31 -3.96
CA LEU D 341 -2.16 27.22 -4.61
C LEU D 341 -0.80 27.10 -3.92
N GLY D 342 -0.35 25.87 -3.71
CA GLY D 342 0.91 25.67 -3.04
C GLY D 342 0.66 25.45 -1.56
N LEU D 343 1.73 25.34 -0.77
CA LEU D 343 1.56 25.11 0.66
C LEU D 343 2.43 26.08 1.44
N LYS D 344 3.62 25.66 1.84
CA LYS D 344 4.50 26.55 2.60
C LYS D 344 5.38 27.39 1.66
N ILE D 345 5.33 28.69 1.85
CA ILE D 345 6.11 29.63 1.07
C ILE D 345 7.17 30.25 1.98
N LEU D 347 10.38 32.96 2.59
CA LEU D 347 10.92 34.25 2.22
C LEU D 347 12.40 34.20 2.65
N LYS D 348 13.30 34.54 1.73
CA LYS D 348 14.75 34.50 1.96
C LYS D 348 15.30 35.90 2.21
N CYS D 349 15.65 36.16 3.46
CA CYS D 349 16.10 37.49 3.89
C CYS D 349 17.58 37.83 3.83
N ASP D 350 18.42 36.85 3.55
CA ASP D 350 19.87 37.04 3.51
C ASP D 350 20.38 37.04 2.07
N PRO D 351 20.73 38.21 1.54
CA PRO D 351 21.22 38.28 0.15
C PRO D 351 22.45 37.42 -0.12
N SER D 352 23.27 37.21 0.91
CA SER D 352 24.47 36.41 0.72
C SER D 352 24.18 34.91 0.63
N ASP D 353 22.98 34.49 1.02
CA ASP D 353 22.65 33.06 0.95
C ASP D 353 21.15 32.86 0.78
N GLN D 354 20.75 32.57 -0.45
CA GLN D 354 19.34 32.35 -0.82
C GLN D 354 18.97 30.87 -0.94
N ASN D 355 19.88 29.99 -0.55
CA ASN D 355 19.62 28.55 -0.63
C ASN D 355 18.79 28.05 0.55
N PRO D 356 18.24 26.83 0.44
CA PRO D 356 17.44 26.25 1.52
C PRO D 356 18.21 26.23 2.83
#